data_7P1V
#
_entry.id   7P1V
#
_cell.length_a   49.030
_cell.length_b   180.850
_cell.length_c   98.340
_cell.angle_alpha   90.000
_cell.angle_beta   103.770
_cell.angle_gamma   90.000
#
_symmetry.space_group_name_H-M   'P 1 21 1'
#
loop_
_entity.id
_entity.type
_entity.pdbx_description
1 polymer 'Extracellular sialidase/neuraminidase'
2 non-polymer GLYCEROL
3 non-polymer 'CALCIUM ION'
4 water water
#
_entity_poly.entity_id   1
_entity_poly.type   'polypeptide(L)'
_entity_poly.pdbx_seq_one_letter_code
;MGFKQWLLSLAVVAFSATATQARVDDPAGKAAQYHKEYALFRSANMPSPDKLATGVGFHSFRIPAVVRTNTGRILAFAEG
RRHNNRDYGDINLVYKRTKSPTNNGENPTDWESLREVVGTGPHTWGNPTPVVDGNTIYLFLSMNDGAYSQNGGNTLPDGT
KTKKIDSTWVGRRHLYLTTSTDDGDTWTKPVDMTKTLTPDGQAWDAVGPGNGIKLSTGELVIPAQGRNIIGRGPSGNRTW
SMQILKGAGSEGTICQTPDGKLMRNDRPGPMGHRSVARGTLAGLGPFATDNGLPDPACQGSILSYNSDEPARTIFMNSAS
TDRRTAMRVRISYDKDAAKFNFGRELKDAPLGNVGNEGGYSSMTKTSDYKIGALVESDWYEDKGGEKSHRCIIWRRFNLS
WIINGPNN
;
_entity_poly.pdbx_strand_id   A,B,C,D
#
loop_
_chem_comp.id
_chem_comp.type
_chem_comp.name
_chem_comp.formula
CA non-polymer 'CALCIUM ION' 'Ca 2'
GOL non-polymer GLYCEROL 'C3 H8 O3'
#
# COMPACT_ATOMS: atom_id res chain seq x y z
N ASP A 25 33.40 -18.52 -3.46
CA ASP A 25 32.53 -18.31 -4.66
C ASP A 25 31.88 -16.93 -4.64
N ASP A 26 31.72 -16.34 -5.82
CA ASP A 26 31.02 -15.05 -5.98
C ASP A 26 29.51 -15.29 -5.91
N PRO A 27 28.84 -14.74 -4.88
CA PRO A 27 27.40 -15.01 -4.74
C PRO A 27 26.54 -14.56 -5.92
N ALA A 28 27.00 -13.58 -6.70
CA ALA A 28 26.26 -13.13 -7.88
C ALA A 28 26.18 -14.21 -8.98
N GLY A 29 27.11 -15.16 -8.96
CA GLY A 29 27.10 -16.27 -9.91
C GLY A 29 25.99 -17.28 -9.77
N LYS A 30 25.26 -17.26 -8.67
CA LYS A 30 24.15 -18.20 -8.46
C LYS A 30 22.83 -17.71 -9.11
N ALA A 31 22.84 -16.44 -9.49
CA ALA A 31 21.65 -15.87 -10.13
C ALA A 31 21.50 -16.40 -11.54
N ALA A 32 20.28 -16.31 -12.06
CA ALA A 32 20.01 -16.62 -13.46
C ALA A 32 20.79 -15.64 -14.35
N GLN A 33 21.39 -16.17 -15.42
CA GLN A 33 22.14 -15.35 -16.36
C GLN A 33 21.18 -14.45 -17.11
N TYR A 34 21.65 -13.22 -17.36
CA TYR A 34 20.91 -12.25 -18.14
C TYR A 34 21.83 -11.60 -19.18
N HIS A 35 21.36 -11.57 -20.43
CA HIS A 35 21.99 -10.77 -21.47
C HIS A 35 20.91 -10.36 -22.49
N LYS A 36 21.12 -9.13 -23.00
CA LYS A 36 20.29 -8.60 -24.05
C LYS A 36 21.12 -7.63 -24.86
N GLU A 37 20.89 -7.60 -26.17
CA GLU A 37 21.75 -6.80 -27.05
C GLU A 37 21.00 -6.37 -28.31
N TYR A 38 21.26 -5.14 -28.73
CA TYR A 38 20.71 -4.58 -29.95
C TYR A 38 21.50 -3.34 -30.40
N ALA A 39 21.38 -2.98 -31.67
CA ALA A 39 22.05 -1.80 -32.18
C ALA A 39 21.42 -0.54 -31.59
N LEU A 40 22.26 0.35 -31.08
CA LEU A 40 21.77 1.63 -30.56
C LEU A 40 22.07 2.81 -31.48
N PHE A 41 23.21 2.79 -32.19
CA PHE A 41 23.53 3.82 -33.15
C PHE A 41 23.66 3.10 -34.48
N ARG A 42 22.67 3.33 -35.33
CA ARG A 42 22.48 2.59 -36.58
C ARG A 42 23.01 3.42 -37.75
N SER A 43 24.04 2.91 -38.42
CA SER A 43 24.68 3.60 -39.53
C SER A 43 23.76 3.78 -40.74
N ALA A 44 24.17 4.66 -41.64
CA ALA A 44 23.34 5.12 -42.77
C ALA A 44 22.87 3.98 -43.68
N ASN A 45 23.63 2.88 -43.69
CA ASN A 45 23.30 1.73 -44.54
C ASN A 45 22.23 0.79 -43.95
N MET A 46 21.86 1.02 -42.70
CA MET A 46 21.00 0.12 -41.98
C MET A 46 19.56 0.63 -42.08
N PRO A 47 18.57 -0.27 -41.96
CA PRO A 47 17.20 0.19 -41.86
C PRO A 47 17.06 1.12 -40.64
N SER A 48 16.18 2.11 -40.74
CA SER A 48 15.93 3.04 -39.63
C SER A 48 17.24 3.61 -39.11
N PRO A 49 18.02 4.24 -40.00
CA PRO A 49 19.30 4.78 -39.59
C PRO A 49 19.08 5.95 -38.64
N ASP A 50 20.06 6.17 -37.76
CA ASP A 50 19.95 7.30 -36.82
C ASP A 50 20.29 8.63 -37.50
N LYS A 51 19.36 9.58 -37.40
CA LYS A 51 19.51 10.90 -37.97
C LYS A 51 19.08 11.92 -36.92
N LEU A 52 19.62 13.12 -37.02
CA LEU A 52 19.20 14.25 -36.19
C LEU A 52 17.87 14.77 -36.71
N ALA A 53 17.16 15.52 -35.87
CA ALA A 53 15.88 16.12 -36.27
C ALA A 53 16.00 17.09 -37.45
N THR A 54 17.21 17.61 -37.69
CA THR A 54 17.47 18.46 -38.83
C THR A 54 17.53 17.66 -40.16
N GLY A 55 17.54 16.34 -40.08
CA GLY A 55 17.69 15.50 -41.27
C GLY A 55 19.12 15.09 -41.54
N VAL A 56 20.08 15.60 -40.75
CA VAL A 56 21.47 15.18 -40.88
C VAL A 56 21.63 13.75 -40.42
N GLY A 57 22.13 12.90 -41.32
CA GLY A 57 22.44 11.51 -41.02
C GLY A 57 23.94 11.32 -40.98
N PHE A 58 24.33 10.08 -40.70
CA PHE A 58 25.73 9.76 -40.51
C PHE A 58 26.09 8.44 -41.16
N HIS A 59 27.16 8.48 -41.94
CA HIS A 59 27.73 7.27 -42.53
C HIS A 59 28.03 6.25 -41.44
N SER A 60 28.73 6.70 -40.39
CA SER A 60 29.22 5.81 -39.37
C SER A 60 29.09 6.45 -38.00
N PHE A 61 28.98 5.61 -37.00
CA PHE A 61 29.08 6.00 -35.60
C PHE A 61 30.24 5.20 -35.00
N ARG A 62 31.11 5.92 -34.29
CA ARG A 62 32.24 5.32 -33.63
C ARG A 62 32.44 6.03 -32.32
N ILE A 63 33.31 5.44 -31.52
CA ILE A 63 33.88 6.13 -30.33
C ILE A 63 32.83 6.30 -29.24
N PRO A 64 32.35 5.18 -28.67
CA PRO A 64 31.25 5.27 -27.72
C PRO A 64 31.70 5.75 -26.35
N ALA A 65 30.78 6.34 -25.62
CA ALA A 65 30.92 6.63 -24.20
C ALA A 65 29.57 6.54 -23.54
N VAL A 66 29.51 5.95 -22.36
CA VAL A 66 28.20 5.79 -21.68
C VAL A 66 28.36 6.07 -20.19
N VAL A 67 27.37 6.74 -19.61
CA VAL A 67 27.30 6.92 -18.16
C VAL A 67 25.86 6.86 -17.66
N ARG A 68 25.71 6.38 -16.44
CA ARG A 68 24.44 6.47 -15.71
C ARG A 68 24.47 7.72 -14.84
N THR A 69 23.45 8.56 -14.98
CA THR A 69 23.31 9.76 -14.15
C THR A 69 22.72 9.38 -12.80
N ASN A 70 22.76 10.33 -11.88
CA ASN A 70 22.25 10.08 -10.54
C ASN A 70 20.74 9.96 -10.47
N THR A 71 20.03 10.23 -11.57
CA THR A 71 18.60 9.91 -11.67
C THR A 71 18.34 8.46 -12.08
N GLY A 72 19.35 7.81 -12.65
CA GLY A 72 19.20 6.49 -13.24
C GLY A 72 19.14 6.55 -14.75
N ARG A 73 19.00 7.76 -15.32
CA ARG A 73 18.96 7.92 -16.77
C ARG A 73 20.32 7.55 -17.34
N ILE A 74 20.33 6.93 -18.51
CA ILE A 74 21.59 6.58 -19.16
C ILE A 74 21.82 7.52 -20.33
N LEU A 75 23.06 8.01 -20.46
CA LEU A 75 23.48 8.89 -21.52
C LEU A 75 24.52 8.14 -22.33
N ALA A 76 24.24 7.98 -23.63
CA ALA A 76 25.15 7.31 -24.56
C ALA A 76 25.62 8.31 -25.61
N PHE A 77 26.93 8.44 -25.73
CA PHE A 77 27.56 9.39 -26.62
C PHE A 77 28.30 8.63 -27.72
N ALA A 78 28.45 9.29 -28.85
CA ALA A 78 29.25 8.76 -29.93
C ALA A 78 29.71 9.87 -30.86
N GLU A 79 30.69 9.55 -31.71
CA GLU A 79 31.02 10.38 -32.85
C GLU A 79 30.13 9.98 -34.03
N GLY A 80 29.43 10.97 -34.57
CA GLY A 80 28.69 10.79 -35.82
C GLY A 80 29.60 11.28 -36.93
N ARG A 81 30.08 10.31 -37.72
CA ARG A 81 31.01 10.61 -38.78
C ARG A 81 30.18 10.70 -40.06
N ARG A 82 30.08 11.91 -40.59
CA ARG A 82 29.07 12.22 -41.59
C ARG A 82 29.24 11.48 -42.91
N HIS A 83 30.44 11.50 -43.46
CA HIS A 83 30.62 11.09 -44.87
C HIS A 83 31.34 9.80 -45.12
N ASN A 84 32.07 9.33 -44.13
CA ASN A 84 32.86 8.11 -44.21
C ASN A 84 33.31 7.77 -42.80
N ASN A 85 34.11 6.73 -42.63
CA ASN A 85 34.47 6.29 -41.29
C ASN A 85 35.76 6.89 -40.73
N ARG A 86 36.35 7.84 -41.40
CA ARG A 86 37.66 8.38 -41.01
C ARG A 86 37.57 9.25 -39.76
N ASP A 87 38.70 9.39 -39.08
CA ASP A 87 38.81 10.10 -37.82
C ASP A 87 38.80 11.62 -37.98
N TYR A 88 38.93 12.10 -39.22
CA TYR A 88 39.02 13.51 -39.56
C TYR A 88 37.82 13.91 -40.42
N GLY A 89 37.72 15.20 -40.70
CA GLY A 89 36.60 15.74 -41.43
C GLY A 89 35.43 16.09 -40.57
N ASP A 90 34.26 16.15 -41.20
CA ASP A 90 33.03 16.69 -40.56
C ASP A 90 32.45 15.60 -39.65
N ILE A 91 32.64 15.74 -38.35
CA ILE A 91 32.28 14.75 -37.37
C ILE A 91 31.65 15.49 -36.22
N ASN A 92 30.48 15.00 -35.79
CA ASN A 92 29.68 15.64 -34.72
C ASN A 92 29.63 14.74 -33.51
N LEU A 93 29.57 15.36 -32.33
CA LEU A 93 29.46 14.59 -31.12
C LEU A 93 27.95 14.48 -30.84
N VAL A 94 27.45 13.27 -30.89
CA VAL A 94 26.01 13.01 -30.79
C VAL A 94 25.70 12.15 -29.57
N TYR A 95 24.40 12.06 -29.23
CA TYR A 95 24.04 11.28 -28.06
C TYR A 95 22.58 10.85 -28.09
N LYS A 96 22.31 9.86 -27.28
CA LYS A 96 20.94 9.46 -26.92
C LYS A 96 20.84 9.34 -25.41
N ARG A 97 19.64 9.58 -24.89
CA ARG A 97 19.35 9.27 -23.49
C ARG A 97 18.23 8.28 -23.42
N THR A 98 18.16 7.54 -22.32
CA THR A 98 16.95 6.77 -22.07
C THR A 98 15.79 7.74 -21.83
N LYS A 99 14.61 7.36 -22.28
CA LYS A 99 13.42 8.22 -22.24
C LYS A 99 13.04 8.57 -20.82
N SER A 100 13.24 7.62 -19.89
CA SER A 100 12.96 7.87 -18.49
C SER A 100 14.20 7.50 -17.66
N PRO A 101 14.30 8.02 -16.43
CA PRO A 101 15.34 7.63 -15.51
C PRO A 101 15.24 6.19 -15.03
N THR A 102 14.09 5.55 -15.21
CA THR A 102 13.83 4.25 -14.61
C THR A 102 13.88 3.05 -15.57
N ASN A 103 13.98 3.27 -16.89
CA ASN A 103 13.85 2.15 -17.80
C ASN A 103 15.12 1.34 -18.04
N ASN A 104 16.26 1.88 -17.63
CA ASN A 104 17.54 1.16 -17.65
C ASN A 104 18.01 0.71 -19.05
N GLY A 105 17.46 1.33 -20.09
CA GLY A 105 17.81 1.00 -21.46
C GLY A 105 17.49 -0.42 -21.83
N GLU A 106 16.40 -0.96 -21.28
CA GLU A 106 16.09 -2.38 -21.47
C GLU A 106 15.83 -2.74 -22.93
N ASN A 107 14.99 -1.95 -23.60
CA ASN A 107 14.56 -2.25 -24.96
C ASN A 107 14.86 -1.07 -25.91
N PRO A 108 14.92 -1.33 -27.22
CA PRO A 108 15.17 -0.21 -28.16
C PRO A 108 14.24 1.00 -28.01
N THR A 109 12.96 0.75 -27.76
CA THR A 109 12.00 1.83 -27.62
C THR A 109 12.13 2.62 -26.29
N ASP A 110 13.06 2.19 -25.44
CA ASP A 110 13.35 2.92 -24.20
C ASP A 110 14.30 4.10 -24.40
N TRP A 111 14.82 4.28 -25.62
CA TRP A 111 15.78 5.31 -25.93
C TRP A 111 15.18 6.42 -26.77
N GLU A 112 15.53 7.65 -26.46
CA GLU A 112 15.18 8.81 -27.25
C GLU A 112 15.85 8.74 -28.60
N SER A 113 15.36 9.56 -29.53
CA SER A 113 15.99 9.72 -30.81
C SER A 113 17.31 10.52 -30.69
N LEU A 114 18.11 10.40 -31.73
CA LEU A 114 19.43 10.98 -31.74
C LEU A 114 19.41 12.50 -31.55
N ARG A 115 20.32 13.00 -30.70
CA ARG A 115 20.55 14.41 -30.54
C ARG A 115 22.02 14.74 -30.69
N GLU A 116 22.32 16.03 -30.76
CA GLU A 116 23.70 16.53 -30.96
C GLU A 116 24.17 17.34 -29.77
N VAL A 117 25.37 17.02 -29.27
CA VAL A 117 26.01 17.90 -28.26
C VAL A 117 26.67 19.09 -28.96
N VAL A 118 27.51 18.80 -29.96
CA VAL A 118 28.15 19.84 -30.75
C VAL A 118 28.50 19.28 -32.12
N GLY A 119 28.27 20.10 -33.13
CA GLY A 119 28.59 19.76 -34.52
C GLY A 119 28.98 20.91 -35.40
N THR A 120 29.33 22.04 -34.78
CA THR A 120 29.45 23.27 -35.56
C THR A 120 30.60 23.18 -36.58
N GLY A 121 30.31 23.73 -37.75
CA GLY A 121 31.28 23.84 -38.81
C GLY A 121 31.58 22.52 -39.48
N PRO A 122 32.63 22.51 -40.31
CA PRO A 122 33.11 21.29 -40.97
C PRO A 122 34.13 20.55 -40.11
N HIS A 123 34.20 20.93 -38.84
CA HIS A 123 35.26 20.48 -37.95
C HIS A 123 34.98 19.09 -37.38
N THR A 124 36.04 18.51 -36.79
CA THR A 124 35.96 17.25 -36.07
C THR A 124 35.67 17.52 -34.59
N TRP A 125 34.57 16.98 -34.07
CA TRP A 125 34.24 17.03 -32.65
C TRP A 125 34.08 15.60 -32.18
N GLY A 126 34.82 15.19 -31.16
CA GLY A 126 34.79 13.80 -30.77
C GLY A 126 35.49 13.42 -29.51
N ASN A 127 35.94 12.17 -29.40
CA ASN A 127 36.54 11.62 -28.17
C ASN A 127 35.68 11.92 -26.93
N PRO A 128 34.37 11.58 -26.98
CA PRO A 128 33.58 11.86 -25.78
C PRO A 128 34.13 11.15 -24.52
N THR A 129 34.30 11.94 -23.45
CA THR A 129 34.81 11.44 -22.20
C THR A 129 34.04 12.08 -21.05
N PRO A 130 32.91 11.45 -20.69
CA PRO A 130 32.04 12.03 -19.67
C PRO A 130 32.37 11.59 -18.26
N VAL A 131 32.00 12.41 -17.28
CA VAL A 131 31.97 11.98 -15.90
C VAL A 131 30.80 12.64 -15.16
N VAL A 132 30.12 11.86 -14.33
CA VAL A 132 28.97 12.34 -13.56
C VAL A 132 29.48 12.88 -12.20
N ASP A 133 29.04 14.09 -11.89
CA ASP A 133 29.40 14.76 -10.63
C ASP A 133 28.16 15.30 -9.96
N GLY A 134 27.52 14.47 -9.13
CA GLY A 134 26.26 14.87 -8.47
C GLY A 134 25.21 15.16 -9.53
N ASN A 135 24.72 16.39 -9.59
CA ASN A 135 23.69 16.79 -10.56
C ASN A 135 24.25 17.45 -11.81
N THR A 136 25.57 17.39 -12.00
CA THR A 136 26.22 17.93 -13.19
C THR A 136 26.89 16.78 -13.92
N ILE A 137 26.69 16.72 -15.23
CA ILE A 137 27.49 15.81 -16.06
C ILE A 137 28.49 16.66 -16.83
N TYR A 138 29.78 16.33 -16.67
CA TYR A 138 30.81 16.96 -17.43
C TYR A 138 31.16 16.07 -18.63
N LEU A 139 31.36 16.70 -19.77
CA LEU A 139 31.76 15.97 -20.98
C LEU A 139 32.95 16.65 -21.58
N PHE A 140 34.10 15.98 -21.49
CA PHE A 140 35.28 16.42 -22.20
C PHE A 140 35.27 15.83 -23.60
N LEU A 141 35.86 16.57 -24.51
CA LEU A 141 35.91 16.15 -25.90
C LEU A 141 37.12 16.77 -26.59
N SER A 142 37.53 16.14 -27.69
CA SER A 142 38.59 16.66 -28.53
C SER A 142 38.00 17.30 -29.77
N MET A 143 38.76 18.22 -30.35
CA MET A 143 38.36 18.90 -31.56
C MET A 143 39.57 19.19 -32.45
N ASN A 144 39.38 19.11 -33.75
CA ASN A 144 40.31 19.74 -34.67
C ASN A 144 39.58 20.45 -35.79
N ASP A 145 40.24 21.45 -36.33
CA ASP A 145 39.79 22.16 -37.51
C ASP A 145 39.60 21.16 -38.65
N GLY A 146 38.52 21.35 -39.41
CA GLY A 146 38.14 20.47 -40.50
C GLY A 146 39.16 20.33 -41.62
N ALA A 147 40.11 21.26 -41.71
CA ALA A 147 41.15 21.20 -42.76
C ALA A 147 42.37 20.38 -42.39
N TYR A 148 42.36 19.79 -41.20
CA TYR A 148 43.54 19.08 -40.65
C TYR A 148 43.24 17.64 -40.29
N SER A 149 44.25 16.79 -40.40
CA SER A 149 44.16 15.42 -39.92
C SER A 149 45.46 14.97 -39.26
N GLN A 150 45.36 13.89 -38.51
CA GLN A 150 46.52 13.35 -37.75
C GLN A 150 47.73 13.19 -38.65
N ASN A 151 47.55 12.57 -39.80
CA ASN A 151 48.70 12.32 -40.71
C ASN A 151 48.92 13.39 -41.76
N GLY A 152 47.87 14.12 -42.10
CA GLY A 152 47.91 15.05 -43.21
C GLY A 152 47.84 14.30 -44.55
N GLY A 153 47.59 15.04 -45.62
CA GLY A 153 47.53 14.47 -46.97
C GLY A 153 46.29 13.65 -47.30
N ASN A 154 45.27 13.72 -46.46
CA ASN A 154 44.06 12.89 -46.64
C ASN A 154 43.04 13.66 -47.46
N THR A 155 42.29 12.96 -48.31
CA THR A 155 41.33 13.62 -49.18
C THR A 155 40.00 13.76 -48.46
N LEU A 156 39.46 14.98 -48.48
CA LEU A 156 38.13 15.26 -47.94
C LEU A 156 37.09 15.18 -49.05
N PRO A 157 35.81 15.12 -48.66
CA PRO A 157 34.75 14.97 -49.68
C PRO A 157 34.74 16.01 -50.80
N ASP A 158 35.19 17.23 -50.51
CA ASP A 158 35.24 18.29 -51.54
C ASP A 158 36.50 18.23 -52.40
N GLY A 159 37.34 17.24 -52.17
CA GLY A 159 38.53 17.04 -52.99
C GLY A 159 39.79 17.68 -52.44
N THR A 160 39.64 18.48 -51.39
CA THR A 160 40.79 19.15 -50.77
C THR A 160 41.59 18.15 -49.95
N LYS A 161 42.87 18.47 -49.73
CA LYS A 161 43.74 17.57 -48.97
C LYS A 161 43.99 18.18 -47.62
N THR A 162 43.94 17.36 -46.58
CA THR A 162 44.17 17.88 -45.23
C THR A 162 45.62 18.29 -45.03
N LYS A 163 45.80 19.27 -44.14
CA LYS A 163 47.10 19.57 -43.58
C LYS A 163 47.34 18.69 -42.36
N LYS A 164 48.60 18.45 -42.05
CA LYS A 164 48.94 17.64 -40.87
C LYS A 164 48.73 18.46 -39.60
N ILE A 165 48.08 17.85 -38.62
CA ILE A 165 47.89 18.46 -37.32
C ILE A 165 49.27 18.88 -36.80
N ASP A 166 49.36 20.12 -36.35
CA ASP A 166 50.63 20.73 -35.95
C ASP A 166 50.45 21.51 -34.64
N SER A 167 51.44 22.32 -34.26
CA SER A 167 51.41 22.97 -32.97
C SER A 167 50.81 24.38 -33.00
N THR A 168 50.38 24.84 -34.17
CA THR A 168 49.75 26.15 -34.29
C THR A 168 48.38 26.10 -33.60
N TRP A 169 47.85 27.27 -33.27
CA TRP A 169 46.52 27.32 -32.62
C TRP A 169 45.43 26.75 -33.53
N VAL A 170 45.43 27.15 -34.80
CA VAL A 170 44.43 26.65 -35.75
C VAL A 170 44.63 25.16 -36.06
N GLY A 171 45.89 24.71 -36.10
CA GLY A 171 46.21 23.35 -36.57
C GLY A 171 46.37 22.27 -35.54
N ARG A 172 46.29 22.61 -34.25
CA ARG A 172 46.44 21.62 -33.20
C ARG A 172 45.10 21.00 -32.78
N ARG A 173 45.19 19.89 -32.06
CA ARG A 173 44.02 19.30 -31.41
C ARG A 173 43.66 20.07 -30.15
N HIS A 174 42.38 20.43 -30.05
CA HIS A 174 41.88 21.19 -28.92
C HIS A 174 41.17 20.29 -27.94
N LEU A 175 41.00 20.78 -26.71
CA LEU A 175 40.30 20.07 -25.66
C LEU A 175 39.17 20.99 -25.21
N TYR A 176 37.94 20.50 -25.30
CA TYR A 176 36.79 21.26 -24.91
C TYR A 176 36.05 20.56 -23.77
N LEU A 177 35.26 21.36 -23.05
CA LEU A 177 34.44 20.90 -21.95
C LEU A 177 33.03 21.46 -22.12
N THR A 178 32.03 20.59 -22.04
CA THR A 178 30.64 21.03 -21.99
C THR A 178 29.99 20.36 -20.79
N THR A 179 28.91 20.96 -20.29
CA THR A 179 28.30 20.48 -19.08
C THR A 179 26.79 20.45 -19.24
N SER A 180 26.15 19.57 -18.50
CA SER A 180 24.71 19.54 -18.39
C SER A 180 24.31 19.51 -16.93
N THR A 181 23.31 20.32 -16.58
CA THR A 181 22.73 20.30 -15.24
C THR A 181 21.25 19.90 -15.27
N ASP A 182 20.80 19.38 -16.41
CA ASP A 182 19.40 18.94 -16.56
C ASP A 182 19.34 17.50 -17.10
N ASP A 183 20.20 16.64 -16.53
CA ASP A 183 20.18 15.22 -16.77
C ASP A 183 20.48 14.91 -18.23
N GLY A 184 21.31 15.74 -18.87
CA GLY A 184 21.72 15.51 -20.27
C GLY A 184 20.75 16.07 -21.30
N ASP A 185 19.70 16.75 -20.89
CA ASP A 185 18.72 17.24 -21.84
C ASP A 185 19.32 18.34 -22.73
N THR A 186 20.06 19.26 -22.13
CA THR A 186 20.76 20.31 -22.86
C THR A 186 22.20 20.44 -22.33
N TRP A 187 23.04 21.03 -23.16
CA TRP A 187 24.50 21.12 -22.95
C TRP A 187 24.95 22.56 -23.16
N THR A 188 25.87 23.03 -22.33
CA THR A 188 26.43 24.35 -22.50
C THR A 188 27.28 24.39 -23.76
N LYS A 189 27.40 25.58 -24.34
CA LYS A 189 28.30 25.81 -25.45
C LYS A 189 29.71 25.33 -25.01
N PRO A 190 30.30 24.43 -25.80
CA PRO A 190 31.61 23.92 -25.35
C PRO A 190 32.66 25.01 -25.14
N VAL A 191 33.39 24.89 -24.04
CA VAL A 191 34.42 25.85 -23.68
C VAL A 191 35.80 25.24 -24.03
N ASP A 192 36.58 25.97 -24.80
CA ASP A 192 37.93 25.56 -25.17
C ASP A 192 38.88 25.69 -23.98
N MET A 193 39.38 24.54 -23.51
CA MET A 193 40.28 24.53 -22.37
C MET A 193 41.70 24.15 -22.73
N THR A 194 42.03 24.20 -24.03
CA THR A 194 43.32 23.76 -24.50
C THR A 194 44.47 24.49 -23.80
N LYS A 195 44.32 25.80 -23.59
CA LYS A 195 45.43 26.61 -23.08
C LYS A 195 45.79 26.26 -21.64
N THR A 196 44.85 25.70 -20.89
CA THR A 196 45.12 25.29 -19.51
C THR A 196 45.18 23.79 -19.28
N LEU A 197 44.55 22.97 -20.15
CA LEU A 197 44.47 21.53 -19.88
C LEU A 197 45.19 20.65 -20.90
N THR A 198 45.88 21.28 -21.83
CA THR A 198 46.80 20.58 -22.73
C THR A 198 48.17 21.23 -22.67
N PRO A 199 49.23 20.41 -22.67
CA PRO A 199 50.57 21.03 -22.62
C PRO A 199 50.83 21.97 -23.80
N ASP A 200 51.47 23.10 -23.52
CA ASP A 200 51.84 24.05 -24.55
C ASP A 200 52.76 23.34 -25.56
N GLY A 201 52.58 23.66 -26.83
CA GLY A 201 53.45 23.14 -27.88
C GLY A 201 52.99 21.83 -28.47
N GLN A 202 51.99 21.19 -27.84
CA GLN A 202 51.54 19.88 -28.27
C GLN A 202 50.72 20.05 -29.55
N ALA A 203 50.81 19.03 -30.42
CA ALA A 203 50.11 19.05 -31.69
C ALA A 203 48.90 18.10 -31.61
N TRP A 204 49.11 16.81 -31.87
CA TRP A 204 48.04 15.82 -31.71
C TRP A 204 47.67 15.71 -30.23
N ASP A 205 46.42 15.38 -29.95
CA ASP A 205 45.96 15.13 -28.59
C ASP A 205 44.73 14.25 -28.62
N ALA A 206 44.41 13.68 -27.45
CA ALA A 206 43.18 12.95 -27.26
C ALA A 206 42.79 13.04 -25.81
N VAL A 207 41.49 13.03 -25.55
CA VAL A 207 40.96 12.81 -24.23
C VAL A 207 40.20 11.47 -24.28
N GLY A 208 40.29 10.67 -23.22
CA GLY A 208 39.64 9.34 -23.19
C GLY A 208 40.02 8.58 -24.46
N PRO A 209 39.05 8.07 -25.23
CA PRO A 209 37.63 8.23 -25.04
C PRO A 209 37.02 7.17 -24.14
N GLY A 210 35.87 7.49 -23.54
CA GLY A 210 35.17 6.54 -22.73
C GLY A 210 34.50 7.15 -21.54
N ASN A 211 35.28 7.36 -20.48
CA ASN A 211 34.76 7.95 -19.26
C ASN A 211 35.86 8.36 -18.31
N GLY A 212 35.50 9.36 -17.50
CA GLY A 212 36.24 9.70 -16.28
C GLY A 212 35.55 9.11 -15.06
N ILE A 213 36.09 9.40 -13.87
CA ILE A 213 35.58 8.85 -12.64
C ILE A 213 35.56 9.94 -11.56
N LYS A 214 34.75 9.66 -10.57
CA LYS A 214 34.72 10.43 -9.34
C LYS A 214 35.28 9.53 -8.25
N LEU A 215 36.30 10.05 -7.54
CA LEU A 215 36.94 9.29 -6.50
C LEU A 215 36.10 9.24 -5.23
N SER A 216 36.40 8.26 -4.40
CA SER A 216 35.86 8.13 -3.07
C SER A 216 36.02 9.45 -2.27
N THR A 217 37.14 10.13 -2.48
CA THR A 217 37.41 11.44 -1.82
C THR A 217 36.77 12.65 -2.54
N GLY A 218 36.12 12.41 -3.69
CA GLY A 218 35.30 13.42 -4.35
C GLY A 218 35.92 14.14 -5.54
N GLU A 219 37.23 13.96 -5.76
CA GLU A 219 37.88 14.57 -6.93
C GLU A 219 37.44 13.84 -8.20
N LEU A 220 37.48 14.54 -9.32
CA LEU A 220 37.17 13.94 -10.63
C LEU A 220 38.49 13.68 -11.36
N VAL A 221 38.58 12.53 -12.02
CA VAL A 221 39.76 12.21 -12.81
C VAL A 221 39.35 11.77 -14.22
N ILE A 222 39.90 12.47 -15.20
CA ILE A 222 39.63 12.24 -16.61
C ILE A 222 40.96 11.82 -17.25
N PRO A 223 40.97 10.67 -17.96
CA PRO A 223 42.18 10.22 -18.64
C PRO A 223 42.35 10.93 -19.97
N ALA A 224 43.59 11.30 -20.29
CA ALA A 224 43.91 11.94 -21.56
C ALA A 224 45.29 11.50 -22.02
N GLN A 225 45.67 11.94 -23.21
CA GLN A 225 46.99 11.58 -23.75
C GLN A 225 48.08 12.15 -22.85
N GLY A 226 48.93 11.25 -22.34
CA GLY A 226 50.11 11.63 -21.57
C GLY A 226 49.84 12.29 -20.22
N ARG A 227 48.59 12.26 -19.75
CA ARG A 227 48.22 13.03 -18.56
C ARG A 227 46.84 12.64 -18.03
N ASN A 228 46.61 12.92 -16.76
CA ASN A 228 45.26 12.94 -16.23
C ASN A 228 44.84 14.40 -16.10
N ILE A 229 43.53 14.62 -16.17
CA ILE A 229 42.94 15.89 -15.97
C ILE A 229 42.11 15.76 -14.67
N ILE A 230 42.40 16.65 -13.70
CA ILE A 230 41.87 16.48 -12.36
C ILE A 230 40.92 17.63 -12.06
N GLY A 231 39.71 17.29 -11.63
CA GLY A 231 38.71 18.28 -11.21
C GLY A 231 38.56 18.29 -9.69
N ARG A 232 38.73 19.48 -9.11
CA ARG A 232 38.58 19.66 -7.68
C ARG A 232 37.58 20.76 -7.38
N GLY A 233 36.99 20.70 -6.19
CA GLY A 233 36.02 21.68 -5.78
C GLY A 233 34.72 21.04 -5.40
N PRO A 234 33.76 21.88 -4.97
CA PRO A 234 32.41 21.39 -4.67
C PRO A 234 31.80 20.77 -5.90
N SER A 235 30.86 19.87 -5.68
CA SER A 235 30.16 19.22 -6.79
CA SER A 235 30.17 19.22 -6.79
C SER A 235 29.54 20.26 -7.71
N GLY A 236 29.77 20.12 -9.01
CA GLY A 236 29.19 21.04 -9.97
C GLY A 236 29.89 22.39 -10.11
N ASN A 237 30.92 22.66 -9.30
CA ASN A 237 31.70 23.88 -9.44
C ASN A 237 33.19 23.59 -9.31
N ARG A 238 33.68 22.90 -10.32
CA ARG A 238 35.02 22.36 -10.35
C ARG A 238 35.99 23.28 -11.04
N THR A 239 37.25 23.21 -10.65
CA THR A 239 38.32 23.78 -11.47
C THR A 239 39.29 22.64 -11.76
N TRP A 240 39.93 22.74 -12.92
CA TRP A 240 40.64 21.64 -13.50
C TRP A 240 42.12 21.91 -13.65
N SER A 241 42.91 20.86 -13.48
CA SER A 241 44.37 20.93 -13.63
C SER A 241 44.87 19.66 -14.32
N MET A 242 46.13 19.71 -14.76
CA MET A 242 46.76 18.56 -15.42
C MET A 242 47.68 17.85 -14.43
N GLN A 243 47.65 16.52 -14.52
CA GLN A 243 48.67 15.65 -13.88
C GLN A 243 49.46 14.99 -15.01
N ILE A 244 50.63 15.52 -15.29
CA ILE A 244 51.46 15.02 -16.37
C ILE A 244 52.04 13.67 -15.97
N LEU A 245 51.99 12.72 -16.90
CA LEU A 245 52.40 11.35 -16.63
C LEU A 245 53.57 11.02 -17.54
N LYS A 246 54.43 10.15 -17.08
CA LYS A 246 55.53 9.64 -17.89
C LYS A 246 55.19 8.26 -18.39
N GLY A 247 55.24 8.07 -19.70
CA GLY A 247 55.02 6.78 -20.30
C GLY A 247 53.57 6.39 -20.52
N ALA A 248 52.64 7.32 -20.32
CA ALA A 248 51.23 7.03 -20.55
C ALA A 248 50.92 7.00 -22.02
N GLY A 249 49.82 6.30 -22.35
CA GLY A 249 49.35 6.24 -23.71
C GLY A 249 48.56 7.45 -24.15
N SER A 250 48.08 7.36 -25.38
CA SER A 250 47.22 8.37 -25.97
C SER A 250 45.76 8.15 -25.55
N GLU A 251 45.29 6.91 -25.62
CA GLU A 251 43.90 6.56 -25.22
C GLU A 251 43.95 5.73 -23.94
N GLY A 252 43.66 6.39 -22.82
CA GLY A 252 43.74 5.76 -21.54
C GLY A 252 42.42 5.53 -20.87
N THR A 253 42.44 4.64 -19.89
CA THR A 253 41.31 4.44 -18.99
C THR A 253 41.81 4.70 -17.58
N ILE A 254 40.90 5.14 -16.72
CA ILE A 254 41.20 5.43 -15.34
C ILE A 254 40.21 4.71 -14.47
N CYS A 255 40.68 4.29 -13.30
CA CYS A 255 39.92 3.49 -12.39
C CYS A 255 40.44 3.73 -10.99
N GLN A 256 39.56 3.77 -10.00
CA GLN A 256 39.99 3.74 -8.59
C GLN A 256 39.74 2.32 -8.12
N THR A 257 40.81 1.59 -7.87
CA THR A 257 40.71 0.20 -7.45
C THR A 257 40.27 0.10 -5.98
N PRO A 258 39.84 -1.10 -5.54
CA PRO A 258 39.28 -1.22 -4.18
C PRO A 258 40.22 -0.77 -3.06
N ASP A 259 41.52 -0.86 -3.29
CA ASP A 259 42.52 -0.37 -2.33
C ASP A 259 42.58 1.17 -2.23
N GLY A 260 41.81 1.87 -3.06
CA GLY A 260 41.75 3.32 -3.04
C GLY A 260 42.74 3.99 -3.99
N LYS A 261 43.63 3.21 -4.59
CA LYS A 261 44.63 3.74 -5.50
C LYS A 261 44.04 3.98 -6.89
N LEU A 262 44.71 4.86 -7.64
CA LEU A 262 44.37 5.10 -9.05
C LEU A 262 45.09 4.10 -9.91
N MET A 263 44.47 3.76 -11.03
CA MET A 263 45.09 2.93 -12.03
C MET A 263 44.79 3.48 -13.43
N ARG A 264 45.83 3.59 -14.25
CA ARG A 264 45.70 3.88 -15.66
C ARG A 264 45.91 2.58 -16.39
N ASN A 265 44.95 2.20 -17.23
CA ASN A 265 45.08 1.01 -18.06
C ASN A 265 44.90 1.50 -19.49
N ASP A 266 45.99 1.51 -20.25
CA ASP A 266 46.06 2.28 -21.48
C ASP A 266 46.25 1.40 -22.71
N ARG A 267 45.74 1.90 -23.83
CA ARG A 267 46.03 1.34 -25.14
C ARG A 267 47.51 1.45 -25.37
N PRO A 268 48.16 0.33 -25.76
CA PRO A 268 49.58 0.36 -26.07
C PRO A 268 49.87 0.99 -27.42
N GLY A 269 51.06 1.52 -27.58
CA GLY A 269 51.53 1.96 -28.90
C GLY A 269 51.64 0.75 -29.83
N PRO A 270 52.57 -0.15 -29.55
CA PRO A 270 52.65 -1.37 -30.35
C PRO A 270 51.60 -2.39 -29.95
N MET A 271 51.09 -3.14 -30.94
CA MET A 271 50.16 -4.22 -30.66
C MET A 271 50.78 -5.18 -29.64
N GLY A 272 49.95 -5.68 -28.73
CA GLY A 272 50.38 -6.73 -27.84
C GLY A 272 49.53 -6.86 -26.60
N HIS A 273 49.75 -5.95 -25.65
CA HIS A 273 49.12 -6.01 -24.36
C HIS A 273 48.86 -4.63 -23.79
N ARG A 274 47.92 -4.57 -22.86
CA ARG A 274 47.62 -3.31 -22.20
C ARG A 274 48.83 -2.82 -21.42
N SER A 275 48.90 -1.51 -21.29
CA SER A 275 49.96 -0.83 -20.58
C SER A 275 49.36 -0.20 -19.32
N VAL A 276 49.87 -0.61 -18.16
CA VAL A 276 49.21 -0.29 -16.88
C VAL A 276 50.15 0.41 -15.91
N ALA A 277 49.60 1.39 -15.19
CA ALA A 277 50.32 2.08 -14.10
C ALA A 277 49.38 2.33 -12.93
N ARG A 278 49.94 2.38 -11.73
CA ARG A 278 49.16 2.56 -10.51
C ARG A 278 49.80 3.65 -9.65
N GLY A 279 48.99 4.33 -8.84
CA GLY A 279 49.46 5.37 -7.95
C GLY A 279 48.33 6.15 -7.30
N THR A 280 48.54 7.45 -7.12
CA THR A 280 47.58 8.32 -6.45
C THR A 280 47.53 9.68 -7.19
N LEU A 281 46.74 10.60 -6.67
CA LEU A 281 46.77 11.98 -7.17
C LEU A 281 48.13 12.68 -6.99
N ALA A 282 48.99 12.16 -6.12
CA ALA A 282 50.36 12.69 -5.99
C ALA A 282 51.30 12.18 -7.09
N GLY A 283 50.90 11.13 -7.82
CA GLY A 283 51.70 10.63 -8.92
C GLY A 283 51.51 9.16 -9.19
N LEU A 284 51.76 8.77 -10.43
CA LEU A 284 51.68 7.37 -10.83
C LEU A 284 53.07 6.77 -10.95
N GLY A 285 53.16 5.48 -10.68
CA GLY A 285 54.39 4.72 -10.89
C GLY A 285 54.58 4.45 -12.37
N PRO A 286 55.63 3.69 -12.72
CA PRO A 286 55.90 3.42 -14.12
C PRO A 286 54.80 2.61 -14.81
N PHE A 287 54.58 2.88 -16.10
CA PHE A 287 53.74 2.02 -16.93
C PHE A 287 54.53 0.77 -17.31
N ALA A 288 53.85 -0.36 -17.37
CA ALA A 288 54.44 -1.62 -17.80
C ALA A 288 53.37 -2.48 -18.47
N THR A 289 53.78 -3.33 -19.42
CA THR A 289 52.81 -4.17 -20.10
C THR A 289 52.23 -5.15 -19.08
N ASP A 290 50.93 -5.42 -19.23
CA ASP A 290 50.26 -6.41 -18.39
C ASP A 290 50.02 -7.64 -19.31
N ASN A 291 50.81 -8.70 -19.09
CA ASN A 291 50.73 -9.87 -19.98
C ASN A 291 49.44 -10.69 -19.86
N GLY A 292 48.65 -10.44 -18.81
CA GLY A 292 47.34 -11.05 -18.68
C GLY A 292 46.26 -10.42 -19.54
N LEU A 293 46.56 -9.27 -20.18
CA LEU A 293 45.56 -8.53 -20.94
C LEU A 293 46.04 -8.23 -22.38
N PRO A 294 45.96 -9.25 -23.24
CA PRO A 294 46.33 -8.93 -24.62
C PRO A 294 45.44 -7.85 -25.24
N ASP A 295 46.03 -7.07 -26.15
CA ASP A 295 45.33 -5.98 -26.79
C ASP A 295 45.97 -5.71 -28.15
N PRO A 296 45.15 -5.40 -29.16
CA PRO A 296 45.67 -5.19 -30.50
C PRO A 296 45.97 -3.72 -30.85
N ALA A 297 46.35 -2.90 -29.87
CA ALA A 297 46.47 -1.45 -30.02
C ALA A 297 45.11 -0.86 -30.37
N CYS A 298 44.20 -0.98 -29.41
CA CYS A 298 42.83 -0.49 -29.51
C CYS A 298 42.39 0.02 -28.15
N GLN A 299 41.39 0.90 -28.15
CA GLN A 299 40.81 1.38 -26.92
C GLN A 299 40.15 0.24 -26.15
N GLY A 300 40.13 0.37 -24.82
CA GLY A 300 39.43 -0.52 -23.94
C GLY A 300 38.60 0.29 -22.96
N SER A 301 37.89 -0.41 -22.08
CA SER A 301 37.11 0.27 -21.02
C SER A 301 37.21 -0.50 -19.72
N ILE A 302 37.00 0.24 -18.63
CA ILE A 302 37.14 -0.34 -17.31
C ILE A 302 36.09 0.30 -16.41
N LEU A 303 35.64 -0.45 -15.42
CA LEU A 303 34.58 0.00 -14.55
C LEU A 303 34.72 -0.57 -13.14
N SER A 304 34.75 0.32 -12.15
CA SER A 304 34.64 -0.11 -10.77
CA SER A 304 34.63 -0.12 -10.76
C SER A 304 33.17 -0.45 -10.51
N TYR A 305 32.89 -1.73 -10.35
CA TYR A 305 31.50 -2.20 -10.22
C TYR A 305 30.98 -1.99 -8.81
N ASN A 306 31.77 -2.36 -7.82
CA ASN A 306 31.35 -2.21 -6.43
C ASN A 306 32.56 -2.24 -5.54
N SER A 307 32.46 -1.58 -4.39
CA SER A 307 33.55 -1.52 -3.41
C SER A 307 33.33 -2.37 -2.16
N ASP A 308 32.08 -2.75 -1.90
CA ASP A 308 31.76 -3.71 -0.83
C ASP A 308 32.17 -5.13 -1.22
N GLU A 309 32.07 -6.06 -0.26
CA GLU A 309 32.59 -7.43 -0.48
C GLU A 309 31.67 -8.29 -1.38
N PRO A 310 32.19 -8.97 -2.39
CA PRO A 310 33.57 -8.85 -2.87
C PRO A 310 33.68 -7.69 -3.86
N ALA A 311 34.77 -6.91 -3.75
CA ALA A 311 34.96 -5.77 -4.61
C ALA A 311 35.34 -6.26 -6.00
N ARG A 312 34.73 -5.63 -7.01
CA ARG A 312 34.95 -6.08 -8.39
C ARG A 312 35.28 -4.94 -9.33
N THR A 313 36.21 -5.20 -10.23
CA THR A 313 36.57 -4.31 -11.31
C THR A 313 36.26 -5.06 -12.58
N ILE A 314 35.61 -4.39 -13.52
CA ILE A 314 35.23 -5.00 -14.80
C ILE A 314 36.09 -4.38 -15.88
N PHE A 315 36.59 -5.21 -16.80
CA PHE A 315 37.41 -4.73 -17.90
C PHE A 315 36.87 -5.32 -19.20
N MET A 316 36.87 -4.50 -20.25
CA MET A 316 36.42 -4.93 -21.57
C MET A 316 37.40 -4.44 -22.63
N ASN A 317 37.83 -5.34 -23.51
CA ASN A 317 38.64 -4.95 -24.66
C ASN A 317 38.60 -6.11 -25.67
N SER A 318 39.36 -6.00 -26.76
CA SER A 318 39.49 -7.15 -27.66
C SER A 318 40.70 -7.94 -27.19
N ALA A 319 40.44 -9.14 -26.67
CA ALA A 319 41.45 -9.96 -26.02
C ALA A 319 42.25 -10.71 -27.07
N SER A 320 43.08 -9.96 -27.79
CA SER A 320 43.85 -10.50 -28.91
C SER A 320 45.01 -9.56 -29.16
N THR A 321 46.14 -10.11 -29.60
CA THR A 321 47.31 -9.29 -29.86
C THR A 321 47.26 -8.66 -31.25
N ASP A 322 46.32 -9.09 -32.11
CA ASP A 322 46.28 -8.57 -33.48
C ASP A 322 44.93 -8.24 -34.12
N ARG A 323 43.79 -8.59 -33.52
CA ARG A 323 42.50 -8.20 -34.08
C ARG A 323 41.53 -7.60 -33.05
N ARG A 324 40.56 -6.84 -33.56
CA ARG A 324 39.57 -6.14 -32.74
C ARG A 324 38.27 -6.91 -32.52
N THR A 325 38.19 -8.10 -33.10
CA THR A 325 36.97 -8.90 -33.09
C THR A 325 36.97 -10.02 -32.05
N ALA A 326 37.74 -9.86 -30.97
CA ALA A 326 37.81 -10.86 -29.90
C ALA A 326 37.32 -10.24 -28.59
N MET A 327 36.19 -9.55 -28.63
CA MET A 327 35.73 -8.79 -27.44
C MET A 327 35.52 -9.72 -26.24
N ARG A 328 36.02 -9.29 -25.07
CA ARG A 328 36.00 -10.09 -23.87
C ARG A 328 35.70 -9.17 -22.72
N VAL A 329 34.76 -9.56 -21.85
CA VAL A 329 34.55 -8.84 -20.60
C VAL A 329 35.02 -9.72 -19.43
N ARG A 330 35.69 -9.09 -18.46
CA ARG A 330 36.35 -9.81 -17.39
C ARG A 330 36.15 -9.13 -16.04
N ILE A 331 36.33 -9.92 -14.97
CA ILE A 331 36.28 -9.43 -13.59
C ILE A 331 37.63 -9.63 -12.88
N SER A 332 38.02 -8.62 -12.10
CA SER A 332 39.09 -8.80 -11.13
C SER A 332 38.51 -8.60 -9.75
N TYR A 333 38.93 -9.48 -8.83
CA TYR A 333 38.58 -9.40 -7.43
C TYR A 333 39.75 -8.86 -6.60
N ASP A 334 40.87 -8.53 -7.26
CA ASP A 334 42.05 -8.04 -6.56
C ASP A 334 41.88 -6.58 -6.13
N LYS A 335 42.41 -6.27 -4.96
CA LYS A 335 42.39 -4.92 -4.39
C LYS A 335 43.07 -3.88 -5.28
N ASP A 336 44.04 -4.32 -6.09
CA ASP A 336 44.76 -3.47 -7.03
C ASP A 336 44.45 -3.84 -8.49
N ALA A 337 43.43 -4.68 -8.70
CA ALA A 337 43.08 -5.20 -10.03
C ALA A 337 44.26 -5.82 -10.78
N ALA A 338 45.16 -6.50 -10.06
CA ALA A 338 46.35 -7.08 -10.69
C ALA A 338 46.00 -8.15 -11.72
N LYS A 339 45.04 -9.02 -11.39
CA LYS A 339 44.70 -10.16 -12.25
C LYS A 339 43.21 -10.22 -12.53
N PHE A 340 42.87 -10.37 -13.81
CA PHE A 340 41.50 -10.57 -14.25
C PHE A 340 41.28 -12.01 -14.66
N ASN A 341 40.04 -12.47 -14.54
CA ASN A 341 39.72 -13.82 -14.96
C ASN A 341 39.60 -13.90 -16.50
N PHE A 342 39.36 -15.10 -17.00
CA PHE A 342 39.15 -15.28 -18.44
C PHE A 342 37.95 -14.43 -18.85
N GLY A 343 36.91 -14.50 -18.03
CA GLY A 343 35.69 -13.74 -18.26
C GLY A 343 34.79 -14.42 -19.25
N ARG A 344 34.21 -13.64 -20.14
CA ARG A 344 33.37 -14.19 -21.20
C ARG A 344 33.53 -13.47 -22.52
N GLU A 345 33.55 -14.25 -23.60
CA GLU A 345 33.63 -13.73 -24.96
C GLU A 345 32.25 -13.19 -25.34
N LEU A 346 32.19 -11.98 -25.88
CA LEU A 346 30.90 -11.40 -26.27
C LEU A 346 30.24 -12.17 -27.42
N LYS A 347 31.03 -12.89 -28.21
CA LYS A 347 30.47 -13.77 -29.27
C LYS A 347 29.60 -14.89 -28.72
N ASP A 348 29.68 -15.17 -27.42
CA ASP A 348 28.76 -16.11 -26.79
C ASP A 348 27.31 -15.58 -26.82
N ALA A 349 27.13 -14.25 -26.95
CA ALA A 349 25.79 -13.70 -27.14
C ALA A 349 25.83 -12.85 -28.43
N PRO A 350 25.90 -13.52 -29.58
CA PRO A 350 26.09 -12.78 -30.81
C PRO A 350 24.84 -12.08 -31.27
N LEU A 351 25.04 -11.03 -32.04
CA LEU A 351 23.94 -10.26 -32.54
C LEU A 351 24.08 -10.24 -34.05
N GLY A 352 22.97 -10.59 -34.71
CA GLY A 352 22.89 -10.52 -36.16
C GLY A 352 22.55 -9.15 -36.67
N ASN A 353 22.82 -8.95 -37.96
CA ASN A 353 22.39 -7.78 -38.70
C ASN A 353 23.03 -6.48 -38.25
N VAL A 354 24.24 -6.58 -37.69
CA VAL A 354 25.01 -5.39 -37.28
C VAL A 354 26.47 -5.35 -37.74
N GLY A 355 26.86 -6.23 -38.64
CA GLY A 355 28.25 -6.32 -39.05
C GLY A 355 29.05 -7.14 -38.06
N ASN A 356 30.36 -6.98 -38.13
CA ASN A 356 31.31 -7.75 -37.33
C ASN A 356 31.63 -6.95 -36.07
N GLU A 357 31.20 -7.48 -34.94
CA GLU A 357 31.34 -6.76 -33.68
C GLU A 357 32.79 -6.74 -33.22
N GLY A 358 33.20 -5.58 -32.73
CA GLY A 358 34.48 -5.44 -32.09
C GLY A 358 35.12 -4.09 -32.33
N GLY A 359 35.79 -3.58 -31.29
CA GLY A 359 36.43 -2.29 -31.38
C GLY A 359 36.34 -1.58 -30.04
N TYR A 360 36.15 -0.26 -30.11
CA TYR A 360 36.08 0.57 -28.89
C TYR A 360 34.84 0.21 -28.09
N SER A 361 34.91 0.41 -26.78
CA SER A 361 33.81 0.07 -25.89
C SER A 361 33.72 1.04 -24.74
N SER A 362 32.56 1.02 -24.08
CA SER A 362 32.37 1.81 -22.86
C SER A 362 31.37 1.10 -21.98
N MET A 363 31.59 1.13 -20.67
CA MET A 363 30.69 0.45 -19.74
C MET A 363 30.19 1.36 -18.64
N THR A 364 28.97 1.09 -18.22
CA THR A 364 28.36 1.68 -17.01
C THR A 364 27.62 0.62 -16.20
N LYS A 365 27.30 0.93 -14.94
CA LYS A 365 26.45 0.09 -14.12
C LYS A 365 25.06 0.70 -14.23
N THR A 366 24.04 -0.11 -14.42
CA THR A 366 22.67 0.40 -14.47
C THR A 366 22.02 0.27 -13.09
N SER A 367 20.88 0.93 -12.91
CA SER A 367 20.18 0.92 -11.64
C SER A 367 19.71 -0.48 -11.23
N ASP A 368 19.44 -1.33 -12.22
CA ASP A 368 19.00 -2.69 -11.98
C ASP A 368 20.14 -3.73 -11.94
N TYR A 369 21.34 -3.32 -11.49
CA TYR A 369 22.43 -4.26 -11.26
C TYR A 369 22.78 -5.05 -12.52
N LYS A 370 22.89 -4.32 -13.61
CA LYS A 370 23.46 -4.87 -14.84
C LYS A 370 24.64 -4.01 -15.23
N ILE A 371 25.50 -4.58 -16.06
CA ILE A 371 26.50 -3.83 -16.79
C ILE A 371 25.88 -3.49 -18.15
N GLY A 372 25.93 -2.21 -18.51
CA GLY A 372 25.56 -1.71 -19.81
C GLY A 372 26.81 -1.38 -20.57
N ALA A 373 26.97 -1.92 -21.78
CA ALA A 373 28.17 -1.68 -22.58
C ALA A 373 27.82 -1.26 -23.98
N LEU A 374 28.49 -0.24 -24.48
CA LEU A 374 28.47 0.11 -25.90
C LEU A 374 29.68 -0.52 -26.54
N VAL A 375 29.46 -1.15 -27.70
CA VAL A 375 30.57 -1.81 -28.41
C VAL A 375 30.46 -1.49 -29.89
N GLU A 376 31.58 -1.06 -30.48
CA GLU A 376 31.64 -0.81 -31.92
C GLU A 376 31.46 -2.08 -32.73
N SER A 377 30.88 -1.90 -33.92
CA SER A 377 30.77 -2.95 -34.92
C SER A 377 31.04 -2.39 -36.32
N ASP A 378 31.55 -3.26 -37.21
CA ASP A 378 32.06 -2.82 -38.51
C ASP A 378 31.44 -3.71 -39.61
N TRP A 379 30.75 -3.09 -40.56
CA TRP A 379 30.14 -3.84 -41.66
C TRP A 379 31.20 -4.37 -42.63
N TYR A 380 32.34 -3.71 -42.66
CA TYR A 380 33.55 -4.17 -43.36
C TYR A 380 33.37 -4.27 -44.89
N GLU A 381 32.47 -3.48 -45.47
CA GLU A 381 32.15 -3.64 -46.90
C GLU A 381 33.28 -3.26 -47.86
N ASP A 382 34.05 -2.24 -47.45
CA ASP A 382 35.17 -1.68 -48.19
C ASP A 382 36.43 -2.14 -47.47
N LYS A 383 36.32 -3.24 -46.74
CA LYS A 383 37.38 -3.78 -45.86
C LYS A 383 37.80 -2.67 -44.90
N GLY A 384 39.10 -2.38 -44.80
CA GLY A 384 39.63 -1.28 -43.97
C GLY A 384 39.48 0.10 -44.57
N GLY A 385 38.90 0.17 -45.77
CA GLY A 385 38.74 1.44 -46.45
C GLY A 385 37.71 2.34 -45.79
N GLU A 386 37.69 3.59 -46.25
CA GLU A 386 36.88 4.61 -45.59
C GLU A 386 35.39 4.44 -45.78
N LYS A 387 34.98 3.65 -46.75
CA LYS A 387 33.55 3.52 -47.04
C LYS A 387 32.85 2.48 -46.17
N SER A 388 33.57 1.69 -45.37
CA SER A 388 32.92 0.67 -44.54
C SER A 388 32.09 1.33 -43.43
N HIS A 389 30.83 0.99 -43.38
CA HIS A 389 29.92 1.60 -42.38
C HIS A 389 30.15 1.01 -41.00
N ARG A 390 30.12 1.88 -39.99
CA ARG A 390 30.33 1.48 -38.61
C ARG A 390 29.09 1.81 -37.76
N CYS A 391 28.70 0.89 -36.89
CA CYS A 391 27.57 1.09 -35.99
C CYS A 391 27.97 0.74 -34.56
N ILE A 392 27.11 1.01 -33.59
CA ILE A 392 27.40 0.74 -32.20
C ILE A 392 26.26 -0.03 -31.53
N ILE A 393 26.64 -1.11 -30.87
CA ILE A 393 25.76 -2.05 -30.19
C ILE A 393 25.65 -1.66 -28.69
N TRP A 394 24.46 -1.84 -28.14
CA TRP A 394 24.21 -1.71 -26.71
C TRP A 394 23.89 -3.07 -26.16
N ARG A 395 24.72 -3.49 -25.22
CA ARG A 395 24.61 -4.74 -24.53
C ARG A 395 24.28 -4.49 -23.06
N ARG A 396 23.45 -5.35 -22.51
CA ARG A 396 23.33 -5.43 -21.06
C ARG A 396 23.53 -6.87 -20.65
N PHE A 397 24.19 -7.05 -19.51
CA PHE A 397 24.37 -8.36 -18.94
C PHE A 397 24.60 -8.22 -17.44
N ASN A 398 24.31 -9.29 -16.70
CA ASN A 398 24.59 -9.32 -15.27
C ASN A 398 25.92 -10.01 -14.98
N LEU A 399 26.37 -9.93 -13.73
CA LEU A 399 27.62 -10.58 -13.34
C LEU A 399 27.58 -12.09 -13.59
N SER A 400 26.42 -12.71 -13.35
CA SER A 400 26.26 -14.14 -13.54
C SER A 400 26.61 -14.55 -14.97
N TRP A 401 26.21 -13.73 -15.93
CA TRP A 401 26.51 -14.01 -17.33
C TRP A 401 28.03 -14.09 -17.55
N ILE A 402 28.78 -13.20 -16.90
CA ILE A 402 30.23 -13.23 -16.99
C ILE A 402 30.82 -14.42 -16.23
N ILE A 403 30.38 -14.58 -14.99
CA ILE A 403 30.94 -15.59 -14.08
C ILE A 403 30.75 -17.01 -14.62
N ASN A 404 29.59 -17.26 -15.21
CA ASN A 404 29.24 -18.61 -15.69
C ASN A 404 29.56 -18.83 -17.16
N GLY A 405 30.48 -18.02 -17.69
CA GLY A 405 30.96 -18.24 -19.04
C GLY A 405 31.66 -19.58 -19.12
N PRO A 406 31.57 -20.27 -20.27
CA PRO A 406 32.06 -21.64 -20.40
C PRO A 406 33.54 -21.82 -20.09
N ASN A 407 34.37 -20.84 -20.42
CA ASN A 407 35.82 -20.93 -20.22
C ASN A 407 36.27 -20.25 -18.93
N ASN A 408 35.31 -19.81 -18.12
CA ASN A 408 35.60 -19.10 -16.88
C ASN A 408 35.52 -20.06 -15.70
N ASP B 25 -10.30 -1.92 6.21
CA ASP B 25 -10.26 -1.06 7.45
C ASP B 25 -11.12 0.21 7.39
N ASP B 26 -11.28 0.77 6.19
CA ASP B 26 -11.98 2.03 5.98
C ASP B 26 -13.50 1.78 6.00
N PRO B 27 -14.21 2.33 7.00
CA PRO B 27 -15.65 2.06 7.09
C PRO B 27 -16.46 2.49 5.85
N ALA B 28 -15.98 3.47 5.10
CA ALA B 28 -16.68 3.92 3.89
C ALA B 28 -16.71 2.86 2.79
N GLY B 29 -15.77 1.90 2.84
CA GLY B 29 -15.72 0.79 1.88
C GLY B 29 -16.86 -0.22 1.96
N LYS B 30 -17.62 -0.20 3.06
CA LYS B 30 -18.73 -1.15 3.21
C LYS B 30 -20.01 -0.64 2.56
N ALA B 31 -20.02 0.63 2.17
CA ALA B 31 -21.19 1.21 1.51
C ALA B 31 -21.32 0.67 0.10
N ALA B 32 -22.53 0.75 -0.44
CA ALA B 32 -22.76 0.45 -1.85
C ALA B 32 -21.98 1.46 -2.71
N GLN B 33 -21.36 0.95 -3.77
CA GLN B 33 -20.62 1.80 -4.69
C GLN B 33 -21.58 2.73 -5.43
N TYR B 34 -21.14 3.97 -5.63
CA TYR B 34 -21.85 4.97 -6.39
C TYR B 34 -20.92 5.64 -7.40
N HIS B 35 -21.38 5.67 -8.66
CA HIS B 35 -20.73 6.48 -9.67
C HIS B 35 -21.78 6.91 -10.69
N LYS B 36 -21.58 8.14 -11.19
CA LYS B 36 -22.39 8.69 -12.24
C LYS B 36 -21.54 9.68 -13.00
N GLU B 37 -21.74 9.73 -14.32
CA GLU B 37 -20.89 10.53 -15.17
C GLU B 37 -21.62 10.99 -16.42
N TYR B 38 -21.35 12.23 -16.81
CA TYR B 38 -21.88 12.81 -18.05
C TYR B 38 -21.09 14.04 -18.47
N ALA B 39 -21.19 14.40 -19.74
CA ALA B 39 -20.49 15.57 -20.24
C ALA B 39 -21.12 16.84 -19.64
N LEU B 40 -20.27 17.73 -19.12
CA LEU B 40 -20.77 19.01 -18.59
C LEU B 40 -20.44 20.20 -19.50
N PHE B 41 -19.30 20.17 -20.19
CA PHE B 41 -18.96 21.18 -21.15
C PHE B 41 -18.83 20.47 -22.48
N ARG B 42 -19.82 20.73 -23.32
CA ARG B 42 -20.00 20.00 -24.58
C ARG B 42 -19.44 20.83 -25.76
N SER B 43 -18.41 20.30 -26.42
CA SER B 43 -17.75 20.97 -27.51
C SER B 43 -18.66 21.16 -28.74
N ALA B 44 -18.22 22.03 -29.66
CA ALA B 44 -19.04 22.49 -30.76
C ALA B 44 -19.54 21.37 -31.67
N ASN B 45 -18.81 20.25 -31.68
CA ASN B 45 -19.17 19.11 -32.56
C ASN B 45 -20.23 18.20 -31.96
N MET B 46 -20.59 18.42 -30.69
CA MET B 46 -21.50 17.56 -29.98
C MET B 46 -22.93 18.10 -30.11
N PRO B 47 -23.93 17.22 -29.98
CA PRO B 47 -25.31 17.71 -29.89
C PRO B 47 -25.43 18.63 -28.67
N SER B 48 -26.28 19.66 -28.78
CA SER B 48 -26.51 20.59 -27.68
C SER B 48 -25.17 21.12 -27.16
N PRO B 49 -24.38 21.72 -28.06
CA PRO B 49 -23.10 22.25 -27.63
C PRO B 49 -23.31 23.41 -26.66
N ASP B 50 -22.35 23.62 -25.77
CA ASP B 50 -22.48 24.72 -24.82
C ASP B 50 -22.11 26.06 -25.48
N LYS B 51 -23.04 27.00 -25.36
CA LYS B 51 -22.90 28.34 -25.92
C LYS B 51 -23.33 29.33 -24.85
N LEU B 52 -22.80 30.53 -24.95
CA LEU B 52 -23.23 31.63 -24.11
C LEU B 52 -24.57 32.16 -24.61
N ALA B 53 -25.28 32.88 -23.74
CA ALA B 53 -26.54 33.52 -24.12
C ALA B 53 -26.40 34.54 -25.26
N THR B 54 -25.19 35.05 -25.47
CA THR B 54 -24.91 35.91 -26.60
C THR B 54 -24.86 35.17 -27.93
N GLY B 55 -24.86 33.84 -27.90
CA GLY B 55 -24.73 33.04 -29.12
C GLY B 55 -23.32 32.60 -29.40
N VAL B 56 -22.34 33.08 -28.62
CA VAL B 56 -20.97 32.65 -28.82
C VAL B 56 -20.80 31.19 -28.35
N GLY B 57 -20.33 30.35 -29.27
CA GLY B 57 -19.95 28.98 -28.94
C GLY B 57 -18.44 28.77 -28.89
N PHE B 58 -18.05 27.54 -28.64
CA PHE B 58 -16.65 27.19 -28.46
C PHE B 58 -16.29 25.88 -29.13
N HIS B 59 -15.20 25.90 -29.88
CA HIS B 59 -14.67 24.67 -30.45
C HIS B 59 -14.40 23.64 -29.35
N SER B 60 -13.70 24.07 -28.29
CA SER B 60 -13.21 23.15 -27.27
C SER B 60 -13.33 23.79 -25.89
N PHE B 61 -13.46 22.91 -24.91
CA PHE B 61 -13.38 23.30 -23.50
C PHE B 61 -12.23 22.49 -22.89
N ARG B 62 -11.35 23.19 -22.20
CA ARG B 62 -10.22 22.58 -21.53
C ARG B 62 -10.02 23.29 -20.21
N ILE B 63 -9.18 22.69 -19.37
CA ILE B 63 -8.61 23.34 -18.18
C ILE B 63 -9.68 23.55 -17.11
N PRO B 64 -10.19 22.44 -16.56
CA PRO B 64 -11.28 22.54 -15.63
C PRO B 64 -10.85 23.00 -14.24
N ALA B 65 -11.79 23.62 -13.53
CA ALA B 65 -11.64 23.88 -12.10
C ALA B 65 -13.01 23.80 -11.47
N VAL B 66 -13.08 23.20 -10.28
CA VAL B 66 -14.38 23.06 -9.62
C VAL B 66 -14.22 23.33 -8.13
N VAL B 67 -15.23 24.00 -7.55
CA VAL B 67 -15.30 24.16 -6.09
C VAL B 67 -16.75 24.08 -5.61
N ARG B 68 -16.90 23.59 -4.40
CA ARG B 68 -18.16 23.69 -3.65
C ARG B 68 -18.10 24.93 -2.78
N THR B 69 -19.12 25.78 -2.93
CA THR B 69 -19.23 26.97 -2.06
C THR B 69 -19.80 26.58 -0.71
N ASN B 70 -19.76 27.54 0.21
CA ASN B 70 -20.31 27.31 1.53
C ASN B 70 -21.82 27.18 1.59
N THR B 71 -22.51 27.47 0.49
CA THR B 71 -23.94 27.18 0.38
C THR B 71 -24.21 25.73 -0.05
N GLY B 72 -23.21 25.07 -0.61
CA GLY B 72 -23.40 23.76 -1.21
C GLY B 72 -23.46 23.81 -2.73
N ARG B 73 -23.57 25.02 -3.28
CA ARG B 73 -23.59 25.21 -4.72
C ARG B 73 -22.25 24.83 -5.29
N ILE B 74 -22.25 24.22 -6.47
CA ILE B 74 -21.01 23.86 -7.13
C ILE B 74 -20.76 24.82 -8.30
N LEU B 75 -19.52 25.29 -8.40
CA LEU B 75 -19.09 26.17 -9.45
C LEU B 75 -18.05 25.42 -10.28
N ALA B 76 -18.32 25.29 -11.58
CA ALA B 76 -17.43 24.62 -12.51
C ALA B 76 -16.93 25.60 -13.55
N PHE B 77 -15.61 25.71 -13.69
CA PHE B 77 -14.96 26.66 -14.57
C PHE B 77 -14.22 25.91 -15.66
N ALA B 78 -14.05 26.58 -16.78
CA ALA B 78 -13.21 26.05 -17.85
C ALA B 78 -12.74 27.14 -18.76
N GLU B 79 -11.74 26.84 -19.59
CA GLU B 79 -11.40 27.65 -20.74
C GLU B 79 -12.27 27.28 -21.92
N GLY B 80 -12.97 28.27 -22.45
CA GLY B 80 -13.69 28.12 -23.73
C GLY B 80 -12.76 28.58 -24.81
N ARG B 81 -12.26 27.61 -25.59
CA ARG B 81 -11.31 27.89 -26.64
C ARG B 81 -12.11 28.02 -27.93
N ARG B 82 -12.19 29.24 -28.44
CA ARG B 82 -13.21 29.58 -29.45
C ARG B 82 -13.03 28.85 -30.76
N HIS B 83 -11.80 28.83 -31.28
CA HIS B 83 -11.62 28.42 -32.69
C HIS B 83 -10.92 27.12 -32.92
N ASN B 84 -10.22 26.62 -31.92
CA ASN B 84 -9.45 25.39 -32.01
C ASN B 84 -9.02 25.01 -30.61
N ASN B 85 -8.24 23.97 -30.44
CA ASN B 85 -7.90 23.50 -29.09
C ASN B 85 -6.59 24.08 -28.52
N ARG B 86 -5.98 25.03 -29.20
CA ARG B 86 -4.66 25.55 -28.78
C ARG B 86 -4.74 26.40 -27.53
N ASP B 87 -3.60 26.51 -26.84
CA ASP B 87 -3.50 27.21 -25.57
C ASP B 87 -3.47 28.73 -25.72
N TYR B 88 -3.30 29.20 -26.94
CA TYR B 88 -3.18 30.60 -27.29
C TYR B 88 -4.37 30.99 -28.18
N GLY B 89 -4.44 32.27 -28.48
CA GLY B 89 -5.52 32.85 -29.25
C GLY B 89 -6.72 33.20 -28.40
N ASP B 90 -7.88 33.26 -29.04
CA ASP B 90 -9.11 33.82 -28.45
C ASP B 90 -9.73 32.77 -27.54
N ILE B 91 -9.56 32.94 -26.23
CA ILE B 91 -9.98 31.95 -25.23
C ILE B 91 -10.66 32.74 -24.12
N ASN B 92 -11.82 32.28 -23.69
CA ASN B 92 -12.63 32.93 -22.65
C ASN B 92 -12.73 32.03 -21.43
N LEU B 93 -12.79 32.64 -20.24
CA LEU B 93 -12.95 31.87 -19.05
C LEU B 93 -14.46 31.80 -18.78
N VAL B 94 -14.97 30.58 -18.83
CA VAL B 94 -16.40 30.32 -18.73
C VAL B 94 -16.73 29.49 -17.50
N TYR B 95 -18.00 29.41 -17.15
CA TYR B 95 -18.40 28.63 -16.00
C TYR B 95 -19.86 28.20 -16.05
N LYS B 96 -20.19 27.23 -15.21
CA LYS B 96 -21.56 26.87 -14.88
C LYS B 96 -21.69 26.72 -13.38
N ARG B 97 -22.90 26.95 -12.86
CA ARG B 97 -23.20 26.63 -11.47
C ARG B 97 -24.34 25.64 -11.41
N THR B 98 -24.41 24.89 -10.31
CA THR B 98 -25.61 24.13 -10.05
C THR B 98 -26.76 25.11 -9.80
N LYS B 99 -27.95 24.73 -10.26
CA LYS B 99 -29.11 25.61 -10.24
C LYS B 99 -29.52 25.96 -8.81
N SER B 100 -29.34 25.01 -7.89
CA SER B 100 -29.60 25.26 -6.47
C SER B 100 -28.38 24.85 -5.64
N PRO B 101 -28.29 25.37 -4.40
CA PRO B 101 -27.24 24.95 -3.49
C PRO B 101 -27.36 23.51 -3.01
N THR B 102 -28.52 22.89 -3.20
CA THR B 102 -28.80 21.58 -2.64
C THR B 102 -28.77 20.40 -3.63
N ASN B 103 -28.66 20.64 -4.93
CA ASN B 103 -28.85 19.51 -5.88
C ASN B 103 -27.57 18.70 -6.14
N ASN B 104 -26.42 19.22 -5.72
CA ASN B 104 -25.15 18.48 -5.74
C ASN B 104 -24.69 18.04 -7.13
N GLY B 105 -25.22 18.67 -8.16
CA GLY B 105 -24.88 18.36 -9.54
C GLY B 105 -25.20 16.94 -9.92
N GLU B 106 -26.28 16.39 -9.38
CA GLU B 106 -26.58 14.97 -9.58
C GLU B 106 -26.84 14.62 -11.06
N ASN B 107 -27.67 15.42 -11.71
CA ASN B 107 -28.09 15.13 -13.09
C ASN B 107 -27.79 16.32 -14.02
N PRO B 108 -27.71 16.08 -15.33
CA PRO B 108 -27.45 17.21 -16.26
C PRO B 108 -28.38 18.43 -16.09
N THR B 109 -29.65 18.19 -15.86
CA THR B 109 -30.61 19.29 -15.68
C THR B 109 -30.46 20.04 -14.36
N ASP B 110 -29.55 19.60 -13.51
CA ASP B 110 -29.23 20.31 -12.26
C ASP B 110 -28.28 21.50 -12.46
N TRP B 111 -27.76 21.67 -13.66
CA TRP B 111 -26.79 22.70 -13.98
C TRP B 111 -27.38 23.83 -14.81
N GLU B 112 -26.99 25.05 -14.47
CA GLU B 112 -27.32 26.23 -15.24
C GLU B 112 -26.62 26.16 -16.59
N SER B 113 -27.11 26.99 -17.51
CA SER B 113 -26.48 27.14 -18.81
C SER B 113 -25.14 27.91 -18.67
N LEU B 114 -24.32 27.77 -19.70
CA LEU B 114 -22.99 28.34 -19.70
C LEU B 114 -23.00 29.86 -19.51
N ARG B 115 -22.09 30.35 -18.67
CA ARG B 115 -21.85 31.78 -18.49
C ARG B 115 -20.38 32.10 -18.64
N GLU B 116 -20.08 33.39 -18.69
CA GLU B 116 -18.71 33.87 -18.89
C GLU B 116 -18.20 34.68 -17.71
N VAL B 117 -17.01 34.37 -17.21
CA VAL B 117 -16.34 35.24 -16.24
C VAL B 117 -15.69 36.43 -16.94
N VAL B 118 -14.84 36.12 -17.94
CA VAL B 118 -14.17 37.14 -18.71
C VAL B 118 -13.81 36.59 -20.08
N GLY B 119 -14.01 37.40 -21.12
CA GLY B 119 -13.65 37.02 -22.49
C GLY B 119 -13.22 38.15 -23.38
N THR B 120 -12.88 39.29 -22.79
N THR B 120 -12.88 39.29 -22.78
CA THR B 120 -12.73 40.48 -23.60
CA THR B 120 -12.55 40.50 -23.50
C THR B 120 -11.56 40.36 -24.61
C THR B 120 -11.53 40.33 -24.61
N GLY B 121 -11.82 40.86 -25.80
CA GLY B 121 -10.86 40.94 -26.84
C GLY B 121 -10.55 39.61 -27.49
N PRO B 122 -9.49 39.60 -28.29
CA PRO B 122 -8.97 38.37 -28.93
C PRO B 122 -7.98 37.64 -28.04
N HIS B 123 -7.92 38.04 -26.78
CA HIS B 123 -6.90 37.60 -25.86
C HIS B 123 -7.22 36.24 -25.26
N THR B 124 -6.20 35.64 -24.64
CA THR B 124 -6.30 34.40 -23.92
C THR B 124 -6.61 34.70 -22.44
N TRP B 125 -7.73 34.18 -21.94
CA TRP B 125 -8.06 34.25 -20.51
C TRP B 125 -8.25 32.84 -20.05
N GLY B 126 -7.53 32.40 -19.04
CA GLY B 126 -7.61 31.03 -18.62
C GLY B 126 -6.93 30.64 -17.35
N ASN B 127 -6.52 29.38 -17.22
CA ASN B 127 -5.95 28.84 -15.98
C ASN B 127 -6.82 29.13 -14.75
N PRO B 128 -8.12 28.80 -14.82
CA PRO B 128 -8.93 29.09 -13.63
C PRO B 128 -8.42 28.39 -12.37
N THR B 129 -8.29 29.16 -11.29
CA THR B 129 -7.78 28.66 -10.04
C THR B 129 -8.56 29.31 -8.91
N PRO B 130 -9.70 28.69 -8.55
CA PRO B 130 -10.58 29.27 -7.53
C PRO B 130 -10.24 28.83 -6.11
N VAL B 131 -10.61 29.65 -5.15
CA VAL B 131 -10.62 29.22 -3.75
C VAL B 131 -11.79 29.89 -3.02
N VAL B 132 -12.50 29.09 -2.22
CA VAL B 132 -13.65 29.59 -1.44
C VAL B 132 -13.14 30.11 -0.08
N ASP B 133 -13.57 31.33 0.24
CA ASP B 133 -13.20 31.98 1.50
C ASP B 133 -14.45 32.54 2.17
N GLY B 134 -15.10 31.71 2.99
CA GLY B 134 -16.35 32.13 3.63
C GLY B 134 -17.40 32.43 2.57
N ASN B 135 -17.87 33.67 2.52
CA ASN B 135 -18.89 34.07 1.56
C ASN B 135 -18.34 34.73 0.29
N THR B 136 -17.02 34.68 0.12
CA THR B 136 -16.36 35.19 -1.09
C THR B 136 -15.70 34.04 -1.81
N ILE B 137 -15.86 33.97 -3.12
CA ILE B 137 -15.08 33.07 -3.93
C ILE B 137 -14.06 33.91 -4.71
N TYR B 138 -12.78 33.57 -4.53
CA TYR B 138 -11.73 34.20 -5.28
C TYR B 138 -11.38 33.33 -6.48
N LEU B 139 -11.15 33.96 -7.61
CA LEU B 139 -10.76 33.23 -8.83
C LEU B 139 -9.54 33.91 -9.40
N PHE B 140 -8.41 33.22 -9.30
CA PHE B 140 -7.21 33.65 -10.02
C PHE B 140 -7.23 33.05 -11.42
N LEU B 141 -6.62 33.77 -12.33
CA LEU B 141 -6.55 33.35 -13.72
C LEU B 141 -5.32 33.96 -14.40
N SER B 142 -4.90 33.31 -15.50
CA SER B 142 -3.82 33.83 -16.32
C SER B 142 -4.38 34.50 -17.57
N MET B 143 -3.60 35.39 -18.14
CA MET B 143 -3.97 36.09 -19.36
C MET B 143 -2.74 36.36 -20.22
N ASN B 144 -2.89 36.28 -21.53
CA ASN B 144 -1.94 36.87 -22.44
C ASN B 144 -2.63 37.57 -23.59
N ASP B 145 -1.93 38.55 -24.14
CA ASP B 145 -2.36 39.25 -25.33
C ASP B 145 -2.55 38.23 -26.46
N GLY B 146 -3.60 38.43 -27.25
CA GLY B 146 -3.96 37.50 -28.33
C GLY B 146 -2.93 37.36 -29.43
N ALA B 147 -1.96 38.28 -29.51
CA ALA B 147 -0.92 38.19 -30.54
C ALA B 147 0.28 37.37 -30.13
N TYR B 148 0.25 36.80 -28.94
CA TYR B 148 1.42 36.10 -28.36
C TYR B 148 1.10 34.67 -27.96
N SER B 149 2.10 33.80 -28.03
CA SER B 149 1.97 32.44 -27.55
C SER B 149 3.26 32.00 -26.85
N GLN B 150 3.16 30.92 -26.10
CA GLN B 150 4.28 30.39 -25.31
C GLN B 150 5.52 30.23 -26.17
N ASN B 151 5.37 29.58 -27.32
CA ASN B 151 6.53 29.31 -28.18
C ASN B 151 6.80 30.37 -29.24
N GLY B 152 5.76 31.10 -29.63
CA GLY B 152 5.85 32.01 -30.75
C GLY B 152 5.79 31.25 -32.06
N GLY B 153 5.56 31.98 -33.15
CA GLY B 153 5.54 31.41 -34.51
C GLY B 153 4.34 30.52 -34.84
N ASN B 154 3.29 30.60 -34.02
CA ASN B 154 2.10 29.78 -34.22
C ASN B 154 1.12 30.53 -35.09
N THR B 155 0.39 29.80 -35.93
CA THR B 155 -0.54 30.45 -36.83
C THR B 155 -1.90 30.64 -36.13
N LEU B 156 -2.39 31.85 -36.23
CA LEU B 156 -3.71 32.21 -35.73
C LEU B 156 -4.74 32.07 -36.85
N PRO B 157 -6.01 32.08 -36.48
CA PRO B 157 -7.07 31.94 -37.51
C PRO B 157 -7.03 32.95 -38.64
N ASP B 158 -6.53 34.16 -38.38
CA ASP B 158 -6.45 35.18 -39.43
C ASP B 158 -5.20 35.03 -40.32
N GLY B 159 -4.40 34.00 -40.06
CA GLY B 159 -3.23 33.72 -40.88
C GLY B 159 -1.93 34.32 -40.38
N THR B 160 -2.02 35.19 -39.38
CA THR B 160 -0.83 35.84 -38.83
C THR B 160 -0.11 34.85 -37.88
N LYS B 161 1.14 35.14 -37.58
CA LYS B 161 1.92 34.36 -36.66
C LYS B 161 2.04 35.03 -35.31
N THR B 162 1.95 34.24 -34.26
CA THR B 162 2.15 34.81 -32.91
C THR B 162 3.60 35.24 -32.68
N LYS B 163 3.75 36.23 -31.82
CA LYS B 163 5.02 36.52 -31.19
C LYS B 163 5.23 35.65 -29.95
N LYS B 164 6.49 35.42 -29.59
CA LYS B 164 6.80 34.65 -28.42
C LYS B 164 6.54 35.48 -27.15
N ILE B 165 5.86 34.88 -26.18
CA ILE B 165 5.65 35.48 -24.89
C ILE B 165 7.02 35.89 -24.35
N ASP B 166 7.11 37.13 -23.89
CA ASP B 166 8.39 37.73 -23.46
C ASP B 166 8.19 38.51 -22.17
N SER B 167 9.19 39.30 -21.75
CA SER B 167 9.14 39.97 -20.46
C SER B 167 8.53 41.38 -20.49
N THR B 168 8.14 41.84 -21.68
CA THR B 168 7.52 43.16 -21.82
C THR B 168 6.14 43.13 -21.17
N TRP B 169 5.62 44.30 -20.86
CA TRP B 169 4.28 44.39 -20.25
C TRP B 169 3.21 43.82 -21.19
N VAL B 170 3.26 44.22 -22.47
CA VAL B 170 2.28 43.74 -23.45
C VAL B 170 2.46 42.24 -23.73
N GLY B 171 3.70 41.76 -23.75
CA GLY B 171 4.01 40.41 -24.22
C GLY B 171 4.15 39.31 -23.17
N ARG B 172 4.04 39.67 -21.88
CA ARG B 172 4.17 38.68 -20.83
C ARG B 172 2.81 38.06 -20.44
N ARG B 173 2.87 36.97 -19.71
CA ARG B 173 1.69 36.39 -19.09
C ARG B 173 1.32 37.16 -17.84
N HIS B 174 0.06 37.54 -17.77
CA HIS B 174 -0.49 38.32 -16.65
C HIS B 174 -1.21 37.42 -15.69
N LEU B 175 -1.40 37.91 -14.46
CA LEU B 175 -2.13 37.21 -13.43
C LEU B 175 -3.24 38.14 -13.00
N TYR B 176 -4.49 37.68 -13.11
CA TYR B 176 -5.64 38.45 -12.74
C TYR B 176 -6.39 37.78 -11.61
N LEU B 177 -7.18 38.61 -10.89
CA LEU B 177 -8.01 38.13 -9.80
C LEU B 177 -9.41 38.72 -9.96
N THR B 178 -10.41 37.85 -9.88
CA THR B 178 -11.81 38.29 -9.85
C THR B 178 -12.47 37.63 -8.65
N THR B 179 -13.56 38.22 -8.17
CA THR B 179 -14.19 37.73 -6.98
C THR B 179 -15.70 37.71 -7.16
N SER B 180 -16.36 36.83 -6.42
CA SER B 180 -17.79 36.82 -6.32
C SER B 180 -18.22 36.80 -4.85
N THR B 181 -19.20 37.63 -4.52
CA THR B 181 -19.81 37.62 -3.18
C THR B 181 -21.28 37.21 -3.21
N ASP B 182 -21.74 36.69 -4.36
CA ASP B 182 -23.12 36.27 -4.53
C ASP B 182 -23.17 34.81 -5.05
N ASP B 183 -22.31 33.97 -4.47
CA ASP B 183 -22.33 32.53 -4.71
C ASP B 183 -22.04 32.22 -6.18
N GLY B 184 -21.20 33.05 -6.82
CA GLY B 184 -20.78 32.82 -8.20
C GLY B 184 -21.72 33.37 -9.26
N ASP B 185 -22.78 34.05 -8.84
CA ASP B 185 -23.75 34.55 -9.81
C ASP B 185 -23.15 35.64 -10.70
N THR B 186 -22.38 36.55 -10.10
CA THR B 186 -21.66 37.58 -10.82
C THR B 186 -20.23 37.70 -10.31
N TRP B 187 -19.38 38.29 -11.15
CA TRP B 187 -17.93 38.38 -10.91
C TRP B 187 -17.47 39.82 -11.12
N THR B 188 -16.57 40.28 -10.26
CA THR B 188 -15.99 41.61 -10.43
C THR B 188 -15.14 41.64 -11.67
N LYS B 189 -14.99 42.84 -12.23
CA LYS B 189 -14.09 43.06 -13.35
C LYS B 189 -12.70 42.56 -12.91
N PRO B 190 -12.09 41.65 -13.68
CA PRO B 190 -10.80 41.14 -13.24
C PRO B 190 -9.75 42.24 -13.03
N VAL B 191 -9.02 42.13 -11.93
CA VAL B 191 -7.99 43.08 -11.58
C VAL B 191 -6.63 42.47 -11.89
N ASP B 192 -5.81 43.19 -12.64
CA ASP B 192 -4.46 42.74 -13.00
C ASP B 192 -3.53 42.85 -11.80
N MET B 193 -3.05 41.72 -11.32
CA MET B 193 -2.18 41.71 -10.15
C MET B 193 -0.74 41.34 -10.46
N THR B 194 -0.39 41.35 -11.75
CA THR B 194 0.90 40.91 -12.19
C THR B 194 2.04 41.63 -11.48
N LYS B 195 1.90 42.95 -11.31
CA LYS B 195 2.98 43.77 -10.77
C LYS B 195 3.34 43.43 -9.33
N THR B 196 2.40 42.87 -8.57
CA THR B 196 2.69 42.47 -7.18
C THR B 196 2.72 40.95 -6.94
N LEU B 197 2.09 40.15 -7.82
CA LEU B 197 1.97 38.71 -7.53
C LEU B 197 2.68 37.81 -8.53
N THR B 198 3.40 38.43 -9.47
CA THR B 198 4.32 37.70 -10.35
C THR B 198 5.69 38.32 -10.25
N PRO B 199 6.74 37.48 -10.23
CA PRO B 199 8.09 38.07 -10.14
C PRO B 199 8.40 39.02 -11.31
N ASP B 200 9.04 40.14 -11.00
CA ASP B 200 9.42 41.10 -12.03
C ASP B 200 10.33 40.41 -13.05
N GLY B 201 10.13 40.74 -14.33
CA GLY B 201 10.98 40.22 -15.38
C GLY B 201 10.55 38.89 -15.96
N GLN B 202 9.58 38.24 -15.33
CA GLN B 202 9.13 36.94 -15.77
C GLN B 202 8.31 37.09 -17.07
N ALA B 203 8.41 36.08 -17.93
CA ALA B 203 7.73 36.08 -19.23
C ALA B 203 6.55 35.13 -19.18
N TRP B 204 6.75 33.84 -19.43
CA TRP B 204 5.68 32.86 -19.29
C TRP B 204 5.28 32.76 -17.80
N ASP B 205 4.02 32.45 -17.55
CA ASP B 205 3.54 32.22 -16.20
C ASP B 205 2.27 31.38 -16.26
N ALA B 206 1.94 30.80 -15.12
CA ALA B 206 0.70 30.07 -14.94
C ALA B 206 0.29 30.17 -13.50
N VAL B 207 -1.02 30.18 -13.28
CA VAL B 207 -1.56 29.95 -11.94
C VAL B 207 -2.34 28.63 -12.01
N GLY B 208 -2.27 27.84 -10.95
CA GLY B 208 -2.92 26.51 -10.95
C GLY B 208 -2.54 25.75 -12.23
N PRO B 209 -3.50 25.25 -13.01
CA PRO B 209 -4.92 25.42 -12.82
C PRO B 209 -5.53 24.36 -11.92
N GLY B 210 -6.68 24.70 -11.33
CA GLY B 210 -7.44 23.74 -10.57
C GLY B 210 -8.11 24.36 -9.38
N ASN B 211 -7.34 24.56 -8.31
CA ASN B 211 -7.88 25.14 -7.09
C ASN B 211 -6.79 25.56 -6.12
N GLY B 212 -7.14 26.54 -5.31
CA GLY B 212 -6.42 26.89 -4.08
C GLY B 212 -7.11 26.31 -2.87
N ILE B 213 -6.57 26.60 -1.67
CA ILE B 213 -7.12 26.06 -0.45
C ILE B 213 -7.14 27.13 0.63
N LYS B 214 -7.97 26.87 1.63
CA LYS B 214 -8.01 27.64 2.87
C LYS B 214 -7.45 26.75 3.96
N LEU B 215 -6.46 27.27 4.67
CA LEU B 215 -5.84 26.50 5.73
C LEU B 215 -6.69 26.48 6.98
N SER B 216 -6.41 25.49 7.82
CA SER B 216 -7.02 25.37 9.13
C SER B 216 -6.80 26.67 9.95
N THR B 217 -5.66 27.32 9.74
CA THR B 217 -5.36 28.63 10.39
C THR B 217 -5.97 29.86 9.69
N GLY B 218 -6.62 29.64 8.54
CA GLY B 218 -7.41 30.67 7.87
C GLY B 218 -6.76 31.37 6.67
N GLU B 219 -5.46 31.18 6.45
CA GLU B 219 -4.80 31.78 5.28
C GLU B 219 -5.24 31.02 4.01
N LEU B 220 -5.19 31.74 2.90
CA LEU B 220 -5.49 31.14 1.60
C LEU B 220 -4.19 30.86 0.88
N VAL B 221 -4.11 29.72 0.19
CA VAL B 221 -2.90 29.38 -0.57
C VAL B 221 -3.31 28.96 -1.99
N ILE B 222 -2.75 29.67 -2.96
N ILE B 222 -2.75 29.67 -2.96
CA ILE B 222 -2.99 29.43 -4.36
CA ILE B 222 -2.99 29.43 -4.36
C ILE B 222 -1.65 28.98 -4.98
C ILE B 222 -1.66 28.98 -4.98
N PRO B 223 -1.65 27.82 -5.68
CA PRO B 223 -0.44 27.37 -6.34
C PRO B 223 -0.24 28.09 -7.66
N ALA B 224 1.01 28.42 -7.97
CA ALA B 224 1.34 29.06 -9.24
C ALA B 224 2.74 28.62 -9.68
N GLN B 225 3.12 29.05 -10.87
CA GLN B 225 4.45 28.69 -11.38
C GLN B 225 5.54 29.24 -10.45
N GLY B 226 6.36 28.33 -9.93
CA GLY B 226 7.53 28.72 -9.14
C GLY B 226 7.26 29.41 -7.80
N ARG B 227 5.99 29.39 -7.35
CA ARG B 227 5.61 30.14 -6.16
C ARG B 227 4.25 29.77 -5.67
N ASN B 228 3.98 30.04 -4.39
CA ASN B 228 2.62 30.07 -3.89
C ASN B 228 2.23 31.52 -3.74
N ILE B 229 0.94 31.77 -3.86
CA ILE B 229 0.34 33.07 -3.67
C ILE B 229 -0.49 32.92 -2.39
N ILE B 230 -0.22 33.79 -1.42
CA ILE B 230 -0.76 33.63 -0.07
C ILE B 230 -1.70 34.78 0.23
N GLY B 231 -2.92 34.45 0.65
CA GLY B 231 -3.93 35.46 1.02
C GLY B 231 -4.10 35.49 2.53
N ARG B 232 -3.91 36.68 3.11
CA ARG B 232 -4.08 36.87 4.54
C ARG B 232 -5.07 37.99 4.83
N GLY B 233 -5.66 37.94 6.01
CA GLY B 233 -6.62 38.96 6.41
C GLY B 233 -7.95 38.32 6.75
N PRO B 234 -8.91 39.16 7.16
CA PRO B 234 -10.25 38.70 7.45
C PRO B 234 -10.85 38.06 6.22
N SER B 235 -11.80 37.17 6.44
CA SER B 235 -12.48 36.49 5.33
C SER B 235 -13.10 37.53 4.40
N GLY B 236 -12.86 37.37 3.10
CA GLY B 236 -13.43 38.29 2.13
C GLY B 236 -12.75 39.65 2.00
N ASN B 237 -11.69 39.91 2.79
CA ASN B 237 -10.93 41.13 2.65
C ASN B 237 -9.44 40.82 2.78
N ARG B 238 -8.95 40.11 1.80
CA ARG B 238 -7.61 39.56 1.80
C ARG B 238 -6.62 40.45 1.09
N THR B 239 -5.36 40.38 1.51
CA THR B 239 -4.31 40.95 0.71
C THR B 239 -3.32 39.82 0.45
N TRP B 240 -2.66 39.90 -0.69
CA TRP B 240 -1.96 38.76 -1.25
C TRP B 240 -0.45 39.04 -1.34
N SER B 241 0.32 37.99 -1.17
CA SER B 241 1.78 38.06 -1.29
C SER B 241 2.29 36.79 -1.96
N MET B 242 3.54 36.83 -2.40
CA MET B 242 4.19 35.66 -3.02
C MET B 242 5.07 34.94 -2.02
N GLN B 243 5.03 33.61 -2.07
CA GLN B 243 6.01 32.73 -1.45
C GLN B 243 6.81 32.07 -2.57
N ILE B 244 7.99 32.59 -2.84
CA ILE B 244 8.82 32.11 -3.92
C ILE B 244 9.40 30.75 -3.51
N LEU B 245 9.35 29.80 -4.45
CA LEU B 245 9.75 28.45 -4.17
C LEU B 245 10.95 28.13 -5.04
N LYS B 246 11.79 27.23 -4.54
CA LYS B 246 12.89 26.70 -5.32
C LYS B 246 12.54 25.33 -5.83
N GLY B 247 12.62 25.14 -7.15
CA GLY B 247 12.37 23.85 -7.76
C GLY B 247 10.93 23.49 -8.01
N ALA B 248 10.00 24.44 -7.82
CA ALA B 248 8.59 24.15 -8.08
C ALA B 248 8.30 24.12 -9.58
N GLY B 249 7.22 23.44 -9.92
CA GLY B 249 6.79 23.36 -11.31
C GLY B 249 5.99 24.55 -11.76
N SER B 250 5.51 24.47 -12.99
CA SER B 250 4.68 25.47 -13.59
C SER B 250 3.21 25.28 -13.21
N GLU B 251 2.72 24.04 -13.29
CA GLU B 251 1.36 23.68 -12.92
C GLU B 251 1.36 22.88 -11.64
N GLY B 252 1.01 23.55 -10.54
CA GLY B 252 1.13 22.93 -9.22
C GLY B 252 -0.21 22.70 -8.58
N THR B 253 -0.20 21.81 -7.59
CA THR B 253 -1.34 21.61 -6.72
C THR B 253 -0.90 21.86 -5.31
N ILE B 254 -1.81 22.32 -4.48
CA ILE B 254 -1.53 22.58 -3.07
C ILE B 254 -2.56 21.85 -2.23
N CYS B 255 -2.11 21.40 -1.07
CA CYS B 255 -2.89 20.63 -0.16
C CYS B 255 -2.38 20.86 1.25
N GLN B 256 -3.28 20.94 2.24
CA GLN B 256 -2.88 20.88 3.64
C GLN B 256 -3.16 19.46 4.11
N THR B 257 -2.09 18.72 4.38
CA THR B 257 -2.21 17.33 4.77
C THR B 257 -2.68 17.21 6.23
N PRO B 258 -3.12 16.01 6.65
CA PRO B 258 -3.72 15.90 7.99
C PRO B 258 -2.80 16.33 9.13
N ASP B 259 -1.49 16.21 8.93
CA ASP B 259 -0.51 16.70 9.91
C ASP B 259 -0.42 18.23 10.02
N GLY B 260 -1.17 18.95 9.19
CA GLY B 260 -1.20 20.40 9.20
C GLY B 260 -0.19 21.06 8.29
N LYS B 261 0.69 20.27 7.70
CA LYS B 261 1.72 20.81 6.81
C LYS B 261 1.16 21.09 5.41
N LEU B 262 1.86 21.96 4.68
CA LEU B 262 1.55 22.20 3.27
C LEU B 262 2.27 21.20 2.41
N MET B 263 1.65 20.88 1.28
CA MET B 263 2.30 20.03 0.28
C MET B 263 2.02 20.59 -1.11
N ARG B 264 3.09 20.69 -1.92
CA ARG B 264 2.97 20.98 -3.33
C ARG B 264 3.18 19.69 -4.06
N ASN B 265 2.24 19.34 -4.93
CA ASN B 265 2.37 18.13 -5.75
C ASN B 265 2.22 18.64 -7.18
N ASP B 266 3.33 18.64 -7.93
CA ASP B 266 3.42 19.41 -9.15
C ASP B 266 3.64 18.55 -10.38
N ARG B 267 3.16 19.08 -11.51
CA ARG B 267 3.46 18.52 -12.82
C ARG B 267 4.97 18.62 -13.02
N PRO B 268 5.62 17.50 -13.40
CA PRO B 268 7.05 17.51 -13.65
C PRO B 268 7.39 18.15 -14.98
N GLY B 269 8.60 18.67 -15.10
CA GLY B 269 9.10 19.11 -16.39
C GLY B 269 9.24 17.90 -17.32
N PRO B 270 10.15 16.99 -17.00
CA PRO B 270 10.24 15.77 -17.82
C PRO B 270 9.16 14.76 -17.45
N MET B 271 8.65 14.04 -18.45
CA MET B 271 7.69 12.99 -18.22
C MET B 271 8.28 11.99 -17.22
N GLY B 272 7.43 11.48 -16.34
CA GLY B 272 7.83 10.41 -15.44
C GLY B 272 6.95 10.27 -14.23
N HIS B 273 7.16 11.18 -13.27
CA HIS B 273 6.48 11.12 -12.00
C HIS B 273 6.23 12.51 -11.46
N ARG B 274 5.28 12.60 -10.54
CA ARG B 274 4.99 13.85 -9.88
C ARG B 274 6.20 14.34 -9.10
N SER B 275 6.27 15.66 -8.95
CA SER B 275 7.31 16.32 -8.21
C SER B 275 6.69 16.93 -6.95
N VAL B 276 7.17 16.51 -5.78
CA VAL B 276 6.50 16.83 -4.52
C VAL B 276 7.43 17.50 -3.51
N ALA B 277 6.87 18.48 -2.79
CA ALA B 277 7.57 19.15 -1.68
C ALA B 277 6.62 19.41 -0.54
N ARG B 278 7.16 19.43 0.68
CA ARG B 278 6.35 19.62 1.88
C ARG B 278 6.98 20.69 2.75
N GLY B 279 6.15 21.40 3.52
CA GLY B 279 6.65 22.39 4.46
C GLY B 279 5.49 23.20 5.06
N THR B 280 5.70 24.49 5.25
CA THR B 280 4.76 25.38 5.91
C THR B 280 4.74 26.73 5.16
N LEU B 281 3.95 27.67 5.66
CA LEU B 281 4.01 29.05 5.17
C LEU B 281 5.37 29.73 5.37
N ALA B 282 6.21 29.19 6.27
CA ALA B 282 7.57 29.72 6.42
C ALA B 282 8.55 29.19 5.35
N GLY B 283 8.14 28.15 4.61
CA GLY B 283 8.97 27.63 3.54
C GLY B 283 8.75 26.16 3.27
N LEU B 284 9.01 25.77 2.03
CA LEU B 284 8.93 24.37 1.62
C LEU B 284 10.32 23.77 1.54
N GLY B 285 10.40 22.47 1.81
CA GLY B 285 11.62 21.72 1.62
C GLY B 285 11.84 21.48 0.13
N PRO B 286 12.89 20.74 -0.21
CA PRO B 286 13.17 20.49 -1.62
C PRO B 286 12.08 19.68 -2.33
N PHE B 287 11.88 19.95 -3.62
CA PHE B 287 11.06 19.11 -4.44
C PHE B 287 11.83 17.86 -4.85
N ALA B 288 11.15 16.73 -4.92
CA ALA B 288 11.75 15.49 -5.41
C ALA B 288 10.69 14.64 -6.07
N THR B 289 11.10 13.78 -7.00
CA THR B 289 10.13 12.94 -7.69
C THR B 289 9.51 11.99 -6.68
N ASP B 290 8.21 11.75 -6.83
CA ASP B 290 7.49 10.74 -6.05
C ASP B 290 7.27 9.51 -6.95
N ASN B 291 8.03 8.44 -6.71
CA ASN B 291 7.97 7.27 -7.58
C ASN B 291 6.68 6.45 -7.49
N GLY B 292 5.86 6.72 -6.48
CA GLY B 292 4.55 6.10 -6.37
C GLY B 292 3.50 6.74 -7.27
N LEU B 293 3.82 7.88 -7.88
CA LEU B 293 2.86 8.66 -8.68
C LEU B 293 3.34 8.96 -10.09
N PRO B 294 3.27 7.95 -10.98
CA PRO B 294 3.67 8.25 -12.34
C PRO B 294 2.81 9.36 -12.96
N ASP B 295 3.43 10.13 -13.86
CA ASP B 295 2.77 11.23 -14.53
C ASP B 295 3.44 11.51 -15.86
N PRO B 296 2.66 11.82 -16.90
CA PRO B 296 3.20 12.05 -18.22
C PRO B 296 3.52 13.51 -18.56
N ALA B 297 3.87 14.32 -17.56
CA ALA B 297 3.98 15.78 -17.70
C ALA B 297 2.61 16.35 -18.08
N CYS B 298 1.69 16.22 -17.14
CA CYS B 298 0.32 16.73 -17.26
C CYS B 298 -0.14 17.23 -15.90
N GLN B 299 -1.15 18.10 -15.92
CA GLN B 299 -1.74 18.58 -14.69
C GLN B 299 -2.41 17.45 -13.93
N GLY B 300 -2.45 17.60 -12.61
CA GLY B 300 -3.16 16.69 -11.72
C GLY B 300 -4.00 17.48 -10.75
N SER B 301 -4.76 16.79 -9.93
CA SER B 301 -5.55 17.46 -8.89
C SER B 301 -5.49 16.69 -7.57
N ILE B 302 -5.72 17.40 -6.50
CA ILE B 302 -5.61 16.82 -5.18
C ILE B 302 -6.68 17.45 -4.31
N LEU B 303 -7.15 16.69 -3.33
CA LEU B 303 -8.23 17.13 -2.45
C LEU B 303 -8.11 16.55 -1.05
N SER B 304 -8.09 17.42 -0.06
N SER B 304 -8.09 17.42 -0.06
CA SER B 304 -8.23 16.97 1.32
CA SER B 304 -8.23 16.97 1.32
C SER B 304 -9.69 16.65 1.56
C SER B 304 -9.70 16.65 1.56
N TYR B 305 -10.00 15.37 1.71
CA TYR B 305 -11.40 14.91 1.81
C TYR B 305 -11.94 15.10 3.20
N ASN B 306 -11.18 14.71 4.21
CA ASN B 306 -11.63 14.85 5.59
C ASN B 306 -10.42 14.80 6.50
N SER B 307 -10.54 15.46 7.66
CA SER B 307 -9.44 15.50 8.64
C SER B 307 -9.70 14.65 9.89
N ASP B 308 -10.96 14.30 10.13
CA ASP B 308 -11.32 13.34 11.18
C ASP B 308 -10.94 11.90 10.80
N GLU B 309 -11.08 10.97 11.73
CA GLU B 309 -10.61 9.60 11.52
C GLU B 309 -11.52 8.77 10.59
N PRO B 310 -10.98 8.07 9.58
CA PRO B 310 -9.59 8.17 9.15
C PRO B 310 -9.41 9.34 8.17
N ALA B 311 -8.33 10.09 8.31
CA ALA B 311 -8.08 11.24 7.45
C ALA B 311 -7.70 10.77 6.06
N ARG B 312 -8.26 11.40 5.05
CA ARG B 312 -8.01 10.97 3.66
C ARG B 312 -7.67 12.12 2.73
N THR B 313 -6.72 11.88 1.83
CA THR B 313 -6.34 12.79 0.78
C THR B 313 -6.60 12.05 -0.51
N ILE B 314 -7.23 12.73 -1.45
CA ILE B 314 -7.58 12.14 -2.74
C ILE B 314 -6.70 12.77 -3.81
N PHE B 315 -6.19 11.94 -4.72
CA PHE B 315 -5.34 12.42 -5.82
C PHE B 315 -5.87 11.86 -7.13
N MET B 316 -5.84 12.69 -8.16
CA MET B 316 -6.25 12.28 -9.50
C MET B 316 -5.25 12.79 -10.53
N ASN B 317 -4.82 11.89 -11.43
CA ASN B 317 -3.98 12.29 -12.55
C ASN B 317 -4.01 11.14 -13.57
N SER B 318 -3.23 11.26 -14.63
CA SER B 318 -3.07 10.12 -15.55
C SER B 318 -1.86 9.32 -15.06
N ALA B 319 -2.13 8.12 -14.57
CA ALA B 319 -1.15 7.28 -13.90
C ALA B 319 -0.32 6.53 -14.94
N SER B 320 0.53 7.28 -15.63
CA SER B 320 1.31 6.75 -16.75
C SER B 320 2.50 7.67 -16.95
N THR B 321 3.62 7.11 -17.39
CA THR B 321 4.81 7.95 -17.60
C THR B 321 4.79 8.60 -18.97
N ASP B 322 3.87 8.19 -19.86
CA ASP B 322 3.87 8.76 -21.21
C ASP B 322 2.52 9.10 -21.89
N ARG B 323 1.36 8.72 -21.32
CA ARG B 323 0.08 9.12 -21.91
C ARG B 323 -0.90 9.71 -20.89
N ARG B 324 -1.86 10.47 -21.41
CA ARG B 324 -2.87 11.16 -20.59
C ARG B 324 -4.18 10.40 -20.41
N THR B 325 -4.25 9.22 -21.00
CA THR B 325 -5.49 8.43 -21.03
C THR B 325 -5.51 7.29 -20.00
N ALA B 326 -4.74 7.44 -18.91
CA ALA B 326 -4.71 6.42 -17.86
C ALA B 326 -5.21 7.02 -16.54
N MET B 327 -6.34 7.74 -16.60
CA MET B 327 -6.83 8.46 -15.42
C MET B 327 -7.07 7.53 -14.23
N ARG B 328 -6.57 7.94 -13.05
CA ARG B 328 -6.62 7.12 -11.87
C ARG B 328 -6.93 8.04 -10.70
N VAL B 329 -7.89 7.65 -9.86
CA VAL B 329 -8.14 8.36 -8.62
C VAL B 329 -7.70 7.47 -7.44
N ARG B 330 -7.05 8.08 -6.46
CA ARG B 330 -6.41 7.35 -5.37
C ARG B 330 -6.66 8.02 -4.02
N ILE B 331 -6.51 7.22 -2.96
CA ILE B 331 -6.58 7.69 -1.58
C ILE B 331 -5.25 7.48 -0.84
N SER B 332 -4.86 8.47 -0.05
CA SER B 332 -3.83 8.30 0.95
C SER B 332 -4.43 8.48 2.32
N TYR B 333 -4.04 7.59 3.24
CA TYR B 333 -4.41 7.66 4.64
C TYR B 333 -3.28 8.23 5.50
N ASP B 334 -2.15 8.58 4.88
CA ASP B 334 -0.97 9.05 5.60
C ASP B 334 -1.14 10.51 6.05
N LYS B 335 -0.62 10.79 7.24
CA LYS B 335 -0.69 12.15 7.79
C LYS B 335 0.04 13.19 6.94
N ASP B 336 1.02 12.75 6.16
CA ASP B 336 1.78 13.60 5.24
C ASP B 336 1.50 13.25 3.78
N ALA B 337 0.48 12.42 3.53
CA ALA B 337 0.14 11.91 2.20
C ALA B 337 1.35 11.30 1.47
N ALA B 338 2.23 10.61 2.19
CA ALA B 338 3.42 10.04 1.59
C ALA B 338 3.10 8.96 0.54
N LYS B 339 2.13 8.11 0.83
CA LYS B 339 1.80 6.97 -0.04
C LYS B 339 0.31 6.89 -0.35
N PHE B 340 0.02 6.74 -1.64
CA PHE B 340 -1.34 6.55 -2.13
C PHE B 340 -1.56 5.11 -2.55
N ASN B 341 -2.80 4.65 -2.46
CA ASN B 341 -3.12 3.31 -2.93
C ASN B 341 -3.20 3.26 -4.47
N PHE B 342 -3.42 2.07 -4.99
CA PHE B 342 -3.58 1.90 -6.43
C PHE B 342 -4.78 2.74 -6.87
N GLY B 343 -5.85 2.65 -6.08
CA GLY B 343 -7.06 3.42 -6.31
C GLY B 343 -7.93 2.76 -7.34
N ARG B 344 -8.49 3.56 -8.24
CA ARG B 344 -9.32 3.03 -9.31
C ARG B 344 -9.12 3.77 -10.62
N GLU B 345 -9.08 2.99 -11.70
CA GLU B 345 -9.00 3.53 -13.05
C GLU B 345 -10.38 4.07 -13.43
N LEU B 346 -10.43 5.30 -13.95
CA LEU B 346 -11.73 5.88 -14.34
C LEU B 346 -12.38 5.12 -15.51
N LYS B 347 -11.58 4.41 -16.31
CA LYS B 347 -12.08 3.50 -17.36
C LYS B 347 -13.00 2.41 -16.84
N ASP B 348 -12.95 2.12 -15.56
CA ASP B 348 -13.87 1.17 -14.94
C ASP B 348 -15.30 1.70 -14.97
N ALA B 349 -15.50 3.01 -15.09
CA ALA B 349 -16.84 3.60 -15.29
C ALA B 349 -16.79 4.45 -16.54
N PRO B 350 -16.70 3.80 -17.71
CA PRO B 350 -16.49 4.57 -18.92
C PRO B 350 -17.75 5.27 -19.36
N LEU B 351 -17.55 6.35 -20.11
CA LEU B 351 -18.64 7.12 -20.61
C LEU B 351 -18.53 7.14 -22.11
N GLY B 352 -19.62 6.80 -22.77
CA GLY B 352 -19.70 6.86 -24.22
C GLY B 352 -20.03 8.26 -24.72
N ASN B 353 -19.76 8.46 -26.00
CA ASN B 353 -20.19 9.63 -26.75
C ASN B 353 -19.52 10.92 -26.28
N VAL B 354 -18.32 10.82 -25.71
CA VAL B 354 -17.56 12.00 -25.28
C VAL B 354 -16.08 12.02 -25.71
N GLY B 355 -15.69 11.14 -26.62
CA GLY B 355 -14.30 11.05 -27.01
C GLY B 355 -13.50 10.21 -26.02
N ASN B 356 -12.19 10.35 -26.10
CA ASN B 356 -11.26 9.55 -25.30
C ASN B 356 -10.93 10.33 -24.03
N GLU B 357 -11.37 9.81 -22.91
CA GLU B 357 -11.19 10.52 -21.65
C GLU B 357 -9.73 10.54 -21.20
N GLY B 358 -9.34 11.70 -20.69
CA GLY B 358 -8.03 11.83 -20.04
C GLY B 358 -7.41 13.18 -20.24
N GLY B 359 -6.77 13.68 -19.19
CA GLY B 359 -6.07 14.97 -19.26
C GLY B 359 -6.19 15.66 -17.91
N TYR B 360 -6.39 16.98 -17.97
CA TYR B 360 -6.47 17.81 -16.75
C TYR B 360 -7.73 17.46 -15.97
N SER B 361 -7.69 17.66 -14.65
CA SER B 361 -8.79 17.31 -13.79
C SER B 361 -8.89 18.27 -12.64
N SER B 362 -10.06 18.25 -12.00
CA SER B 362 -10.26 19.04 -10.76
C SER B 362 -11.28 18.34 -9.92
N MET B 363 -11.07 18.35 -8.61
CA MET B 363 -12.01 17.65 -7.70
C MET B 363 -12.53 18.55 -6.59
N THR B 364 -13.77 18.27 -6.20
CA THR B 364 -14.37 18.86 -4.99
C THR B 364 -15.14 17.79 -4.18
N LYS B 365 -15.43 18.11 -2.92
CA LYS B 365 -16.31 17.27 -2.13
C LYS B 365 -17.71 17.87 -2.26
N THR B 366 -18.72 17.05 -2.47
CA THR B 366 -20.09 17.58 -2.54
C THR B 366 -20.77 17.42 -1.19
N SER B 367 -21.88 18.11 -1.01
CA SER B 367 -22.61 18.07 0.27
C SER B 367 -23.10 16.67 0.64
N ASP B 368 -23.37 15.85 -0.36
CA ASP B 368 -23.84 14.48 -0.15
C ASP B 368 -22.69 13.44 -0.12
N TYR B 369 -21.52 13.83 0.35
CA TYR B 369 -20.43 12.88 0.61
C TYR B 369 -20.06 12.10 -0.66
N LYS B 370 -19.93 12.84 -1.75
CA LYS B 370 -19.35 12.31 -2.97
C LYS B 370 -18.13 13.16 -3.31
N ILE B 371 -17.28 12.59 -4.14
CA ILE B 371 -16.27 13.36 -4.85
C ILE B 371 -16.86 13.72 -6.21
N GLY B 372 -16.79 15.01 -6.54
CA GLY B 372 -17.12 15.53 -7.86
C GLY B 372 -15.87 15.86 -8.60
N ALA B 373 -15.68 15.30 -9.81
CA ALA B 373 -14.48 15.56 -10.60
C ALA B 373 -14.81 16.00 -12.00
N LEU B 374 -14.13 17.04 -12.46
CA LEU B 374 -14.13 17.40 -13.90
C LEU B 374 -12.92 16.75 -14.52
N VAL B 375 -13.12 16.12 -15.67
CA VAL B 375 -12.02 15.47 -16.37
C VAL B 375 -12.10 15.79 -17.85
N GLU B 376 -10.97 16.20 -18.42
CA GLU B 376 -10.89 16.46 -19.86
C GLU B 376 -11.07 15.19 -20.67
N SER B 377 -11.61 15.39 -21.87
CA SER B 377 -11.74 14.34 -22.87
C SER B 377 -11.48 14.90 -24.26
N ASP B 378 -10.99 14.03 -25.17
CA ASP B 378 -10.47 14.48 -26.47
C ASP B 378 -11.09 13.60 -27.57
N TRP B 379 -11.78 14.23 -28.51
CA TRP B 379 -12.39 13.49 -29.62
C TRP B 379 -11.35 12.94 -30.59
N TYR B 380 -10.19 13.58 -30.59
CA TYR B 380 -8.98 13.11 -31.30
C TYR B 380 -9.14 13.02 -32.82
N GLU B 381 -10.04 13.82 -33.41
CA GLU B 381 -10.34 13.68 -34.86
C GLU B 381 -9.19 14.06 -35.79
N ASP B 382 -8.41 15.05 -35.38
CA ASP B 382 -7.28 15.60 -36.11
C ASP B 382 -6.01 15.10 -35.39
N LYS B 383 -6.16 14.00 -34.65
CA LYS B 383 -5.12 13.45 -33.76
C LYS B 383 -4.71 14.53 -32.78
N GLY B 384 -3.41 14.80 -32.65
CA GLY B 384 -2.89 15.86 -31.78
C GLY B 384 -2.98 17.25 -32.38
N GLY B 385 -3.54 17.36 -33.59
CA GLY B 385 -3.63 18.63 -34.26
C GLY B 385 -4.66 19.55 -33.61
N GLU B 386 -4.66 20.80 -34.04
CA GLU B 386 -5.45 21.83 -33.37
C GLU B 386 -6.94 21.70 -33.58
N LYS B 387 -7.35 20.94 -34.57
CA LYS B 387 -8.78 20.86 -34.89
C LYS B 387 -9.52 19.82 -34.05
N SER B 388 -8.81 18.99 -33.26
CA SER B 388 -9.51 17.97 -32.44
C SER B 388 -10.35 18.64 -31.34
N HIS B 389 -11.63 18.33 -31.32
CA HIS B 389 -12.52 18.92 -30.32
C HIS B 389 -12.31 18.33 -28.94
N ARG B 390 -12.34 19.20 -27.93
CA ARG B 390 -12.13 18.77 -26.54
C ARG B 390 -13.37 19.13 -25.70
N CYS B 391 -13.77 18.19 -24.84
CA CYS B 391 -14.92 18.41 -23.96
C CYS B 391 -14.52 18.06 -22.51
N ILE B 392 -15.40 18.36 -21.57
CA ILE B 392 -15.12 18.07 -20.18
C ILE B 392 -16.28 17.31 -19.53
N ILE B 393 -15.91 16.21 -18.88
CA ILE B 393 -16.82 15.28 -18.21
C ILE B 393 -16.92 15.65 -16.72
N TRP B 394 -18.14 15.52 -16.18
CA TRP B 394 -18.40 15.63 -14.75
C TRP B 394 -18.74 14.26 -14.20
N ARG B 395 -17.90 13.82 -13.26
CA ARG B 395 -18.04 12.56 -12.58
C ARG B 395 -18.37 12.79 -11.13
N ARG B 396 -19.22 11.93 -10.58
CA ARG B 396 -19.38 11.85 -9.15
C ARG B 396 -19.20 10.39 -8.75
N PHE B 397 -18.55 10.20 -7.62
CA PHE B 397 -18.37 8.88 -7.07
C PHE B 397 -18.15 8.97 -5.57
N ASN B 398 -18.45 7.89 -4.87
CA ASN B 398 -18.21 7.83 -3.43
C ASN B 398 -16.89 7.13 -3.13
N LEU B 399 -16.47 7.18 -1.87
CA LEU B 399 -15.21 6.54 -1.47
C LEU B 399 -15.25 5.03 -1.75
N SER B 400 -16.40 4.41 -1.56
CA SER B 400 -16.56 2.98 -1.77
C SER B 400 -16.18 2.59 -3.20
N TRP B 401 -16.57 3.44 -4.16
CA TRP B 401 -16.25 3.19 -5.54
C TRP B 401 -14.72 3.11 -5.74
N ILE B 402 -13.98 3.98 -5.07
CA ILE B 402 -12.53 3.96 -5.15
C ILE B 402 -11.95 2.76 -4.38
N ILE B 403 -12.40 2.58 -3.15
CA ILE B 403 -11.87 1.55 -2.25
C ILE B 403 -12.04 0.13 -2.82
N ASN B 404 -13.19 -0.11 -3.45
CA ASN B 404 -13.54 -1.45 -3.94
C ASN B 404 -13.18 -1.65 -5.41
N GLY B 405 -12.25 -0.84 -5.92
CA GLY B 405 -11.74 -1.05 -7.27
C GLY B 405 -11.02 -2.39 -7.32
N PRO B 406 -11.07 -3.05 -8.49
CA PRO B 406 -10.58 -4.43 -8.64
C PRO B 406 -9.11 -4.63 -8.27
N ASN B 407 -8.25 -3.66 -8.55
CA ASN B 407 -6.81 -3.77 -8.28
C ASN B 407 -6.41 -3.09 -6.99
N ASN B 408 -7.41 -2.68 -6.21
CA ASN B 408 -7.17 -1.98 -4.97
C ASN B 408 -7.30 -2.92 -3.78
N ASP C 25 17.89 2.40 -4.55
CA ASP C 25 16.47 1.91 -4.64
C ASP C 25 16.45 0.41 -4.93
N ASP C 26 15.52 -0.31 -4.31
CA ASP C 26 15.34 -1.75 -4.57
C ASP C 26 14.54 -1.93 -5.86
N PRO C 27 15.15 -2.50 -6.91
CA PRO C 27 14.41 -2.65 -8.18
C PRO C 27 13.11 -3.47 -8.09
N ALA C 28 13.02 -4.38 -7.12
CA ALA C 28 11.79 -5.15 -6.92
C ALA C 28 10.59 -4.30 -6.49
N GLY C 29 10.86 -3.13 -5.92
CA GLY C 29 9.80 -2.21 -5.49
C GLY C 29 8.99 -1.57 -6.62
N LYS C 30 9.49 -1.65 -7.85
CA LYS C 30 8.78 -1.05 -8.99
C LYS C 30 7.71 -1.98 -9.56
N ALA C 31 7.74 -3.23 -9.15
CA ALA C 31 6.74 -4.20 -9.61
C ALA C 31 5.38 -3.90 -9.01
N ALA C 32 4.33 -4.40 -9.67
CA ALA C 32 2.99 -4.33 -9.12
C ALA C 32 2.94 -5.17 -7.83
N GLN C 33 2.26 -4.66 -6.81
CA GLN C 33 2.13 -5.39 -5.55
C GLN C 33 1.27 -6.63 -5.75
N TYR C 34 1.67 -7.71 -5.09
CA TYR C 34 0.93 -8.96 -5.10
C TYR C 34 0.79 -9.52 -3.70
N HIS C 35 -0.43 -9.89 -3.33
CA HIS C 35 -0.69 -10.66 -2.14
C HIS C 35 -1.94 -11.52 -2.36
N LYS C 36 -1.91 -12.69 -1.73
CA LYS C 36 -2.99 -13.67 -1.76
C LYS C 36 -2.92 -14.40 -0.43
N GLU C 37 -4.06 -14.80 0.11
CA GLU C 37 -4.07 -15.47 1.40
C GLU C 37 -5.34 -16.31 1.60
N TYR C 38 -5.18 -17.49 2.19
CA TYR C 38 -6.28 -18.38 2.52
C TYR C 38 -5.86 -19.42 3.54
N ALA C 39 -6.84 -20.01 4.24
CA ALA C 39 -6.55 -21.04 5.20
C ALA C 39 -6.07 -22.30 4.50
N LEU C 40 -4.96 -22.86 4.97
CA LEU C 40 -4.42 -24.10 4.41
C LEU C 40 -4.64 -25.31 5.34
N PHE C 41 -4.61 -25.11 6.66
CA PHE C 41 -4.90 -26.18 7.60
C PHE C 41 -6.10 -25.69 8.39
N ARG C 42 -7.22 -26.31 8.12
CA ARG C 42 -8.54 -25.88 8.62
C ARG C 42 -8.95 -26.72 9.83
N SER C 43 -9.09 -26.07 11.00
CA SER C 43 -9.41 -26.73 12.24
C SER C 43 -10.82 -27.33 12.23
N ALA C 44 -11.07 -28.21 13.20
CA ALA C 44 -12.28 -29.04 13.23
C ALA C 44 -13.57 -28.23 13.27
N ASN C 45 -13.49 -26.98 13.75
CA ASN C 45 -14.69 -26.13 13.84
C ASN C 45 -15.06 -25.43 12.52
N MET C 46 -14.19 -25.51 11.52
CA MET C 46 -14.36 -24.78 10.29
C MET C 46 -15.07 -25.68 9.27
N PRO C 47 -15.78 -25.10 8.31
CA PRO C 47 -16.29 -25.89 7.19
C PRO C 47 -15.13 -26.58 6.48
N SER C 48 -15.37 -27.78 5.97
CA SER C 48 -14.36 -28.55 5.24
C SER C 48 -13.06 -28.63 6.07
N PRO C 49 -13.17 -29.15 7.29
CA PRO C 49 -12.00 -29.28 8.13
C PRO C 49 -11.02 -30.29 7.52
N ASP C 50 -9.74 -30.10 7.79
CA ASP C 50 -8.70 -31.03 7.27
C ASP C 50 -8.65 -32.32 8.09
N LYS C 51 -8.76 -33.44 7.40
CA LYS C 51 -8.75 -34.77 7.98
C LYS C 51 -7.83 -35.66 7.16
N LEU C 52 -7.30 -36.68 7.81
CA LEU C 52 -6.52 -37.71 7.11
C LEU C 52 -7.49 -38.64 6.38
N ALA C 53 -6.99 -39.38 5.40
CA ALA C 53 -7.81 -40.37 4.66
C ALA C 53 -8.38 -41.48 5.57
N THR C 54 -7.75 -41.69 6.73
CA THR C 54 -8.27 -42.62 7.72
C THR C 54 -9.53 -42.10 8.43
N GLY C 55 -9.84 -40.82 8.26
CA GLY C 55 -10.96 -40.20 8.95
C GLY C 55 -10.55 -39.48 10.20
N VAL C 56 -9.28 -39.59 10.61
CA VAL C 56 -8.79 -38.84 11.76
C VAL C 56 -8.75 -37.35 11.46
N GLY C 57 -9.48 -36.58 12.26
CA GLY C 57 -9.45 -35.12 12.18
C GLY C 57 -8.70 -34.52 13.37
N PHE C 58 -8.62 -33.20 13.36
CA PHE C 58 -7.82 -32.50 14.35
C PHE C 58 -8.53 -31.26 14.87
N HIS C 59 -8.57 -31.16 16.19
CA HIS C 59 -9.09 -29.96 16.84
C HIS C 59 -8.37 -28.72 16.32
N SER C 60 -7.04 -28.77 16.34
CA SER C 60 -6.24 -27.63 16.01
C SER C 60 -5.02 -28.05 15.19
N PHE C 61 -4.54 -27.09 14.42
CA PHE C 61 -3.26 -27.19 13.73
C PHE C 61 -2.40 -26.03 14.21
N ARG C 62 -1.15 -26.36 14.60
CA ARG C 62 -0.22 -25.36 15.08
C ARG C 62 1.15 -25.75 14.57
N ILE C 63 2.07 -24.82 14.72
CA ILE C 63 3.50 -25.10 14.55
C ILE C 63 3.86 -25.39 13.08
N PRO C 64 3.71 -24.36 12.23
CA PRO C 64 3.94 -24.55 10.81
C PRO C 64 5.42 -24.64 10.45
N ALA C 65 5.70 -25.36 9.36
CA ALA C 65 7.01 -25.33 8.69
C ALA C 65 6.79 -25.49 7.20
N VAL C 66 7.51 -24.74 6.40
CA VAL C 66 7.32 -24.82 4.95
C VAL C 66 8.67 -24.77 4.25
N VAL C 67 8.80 -25.57 3.18
CA VAL C 67 9.98 -25.49 2.32
C VAL C 67 9.60 -25.71 0.86
N ARG C 68 10.35 -25.06 -0.02
CA ARG C 68 10.31 -25.36 -1.46
C ARG C 68 11.41 -26.35 -1.76
N THR C 69 11.03 -27.45 -2.41
CA THR C 69 11.99 -28.46 -2.83
C THR C 69 12.65 -28.01 -4.12
N ASN C 70 13.70 -28.74 -4.49
CA ASN C 70 14.41 -28.40 -5.71
C ASN C 70 13.63 -28.68 -7.00
N THR C 71 12.46 -29.32 -6.92
CA THR C 71 11.59 -29.43 -8.04
C THR C 71 10.65 -28.20 -8.22
N GLY C 72 10.52 -27.43 -7.13
CA GLY C 72 9.57 -26.33 -7.13
C GLY C 72 8.34 -26.67 -6.28
N ARG C 73 8.19 -27.95 -5.92
CA ARG C 73 7.07 -28.38 -5.09
C ARG C 73 7.20 -27.77 -3.70
N ILE C 74 6.07 -27.40 -3.12
CA ILE C 74 6.10 -26.85 -1.76
C ILE C 74 5.57 -27.89 -0.80
N LEU C 75 6.24 -28.02 0.34
CA LEU C 75 5.87 -28.95 1.40
C LEU C 75 5.53 -28.10 2.61
N ALA C 76 4.32 -28.28 3.14
CA ALA C 76 3.83 -27.55 4.32
C ALA C 76 3.55 -28.55 5.42
N PHE C 77 4.18 -28.34 6.58
CA PHE C 77 4.07 -29.24 7.71
C PHE C 77 3.40 -28.53 8.86
N ALA C 78 2.77 -29.31 9.72
CA ALA C 78 2.20 -28.79 10.94
C ALA C 78 2.03 -29.87 11.97
N GLU C 79 1.79 -29.46 13.23
CA GLU C 79 1.29 -30.37 14.23
C GLU C 79 -0.25 -30.42 14.14
N GLY C 80 -0.76 -31.64 14.02
CA GLY C 80 -2.19 -31.91 14.13
C GLY C 80 -2.45 -32.29 15.57
N ARG C 81 -3.10 -31.38 16.29
CA ARG C 81 -3.37 -31.60 17.70
C ARG C 81 -4.81 -32.13 17.79
N ARG C 82 -4.92 -33.41 18.16
CA ARG C 82 -6.16 -34.14 17.96
C ARG C 82 -7.33 -33.61 18.77
N HIS C 83 -7.12 -33.42 20.08
CA HIS C 83 -8.28 -33.22 20.97
C HIS C 83 -8.45 -31.84 21.56
N ASN C 84 -7.43 -31.02 21.51
CA ASN C 84 -7.45 -29.67 22.04
C ASN C 84 -6.21 -28.97 21.54
N ASN C 85 -5.96 -27.73 21.97
CA ASN C 85 -4.84 -26.97 21.41
C ASN C 85 -3.53 -27.11 22.19
N ARG C 86 -3.47 -27.99 23.19
CA ARG C 86 -2.30 -28.05 24.07
C ARG C 86 -1.11 -28.70 23.38
N ASP C 87 0.07 -28.42 23.92
CA ASP C 87 1.35 -28.87 23.36
C ASP C 87 1.65 -30.35 23.60
N TYR C 88 0.87 -30.98 24.47
CA TYR C 88 1.04 -32.35 24.92
C TYR C 88 -0.15 -33.20 24.49
N GLY C 89 -0.04 -34.49 24.75
CA GLY C 89 -1.04 -35.45 24.36
C GLY C 89 -0.86 -35.96 22.95
N ASP C 90 -1.96 -36.44 22.38
CA ASP C 90 -1.93 -37.14 21.08
C ASP C 90 -1.84 -36.11 19.96
N ILE C 91 -0.64 -35.95 19.39
CA ILE C 91 -0.36 -34.92 18.41
C ILE C 91 0.44 -35.60 17.31
N ASN C 92 0.03 -35.37 16.07
CA ASN C 92 0.64 -36.01 14.89
C ASN C 92 1.29 -34.98 14.01
N LEU C 93 2.38 -35.38 13.34
CA LEU C 93 3.04 -34.47 12.45
C LEU C 93 2.42 -34.73 11.08
N VAL C 94 1.74 -33.70 10.57
CA VAL C 94 1.01 -33.80 9.31
C VAL C 94 1.58 -32.87 8.27
N TYR C 95 1.15 -33.06 7.02
CA TYR C 95 1.66 -32.22 5.95
C TYR C 95 0.75 -32.22 4.73
N LYS C 96 0.96 -31.21 3.89
CA LYS C 96 0.39 -31.16 2.56
C LYS C 96 1.51 -30.79 1.58
N ARG C 97 1.38 -31.24 0.34
CA ARG C 97 2.25 -30.77 -0.73
C ARG C 97 1.45 -30.10 -1.80
N THR C 98 2.08 -29.23 -2.57
CA THR C 98 1.43 -28.77 -3.80
C THR C 98 1.30 -29.97 -4.75
N LYS C 99 0.20 -29.99 -5.49
CA LYS C 99 -0.13 -31.13 -6.35
C LYS C 99 0.89 -31.34 -7.44
N SER C 100 1.45 -30.24 -7.96
CA SER C 100 2.53 -30.29 -8.94
C SER C 100 3.71 -29.46 -8.48
N PRO C 101 4.89 -29.70 -9.07
CA PRO C 101 6.06 -28.86 -8.77
C PRO C 101 5.94 -27.43 -9.29
N THR C 102 5.01 -27.19 -10.20
CA THR C 102 4.94 -25.91 -10.91
C THR C 102 3.83 -24.94 -10.46
N ASN C 103 2.91 -25.37 -9.59
CA ASN C 103 1.74 -24.51 -9.34
C ASN C 103 1.97 -23.45 -8.25
N ASN C 104 3.06 -23.59 -7.50
CA ASN C 104 3.49 -22.56 -6.54
C ASN C 104 2.49 -22.25 -5.42
N GLY C 105 1.57 -23.17 -5.17
CA GLY C 105 0.55 -23.01 -4.16
C GLY C 105 -0.33 -21.78 -4.35
N GLU C 106 -0.63 -21.46 -5.61
CA GLU C 106 -1.36 -20.24 -5.91
C GLU C 106 -2.77 -20.23 -5.32
N ASN C 107 -3.50 -21.31 -5.51
CA ASN C 107 -4.90 -21.38 -5.08
C ASN C 107 -5.14 -22.59 -4.17
N PRO C 108 -6.23 -22.57 -3.37
CA PRO C 108 -6.51 -23.73 -2.52
C PRO C 108 -6.49 -25.10 -3.23
N THR C 109 -7.06 -25.16 -4.42
CA THR C 109 -7.10 -26.41 -5.18
C THR C 109 -5.74 -26.87 -5.74
N ASP C 110 -4.71 -26.08 -5.52
CA ASP C 110 -3.34 -26.45 -5.92
C ASP C 110 -2.65 -27.38 -4.90
N TRP C 111 -3.30 -27.63 -3.77
CA TRP C 111 -2.73 -28.40 -2.69
C TRP C 111 -3.38 -29.77 -2.55
N GLU C 112 -2.57 -30.77 -2.26
CA GLU C 112 -3.04 -32.09 -1.94
C GLU C 112 -3.80 -32.08 -0.64
N SER C 113 -4.57 -33.14 -0.42
CA SER C 113 -5.25 -33.33 0.84
C SER C 113 -4.24 -33.74 1.94
N LEU C 114 -4.68 -33.57 3.18
CA LEU C 114 -3.81 -33.79 4.32
C LEU C 114 -3.23 -35.20 4.39
N ARG C 115 -1.93 -35.29 4.68
CA ARG C 115 -1.24 -36.56 4.91
C ARG C 115 -0.48 -36.50 6.23
N GLU C 116 -0.02 -37.67 6.67
CA GLU C 116 0.69 -37.81 7.95
C GLU C 116 2.13 -38.25 7.75
N VAL C 117 3.08 -37.56 8.38
CA VAL C 117 4.46 -38.05 8.44
C VAL C 117 4.61 -39.13 9.51
N VAL C 118 4.19 -38.80 10.74
CA VAL C 118 4.23 -39.74 11.84
C VAL C 118 3.15 -39.36 12.84
N GLY C 119 2.46 -40.38 13.33
CA GLY C 119 1.44 -40.18 14.38
C GLY C 119 1.30 -41.32 15.35
N THR C 120 2.29 -42.20 15.41
CA THR C 120 2.11 -43.45 16.09
C THR C 120 1.86 -43.26 17.60
N GLY C 121 0.95 -44.07 18.12
CA GLY C 121 0.64 -44.09 19.51
C GLY C 121 -0.14 -42.86 19.98
N PRO C 122 -0.23 -42.73 21.30
CA PRO C 122 -0.88 -41.55 21.94
C PRO C 122 0.13 -40.43 22.18
N HIS C 123 1.29 -40.55 21.56
CA HIS C 123 2.42 -39.70 21.83
C HIS C 123 2.33 -38.35 21.10
N THR C 124 3.18 -37.42 21.52
CA THR C 124 3.32 -36.12 20.91
C THR C 124 4.46 -36.19 19.85
N TRP C 125 4.13 -35.89 18.60
CA TRP C 125 5.11 -35.77 17.51
C TRP C 125 4.97 -34.38 16.95
N GLY C 126 6.03 -33.59 16.95
CA GLY C 126 5.93 -32.23 16.53
C GLY C 126 7.20 -31.47 16.27
N ASN C 127 7.14 -30.14 16.38
CA ASN C 127 8.28 -29.26 16.10
C ASN C 127 8.89 -29.54 14.73
N PRO C 128 8.08 -29.58 13.67
CA PRO C 128 8.69 -29.85 12.35
C PRO C 128 9.76 -28.82 11.99
N THR C 129 10.94 -29.32 11.61
CA THR C 129 12.05 -28.51 11.24
C THR C 129 12.75 -29.12 10.03
N PRO C 130 12.24 -28.78 8.85
CA PRO C 130 12.79 -29.36 7.61
C PRO C 130 13.97 -28.58 7.02
N VAL C 131 14.81 -29.29 6.28
CA VAL C 131 15.80 -28.66 5.42
C VAL C 131 15.96 -29.47 4.13
N VAL C 132 16.03 -28.75 3.00
CA VAL C 132 16.20 -29.34 1.69
C VAL C 132 17.70 -29.48 1.40
N ASP C 133 18.10 -30.68 1.00
CA ASP C 133 19.51 -31.00 0.69
C ASP C 133 19.55 -31.74 -0.66
N GLY C 134 19.61 -30.97 -1.74
CA GLY C 134 19.58 -31.56 -3.10
C GLY C 134 18.28 -32.28 -3.31
N ASN C 135 18.34 -33.59 -3.54
CA ASN C 135 17.13 -34.38 -3.77
C ASN C 135 16.61 -35.10 -2.53
N THR C 136 17.15 -34.75 -1.36
CA THR C 136 16.68 -35.29 -0.09
C THR C 136 16.12 -34.15 0.73
N ILE C 137 14.96 -34.36 1.34
CA ILE C 137 14.45 -33.45 2.34
C ILE C 137 14.61 -34.14 3.70
N TYR C 138 15.31 -33.47 4.61
CA TYR C 138 15.43 -33.96 5.96
C TYR C 138 14.38 -33.23 6.82
N LEU C 139 13.73 -33.97 7.69
CA LEU C 139 12.76 -33.39 8.62
C LEU C 139 13.12 -33.81 10.02
N PHE C 140 13.64 -32.85 10.80
CA PHE C 140 13.82 -33.08 12.22
C PHE C 140 12.51 -32.76 12.95
N LEU C 141 12.33 -33.44 14.05
CA LEU C 141 11.12 -33.28 14.85
C LEU C 141 11.37 -33.67 16.29
N SER C 142 10.53 -33.16 17.17
CA SER C 142 10.55 -33.51 18.57
C SER C 142 9.44 -34.50 18.92
N MET C 143 9.65 -35.24 19.99
CA MET C 143 8.70 -36.23 20.44
C MET C 143 8.73 -36.34 21.94
N ASN C 144 7.56 -36.55 22.54
CA ASN C 144 7.50 -37.07 23.90
C ASN C 144 6.44 -38.13 24.04
N ASP C 145 6.66 -39.00 25.01
CA ASP C 145 5.69 -39.99 25.41
C ASP C 145 4.38 -39.29 25.80
N GLY C 146 3.28 -39.89 25.41
CA GLY C 146 1.93 -39.34 25.62
C GLY C 146 1.54 -39.14 27.07
N ALA C 147 2.25 -39.78 28.00
CA ALA C 147 1.93 -39.65 29.44
C ALA C 147 2.62 -38.46 30.11
N TYR C 148 3.40 -37.68 29.35
CA TYR C 148 4.23 -36.62 29.88
C TYR C 148 3.94 -35.27 29.25
N SER C 149 4.15 -34.20 30.02
CA SER C 149 4.07 -32.85 29.49
C SER C 149 5.14 -31.97 30.10
N GLN C 150 5.38 -30.82 29.46
CA GLN C 150 6.44 -29.89 29.89
C GLN C 150 6.30 -29.57 31.39
N ASN C 151 5.09 -29.24 31.82
CA ASN C 151 4.87 -28.84 33.21
C ASN C 151 4.48 -29.97 34.15
N GLY C 152 3.87 -31.02 33.60
CA GLY C 152 3.28 -32.06 34.37
C GLY C 152 1.97 -31.61 34.99
N GLY C 153 1.17 -32.55 35.49
CA GLY C 153 -0.10 -32.26 36.14
C GLY C 153 -1.23 -31.86 35.23
N ASN C 154 -1.06 -32.05 33.92
CA ASN C 154 -2.07 -31.60 32.94
C ASN C 154 -3.04 -32.75 32.65
N THR C 155 -4.31 -32.44 32.44
CA THR C 155 -5.32 -33.47 32.25
C THR C 155 -5.40 -33.90 30.80
N LEU C 156 -5.35 -35.20 30.58
CA LEU C 156 -5.52 -35.80 29.25
C LEU C 156 -6.97 -36.19 29.02
N PRO C 157 -7.31 -36.48 27.76
CA PRO C 157 -8.71 -36.80 27.45
C PRO C 157 -9.34 -37.95 28.23
N ASP C 158 -8.53 -38.92 28.63
CA ASP C 158 -9.01 -40.08 29.40
C ASP C 158 -9.06 -39.79 30.89
N GLY C 159 -8.74 -38.55 31.30
CA GLY C 159 -8.88 -38.15 32.71
C GLY C 159 -7.61 -38.29 33.52
N THR C 160 -6.59 -38.92 32.94
CA THR C 160 -5.31 -39.12 33.63
C THR C 160 -4.53 -37.80 33.64
N LYS C 161 -3.60 -37.68 34.56
CA LYS C 161 -2.77 -36.48 34.66
C LYS C 161 -1.39 -36.80 34.14
N THR C 162 -0.81 -35.87 33.39
CA THR C 162 0.54 -36.09 32.86
C THR C 162 1.58 -36.05 33.97
N LYS C 163 2.66 -36.77 33.73
CA LYS C 163 3.90 -36.60 34.50
C LYS C 163 4.75 -35.50 33.87
N LYS C 164 5.60 -34.90 34.65
CA LYS C 164 6.47 -33.85 34.16
C LYS C 164 7.62 -34.47 33.36
N ILE C 165 7.88 -33.88 32.19
CA ILE C 165 9.02 -34.25 31.38
C ILE C 165 10.28 -34.21 32.25
N ASP C 166 11.05 -35.27 32.20
CA ASP C 166 12.23 -35.45 33.05
C ASP C 166 13.42 -35.99 32.25
N SER C 167 14.48 -36.40 32.92
CA SER C 167 15.70 -36.80 32.24
C SER C 167 15.79 -38.28 31.92
N THR C 168 14.79 -39.06 32.33
CA THR C 168 14.75 -40.49 32.01
C THR C 168 14.54 -40.68 30.52
N TRP C 169 14.91 -41.85 30.02
CA TRP C 169 14.71 -42.16 28.59
C TRP C 169 13.22 -42.08 28.20
N VAL C 170 12.35 -42.69 28.99
CA VAL C 170 10.92 -42.67 28.72
C VAL C 170 10.31 -41.26 28.86
N GLY C 171 10.80 -40.50 29.83
CA GLY C 171 10.19 -39.22 30.21
C GLY C 171 10.76 -37.96 29.59
N ARG C 172 11.86 -38.07 28.83
CA ARG C 172 12.48 -36.91 28.21
C ARG C 172 11.93 -36.59 26.83
N ARG C 173 12.23 -35.39 26.34
CA ARG C 173 11.93 -35.04 24.95
C ARG C 173 12.97 -35.66 24.03
N HIS C 174 12.49 -36.32 22.99
CA HIS C 174 13.35 -36.98 22.01
C HIS C 174 13.46 -36.13 20.76
N LEU C 175 14.51 -36.44 19.97
CA LEU C 175 14.77 -35.77 18.72
C LEU C 175 14.80 -36.86 17.65
N TYR C 176 13.92 -36.75 16.67
CA TYR C 176 13.86 -37.72 15.60
C TYR C 176 14.19 -37.05 14.26
N LEU C 177 14.58 -37.91 13.31
CA LEU C 177 14.90 -37.50 11.96
C LEU C 177 14.20 -38.44 10.97
N THR C 178 13.46 -37.87 10.04
CA THR C 178 12.91 -38.65 8.93
C THR C 178 13.32 -37.97 7.63
N THR C 179 13.33 -38.73 6.55
CA THR C 179 13.83 -38.21 5.29
C THR C 179 12.88 -38.60 4.16
N SER C 180 12.89 -37.78 3.12
CA SER C 180 12.20 -38.14 1.87
C SER C 180 13.14 -37.94 0.70
N THR C 181 13.13 -38.92 -0.20
CA THR C 181 13.89 -38.82 -1.45
C THR C 181 12.98 -38.82 -2.67
N ASP C 182 11.67 -38.66 -2.45
CA ASP C 182 10.69 -38.63 -3.54
C ASP C 182 9.82 -37.38 -3.43
N ASP C 183 10.48 -36.25 -3.14
CA ASP C 183 9.86 -34.93 -3.20
C ASP C 183 8.73 -34.82 -2.15
N GLY C 184 8.90 -35.50 -1.02
CA GLY C 184 7.93 -35.45 0.07
C GLY C 184 6.76 -36.40 -0.03
N ASP C 185 6.76 -37.25 -1.06
CA ASP C 185 5.63 -38.17 -1.22
C ASP C 185 5.55 -39.20 -0.09
N THR C 186 6.70 -39.75 0.28
CA THR C 186 6.81 -40.73 1.36
C THR C 186 8.02 -40.38 2.23
N TRP C 187 7.97 -40.87 3.48
CA TRP C 187 8.94 -40.52 4.54
C TRP C 187 9.44 -41.80 5.19
N THR C 188 10.74 -41.86 5.46
CA THR C 188 11.29 -42.99 6.18
C THR C 188 10.77 -43.05 7.61
N LYS C 189 10.76 -44.25 8.16
CA LYS C 189 10.45 -44.46 9.57
C LYS C 189 11.36 -43.53 10.39
N PRO C 190 10.76 -42.68 11.24
CA PRO C 190 11.61 -41.75 11.97
C PRO C 190 12.67 -42.47 12.83
N VAL C 191 13.89 -41.95 12.78
CA VAL C 191 14.99 -42.50 13.54
C VAL C 191 15.24 -41.61 14.76
N ASP C 192 15.27 -42.23 15.94
CA ASP C 192 15.54 -41.53 17.19
C ASP C 192 17.03 -41.17 17.28
N MET C 193 17.31 -39.88 17.25
CA MET C 193 18.68 -39.43 17.32
C MET C 193 19.04 -38.75 18.62
N THR C 194 18.18 -38.90 19.62
CA THR C 194 18.39 -38.24 20.88
C THR C 194 19.77 -38.51 21.50
N LYS C 195 20.24 -39.75 21.41
CA LYS C 195 21.48 -40.15 22.10
C LYS C 195 22.71 -39.47 21.53
N THR C 196 22.65 -39.05 20.27
CA THR C 196 23.76 -38.35 19.65
C THR C 196 23.53 -36.85 19.39
N LEU C 197 22.27 -36.41 19.28
CA LEU C 197 22.02 -35.01 18.88
C LEU C 197 21.31 -34.16 19.94
N THR C 198 21.12 -34.74 21.12
CA THR C 198 20.66 -33.99 22.29
C THR C 198 21.65 -34.21 23.43
N PRO C 199 21.97 -33.13 24.18
CA PRO C 199 22.85 -33.33 25.32
C PRO C 199 22.35 -34.37 26.31
N ASP C 200 23.28 -35.19 26.81
CA ASP C 200 22.95 -36.19 27.80
C ASP C 200 22.42 -35.49 29.05
N GLY C 201 21.42 -36.09 29.66
CA GLY C 201 20.82 -35.58 30.88
C GLY C 201 19.74 -34.55 30.71
N GLN C 202 19.55 -34.07 29.48
CA GLN C 202 18.57 -33.05 29.22
C GLN C 202 17.15 -33.62 29.34
N ALA C 203 16.21 -32.80 29.81
CA ALA C 203 14.83 -33.22 29.99
C ALA C 203 13.98 -32.61 28.86
N TRP C 204 13.51 -31.38 29.02
CA TRP C 204 12.77 -30.71 27.94
C TRP C 204 13.73 -30.44 26.78
N ASP C 205 13.20 -30.42 25.57
CA ASP C 205 13.97 -30.06 24.39
C ASP C 205 13.01 -29.60 23.29
N ALA C 206 13.60 -28.93 22.30
CA ALA C 206 12.88 -28.54 21.10
C ALA C 206 13.86 -28.49 19.97
N VAL C 207 13.37 -28.78 18.76
CA VAL C 207 14.08 -28.46 17.55
C VAL C 207 13.24 -27.41 16.81
N GLY C 208 13.89 -26.45 16.16
CA GLY C 208 13.19 -25.37 15.47
C GLY C 208 12.15 -24.74 16.41
N PRO C 209 10.88 -24.65 16.02
CA PRO C 209 10.33 -25.17 14.77
C PRO C 209 10.44 -24.18 13.64
N GLY C 210 10.41 -24.70 12.40
CA GLY C 210 10.36 -23.85 11.23
C GLY C 210 11.16 -24.42 10.09
N ASN C 211 12.47 -24.23 10.15
CA ASN C 211 13.37 -24.69 9.09
C ASN C 211 14.81 -24.64 9.48
N GLY C 212 15.59 -25.52 8.83
CA GLY C 212 17.05 -25.43 8.80
C GLY C 212 17.50 -24.84 7.47
N ILE C 213 18.81 -24.77 7.27
CA ILE C 213 19.38 -24.17 6.09
C ILE C 213 20.54 -24.98 5.57
N LYS C 214 20.84 -24.74 4.32
CA LYS C 214 22.05 -25.27 3.68
C LYS C 214 22.96 -24.09 3.42
N LEU C 215 24.20 -24.19 3.90
CA LEU C 215 25.18 -23.14 3.71
C LEU C 215 25.75 -23.13 2.31
N SER C 216 26.28 -21.98 1.95
CA SER C 216 27.02 -21.79 0.71
C SER C 216 28.15 -22.83 0.56
N THR C 217 28.77 -23.21 1.68
CA THR C 217 29.83 -24.24 1.71
C THR C 217 29.30 -25.69 1.77
N GLY C 218 27.97 -25.85 1.85
CA GLY C 218 27.33 -27.14 1.71
C GLY C 218 26.88 -27.85 2.97
N GLU C 219 27.31 -27.34 4.14
CA GLU C 219 26.86 -27.94 5.40
C GLU C 219 25.37 -27.60 5.65
N LEU C 220 24.71 -28.46 6.40
CA LEU C 220 23.35 -28.20 6.84
C LEU C 220 23.35 -27.71 8.30
N VAL C 221 22.51 -26.72 8.60
CA VAL C 221 22.41 -26.24 9.98
C VAL C 221 20.95 -26.18 10.40
N ILE C 222 20.65 -26.88 11.49
CA ILE C 222 19.33 -26.96 12.05
C ILE C 222 19.37 -26.30 13.43
N PRO C 223 18.47 -25.33 13.71
CA PRO C 223 18.42 -24.71 15.03
C PRO C 223 17.66 -25.58 16.00
N ALA C 224 18.15 -25.64 17.24
CA ALA C 224 17.50 -26.38 18.29
C ALA C 224 17.73 -25.67 19.62
N GLN C 225 17.10 -26.17 20.67
CA GLN C 225 17.26 -25.56 21.99
C GLN C 225 18.73 -25.64 22.43
N GLY C 226 19.29 -24.47 22.70
CA GLY C 226 20.64 -24.40 23.24
C GLY C 226 21.77 -24.86 22.35
N ARG C 227 21.51 -25.09 21.06
CA ARG C 227 22.49 -25.71 20.18
C ARG C 227 22.07 -25.62 18.73
N ASN C 228 23.03 -25.72 17.83
CA ASN C 228 22.75 -26.03 16.44
C ASN C 228 23.08 -27.50 16.22
N ILE C 229 22.38 -28.08 15.24
CA ILE C 229 22.66 -29.42 14.77
C ILE C 229 23.24 -29.26 13.37
N ILE C 230 24.42 -29.84 13.15
CA ILE C 230 25.18 -29.60 11.92
C ILE C 230 25.27 -30.90 11.13
N GLY C 231 24.90 -30.82 9.86
CA GLY C 231 25.01 -31.95 8.95
C GLY C 231 26.14 -31.75 7.95
N ARG C 232 27.04 -32.72 7.88
CA ARG C 232 28.19 -32.67 6.98
C ARG C 232 28.23 -33.92 6.10
N GLY C 233 28.85 -33.79 4.93
CA GLY C 233 29.02 -34.91 4.02
C GLY C 233 28.30 -34.71 2.70
N PRO C 234 28.32 -35.74 1.87
CA PRO C 234 27.69 -35.65 0.55
C PRO C 234 26.21 -35.38 0.67
N SER C 235 25.64 -34.74 -0.33
N SER C 235 25.65 -34.71 -0.33
CA SER C 235 24.21 -34.41 -0.33
CA SER C 235 24.21 -34.40 -0.33
C SER C 235 23.40 -35.70 -0.17
C SER C 235 23.40 -35.69 -0.18
N GLY C 236 22.44 -35.69 0.74
CA GLY C 236 21.62 -36.85 0.96
C GLY C 236 22.21 -37.98 1.78
N ASN C 237 23.48 -37.82 2.19
CA ASN C 237 24.14 -38.85 2.97
C ASN C 237 25.01 -38.24 4.02
N ARG C 238 24.36 -37.57 4.97
CA ARG C 238 24.99 -36.70 5.94
C ARG C 238 25.26 -37.43 7.24
N THR C 239 26.21 -36.92 8.00
CA THR C 239 26.34 -37.32 9.39
C THR C 239 26.22 -36.04 10.21
N TRP C 240 25.71 -36.20 11.42
CA TRP C 240 25.23 -35.07 12.19
C TRP C 240 25.98 -34.92 13.51
N SER C 241 26.18 -33.68 13.93
CA SER C 241 26.79 -33.38 15.22
C SER C 241 26.11 -32.16 15.85
N MET C 242 26.39 -31.92 17.13
CA MET C 242 25.91 -30.76 17.85
C MET C 242 26.96 -29.65 17.93
N GLN C 243 26.50 -28.42 17.78
CA GLN C 243 27.23 -27.23 18.13
C GLN C 243 26.54 -26.60 19.34
N ILE C 244 27.10 -26.82 20.52
CA ILE C 244 26.52 -26.33 21.75
C ILE C 244 26.73 -24.82 21.84
N LEU C 245 25.70 -24.10 22.22
CA LEU C 245 25.71 -22.65 22.25
C LEU C 245 25.53 -22.19 23.68
N LYS C 246 26.08 -21.03 23.97
CA LYS C 246 25.86 -20.39 25.25
C LYS C 246 24.84 -19.27 25.10
N GLY C 247 23.76 -19.34 25.87
CA GLY C 247 22.76 -18.27 25.90
C GLY C 247 21.72 -18.33 24.82
N ALA C 248 21.66 -19.43 24.07
CA ALA C 248 20.64 -19.57 23.02
C ALA C 248 19.29 -19.86 23.61
N GLY C 249 18.26 -19.57 22.83
CA GLY C 249 16.89 -19.86 23.23
C GLY C 249 16.50 -21.31 22.98
N SER C 250 15.23 -21.58 23.29
CA SER C 250 14.65 -22.87 23.06
C SER C 250 14.16 -23.00 21.59
N GLU C 251 13.47 -21.96 21.10
CA GLU C 251 12.95 -21.92 19.73
C GLU C 251 13.75 -20.90 18.94
N GLY C 252 14.66 -21.41 18.12
CA GLY C 252 15.56 -20.56 17.39
C GLY C 252 15.34 -20.58 15.91
N THR C 253 15.87 -19.56 15.24
CA THR C 253 15.94 -19.53 13.79
C THR C 253 17.41 -19.40 13.41
N ILE C 254 17.73 -19.92 12.24
CA ILE C 254 19.09 -19.86 11.72
C ILE C 254 19.06 -19.28 10.33
N CYS C 255 20.10 -18.56 9.99
CA CYS C 255 20.22 -17.86 8.76
C CYS C 255 21.70 -17.71 8.41
N GLN C 256 22.06 -17.84 7.14
CA GLN C 256 23.38 -17.44 6.67
C GLN C 256 23.20 -16.08 6.01
N THR C 257 23.75 -15.05 6.64
CA THR C 257 23.63 -13.70 6.15
C THR C 257 24.54 -13.46 4.94
N PRO C 258 24.33 -12.36 4.21
CA PRO C 258 25.09 -12.16 2.96
C PRO C 258 26.61 -12.15 3.13
N ASP C 259 27.09 -11.76 4.31
CA ASP C 259 28.52 -11.80 4.62
C ASP C 259 29.09 -13.22 4.80
N GLY C 260 28.22 -14.24 4.73
CA GLY C 260 28.65 -15.62 4.87
C GLY C 260 28.60 -16.15 6.29
N LYS C 261 28.35 -15.28 7.27
CA LYS C 261 28.31 -15.67 8.66
C LYS C 261 26.94 -16.28 9.01
N LEU C 262 26.93 -17.06 10.08
CA LEU C 262 25.70 -17.59 10.67
C LEU C 262 25.09 -16.59 11.61
N MET C 263 23.77 -16.64 11.71
CA MET C 263 23.03 -15.85 12.67
C MET C 263 21.93 -16.72 13.29
N ARG C 264 21.85 -16.68 14.61
CA ARG C 264 20.74 -17.24 15.36
C ARG C 264 19.88 -16.07 15.79
N ASN C 265 18.61 -16.14 15.46
CA ASN C 265 17.66 -15.10 15.88
C ASN C 265 16.57 -15.86 16.61
N ASP C 266 16.51 -15.71 17.94
CA ASP C 266 15.79 -16.62 18.78
C ASP C 266 14.66 -15.94 19.55
N ARG C 267 13.65 -16.74 19.86
CA ARG C 267 12.59 -16.37 20.77
C ARG C 267 13.24 -16.09 22.13
N PRO C 268 12.92 -14.93 22.73
CA PRO C 268 13.44 -14.62 24.06
C PRO C 268 12.70 -15.38 25.15
N GLY C 269 13.33 -15.57 26.29
CA GLY C 269 12.63 -16.07 27.47
C GLY C 269 11.59 -15.06 27.93
N PRO C 270 12.05 -13.89 28.37
CA PRO C 270 11.06 -12.87 28.77
C PRO C 270 10.51 -12.14 27.55
N MET C 271 9.24 -11.74 27.61
CA MET C 271 8.65 -10.92 26.57
C MET C 271 9.50 -9.66 26.37
N GLY C 272 9.66 -9.24 25.12
CA GLY C 272 10.34 -8.01 24.82
C GLY C 272 10.84 -7.90 23.41
N HIS C 273 11.97 -8.55 23.17
CA HIS C 273 12.67 -8.45 21.88
C HIS C 273 13.38 -9.72 21.53
N ARG C 274 13.66 -9.87 20.25
CA ARG C 274 14.42 -11.03 19.79
C ARG C 274 15.82 -11.04 20.39
N SER C 275 16.33 -12.24 20.54
CA SER C 275 17.66 -12.50 21.06
C SER C 275 18.53 -13.02 19.92
N VAL C 276 19.60 -12.30 19.61
CA VAL C 276 20.37 -12.55 18.39
C VAL C 276 21.86 -12.77 18.68
N ALA C 277 22.45 -13.72 17.94
CA ALA C 277 23.87 -13.98 17.98
C ALA C 277 24.39 -14.28 16.57
N ARG C 278 25.66 -13.98 16.35
CA ARG C 278 26.27 -14.14 15.04
C ARG C 278 27.62 -14.82 15.20
N GLY C 279 28.03 -15.55 14.16
CA GLY C 279 29.32 -16.24 14.17
C GLY C 279 29.48 -17.19 13.00
N THR C 280 30.15 -18.31 13.26
CA THR C 280 30.47 -19.31 12.24
C THR C 280 30.27 -20.71 12.82
N LEU C 281 30.54 -21.73 12.02
CA LEU C 281 30.56 -23.10 12.51
C LEU C 281 31.60 -23.34 13.61
N ALA C 282 32.60 -22.47 13.72
CA ALA C 282 33.57 -22.56 14.82
C ALA C 282 33.04 -21.97 16.14
N GLY C 283 31.95 -21.23 16.09
CA GLY C 283 31.31 -20.71 17.30
C GLY C 283 30.54 -19.43 17.07
N LEU C 284 29.50 -19.25 17.88
CA LEU C 284 28.74 -18.01 17.87
C LEU C 284 29.18 -17.09 19.00
N GLY C 285 29.10 -15.79 18.75
CA GLY C 285 29.36 -14.78 19.77
C GLY C 285 28.18 -14.73 20.73
N PRO C 286 28.21 -13.81 21.69
CA PRO C 286 27.14 -13.75 22.68
C PRO C 286 25.77 -13.38 22.08
N PHE C 287 24.72 -13.93 22.68
CA PHE C 287 23.37 -13.49 22.37
C PHE C 287 23.09 -12.19 23.09
N ALA C 288 22.35 -11.29 22.42
CA ALA C 288 21.92 -10.05 23.04
C ALA C 288 20.59 -9.63 22.42
N THR C 289 19.79 -8.88 23.18
CA THR C 289 18.51 -8.44 22.67
C THR C 289 18.77 -7.51 21.48
N ASP C 290 17.90 -7.64 20.47
CA ASP C 290 17.87 -6.76 19.33
C ASP C 290 16.69 -5.81 19.49
N ASN C 291 16.97 -4.56 19.87
CA ASN C 291 15.90 -3.61 20.17
C ASN C 291 15.08 -3.15 18.96
N GLY C 292 15.57 -3.44 17.74
CA GLY C 292 14.81 -3.18 16.54
C GLY C 292 13.74 -4.22 16.24
N LEU C 293 13.72 -5.33 16.99
CA LEU C 293 12.80 -6.45 16.72
C LEU C 293 11.99 -6.86 17.97
N PRO C 294 10.96 -6.07 18.27
CA PRO C 294 10.15 -6.48 19.41
C PRO C 294 9.51 -7.85 19.20
N ASP C 295 9.31 -8.57 20.28
CA ASP C 295 8.76 -9.91 20.25
C ASP C 295 8.07 -10.23 21.57
N PRO C 296 6.93 -10.92 21.53
CA PRO C 296 6.19 -11.20 22.75
C PRO C 296 6.50 -12.59 23.37
N ALA C 297 7.74 -13.09 23.19
CA ALA C 297 8.11 -14.45 23.57
C ALA C 297 7.30 -15.44 22.74
N CYS C 298 7.57 -15.42 21.45
CA CYS C 298 6.91 -16.27 20.46
C CYS C 298 7.93 -16.65 19.38
N GLN C 299 7.65 -17.74 18.71
CA GLN C 299 8.49 -18.14 17.59
C GLN C 299 8.40 -17.11 16.45
N GLY C 300 9.49 -17.01 15.71
CA GLY C 300 9.55 -16.20 14.51
C GLY C 300 10.17 -17.01 13.38
N SER C 301 10.31 -16.39 12.22
CA SER C 301 10.90 -17.07 11.06
C SER C 301 11.78 -16.11 10.28
N ILE C 302 12.76 -16.69 9.58
CA ILE C 302 13.71 -15.88 8.85
C ILE C 302 14.05 -16.61 7.57
N LEU C 303 14.40 -15.84 6.56
CA LEU C 303 14.67 -16.41 5.24
C LEU C 303 15.69 -15.61 4.49
N SER C 304 16.76 -16.27 4.05
N SER C 304 16.76 -16.27 4.06
CA SER C 304 17.67 -15.67 3.10
CA SER C 304 17.66 -15.66 3.09
C SER C 304 16.99 -15.73 1.73
C SER C 304 16.98 -15.72 1.74
N TYR C 305 16.57 -14.56 1.23
CA TYR C 305 15.75 -14.50 0.02
C TYR C 305 16.62 -14.64 -1.22
N ASN C 306 17.72 -13.90 -1.24
CA ASN C 306 18.60 -13.95 -2.40
C ASN C 306 19.97 -13.47 -1.98
N SER C 307 20.97 -13.97 -2.68
CA SER C 307 22.37 -13.59 -2.42
C SER C 307 22.96 -12.66 -3.50
N ASP C 308 22.34 -12.64 -4.68
CA ASP C 308 22.69 -11.67 -5.72
C ASP C 308 22.20 -10.25 -5.35
N GLU C 309 22.58 -9.28 -6.22
CA GLU C 309 22.31 -7.89 -5.87
C GLU C 309 20.82 -7.47 -6.06
N PRO C 310 20.20 -6.80 -5.09
CA PRO C 310 20.74 -6.58 -3.74
C PRO C 310 20.38 -7.77 -2.85
N ALA C 311 21.30 -8.19 -2.00
CA ALA C 311 21.07 -9.34 -1.12
C ALA C 311 20.06 -8.94 -0.03
N ARG C 312 19.11 -9.84 0.22
CA ARG C 312 18.04 -9.55 1.19
C ARG C 312 17.82 -10.71 2.16
N THR C 313 17.53 -10.34 3.41
CA THR C 313 17.07 -11.26 4.43
C THR C 313 15.67 -10.83 4.80
N ILE C 314 14.77 -11.81 4.91
CA ILE C 314 13.38 -11.53 5.30
C ILE C 314 13.13 -12.07 6.69
N PHE C 315 12.42 -11.31 7.52
CA PHE C 315 12.10 -11.72 8.88
C PHE C 315 10.61 -11.54 9.12
N MET C 316 10.02 -12.50 9.83
CA MET C 316 8.61 -12.44 10.18
C MET C 316 8.42 -12.82 11.65
N ASN C 317 7.66 -12.00 12.39
CA ASN C 317 7.28 -12.36 13.75
C ASN C 317 6.11 -11.45 14.15
N SER C 318 5.66 -11.53 15.40
CA SER C 318 4.67 -10.56 15.89
C SER C 318 5.44 -9.40 16.50
N ALA C 319 5.37 -8.25 15.83
CA ALA C 319 6.19 -7.09 16.17
C ALA C 319 5.55 -6.32 17.31
N SER C 320 5.61 -6.92 18.50
CA SER C 320 4.95 -6.40 19.69
C SER C 320 5.63 -7.01 20.90
N THR C 321 5.70 -6.25 21.98
CA THR C 321 6.34 -6.76 23.19
C THR C 321 5.38 -7.62 24.03
N ASP C 322 4.08 -7.61 23.70
CA ASP C 322 3.12 -8.35 24.52
C ASP C 322 1.99 -9.13 23.83
N ARG C 323 1.78 -9.00 22.52
CA ARG C 323 0.77 -9.81 21.83
C ARG C 323 1.28 -10.47 20.55
N ARG C 324 0.56 -11.54 20.17
CA ARG C 324 0.93 -12.34 18.98
C ARG C 324 0.20 -11.91 17.71
N THR C 325 -0.65 -10.90 17.82
CA THR C 325 -1.52 -10.48 16.73
C THR C 325 -1.01 -9.24 15.97
N ALA C 326 0.31 -9.01 16.00
CA ALA C 326 0.91 -7.86 15.31
C ALA C 326 1.90 -8.36 14.27
N MET C 327 1.49 -9.33 13.47
CA MET C 327 2.42 -9.98 12.51
C MET C 327 3.00 -8.94 11.54
N ARG C 328 4.32 -9.02 11.33
CA ARG C 328 5.05 -8.05 10.54
C ARG C 328 6.10 -8.80 9.75
N VAL C 329 6.18 -8.52 8.45
CA VAL C 329 7.26 -9.06 7.62
C VAL C 329 8.18 -7.91 7.21
N ARG C 330 9.50 -8.17 7.24
CA ARG C 330 10.49 -7.13 7.07
C ARG C 330 11.65 -7.59 6.21
N ILE C 331 12.37 -6.61 5.65
CA ILE C 331 13.59 -6.84 4.87
C ILE C 331 14.80 -6.18 5.50
N SER C 332 15.92 -6.90 5.51
CA SER C 332 17.21 -6.28 5.77
C SER C 332 18.06 -6.40 4.51
N TYR C 333 18.75 -5.32 4.19
CA TYR C 333 19.74 -5.28 3.10
C TYR C 333 21.16 -5.34 3.64
N ASP C 334 21.31 -5.40 4.97
CA ASP C 334 22.64 -5.40 5.60
C ASP C 334 23.34 -6.75 5.44
N LYS C 335 24.65 -6.69 5.25
CA LYS C 335 25.50 -7.88 5.10
C LYS C 335 25.43 -8.82 6.30
N ASP C 336 25.16 -8.27 7.48
CA ASP C 336 25.03 -9.04 8.72
C ASP C 336 23.59 -9.03 9.26
N ALA C 337 22.65 -8.55 8.43
CA ALA C 337 21.25 -8.38 8.82
C ALA C 337 21.07 -7.60 10.13
N ALA C 338 21.91 -6.59 10.35
CA ALA C 338 21.87 -5.83 11.60
C ALA C 338 20.56 -5.08 11.78
N LYS C 339 20.06 -4.47 10.69
CA LYS C 339 18.85 -3.65 10.77
C LYS C 339 17.83 -4.07 9.71
N PHE C 340 16.61 -4.25 10.18
CA PHE C 340 15.46 -4.51 9.31
C PHE C 340 14.60 -3.26 9.20
N ASN C 341 13.92 -3.13 8.08
CA ASN C 341 13.00 -2.01 7.90
C ASN C 341 11.69 -2.23 8.68
N PHE C 342 10.81 -1.24 8.63
CA PHE C 342 9.51 -1.35 9.27
C PHE C 342 8.80 -2.53 8.65
N GLY C 343 8.87 -2.61 7.33
CA GLY C 343 8.28 -3.70 6.57
C GLY C 343 6.81 -3.47 6.34
N ARG C 344 6.03 -4.52 6.49
CA ARG C 344 4.59 -4.40 6.38
C ARG C 344 3.84 -5.26 7.36
N GLU C 345 2.76 -4.69 7.90
CA GLU C 345 1.87 -5.40 8.81
C GLU C 345 1.00 -6.35 7.97
N LEU C 346 0.90 -7.61 8.37
CA LEU C 346 0.07 -8.57 7.63
C LEU C 346 -1.43 -8.20 7.72
N LYS C 347 -1.83 -7.44 8.75
CA LYS C 347 -3.22 -6.95 8.82
C LYS C 347 -3.59 -6.00 7.69
N ASP C 348 -2.60 -5.50 6.94
CA ASP C 348 -2.88 -4.74 5.72
C ASP C 348 -3.59 -5.60 4.65
N ALA C 349 -3.39 -6.93 4.74
CA ALA C 349 -4.08 -7.88 3.87
C ALA C 349 -4.83 -8.88 4.76
N PRO C 350 -5.88 -8.42 5.44
CA PRO C 350 -6.49 -9.29 6.44
C PRO C 350 -7.32 -10.39 5.81
N LEU C 351 -7.48 -11.46 6.55
CA LEU C 351 -8.26 -12.57 6.06
C LEU C 351 -9.39 -12.80 7.05
N GLY C 352 -10.61 -12.84 6.52
CA GLY C 352 -11.78 -13.14 7.33
C GLY C 352 -12.01 -14.62 7.51
N ASN C 353 -12.85 -14.95 8.49
CA ASN C 353 -13.34 -16.31 8.70
C ASN C 353 -12.25 -17.32 9.07
N VAL C 354 -11.18 -16.83 9.72
CA VAL C 354 -10.11 -17.70 10.21
C VAL C 354 -9.68 -17.41 11.65
N GLY C 355 -10.47 -16.66 12.40
CA GLY C 355 -10.07 -16.26 13.75
C GLY C 355 -9.09 -15.10 13.76
N ASN C 356 -8.38 -14.93 14.87
CA ASN C 356 -7.43 -13.85 15.03
C ASN C 356 -6.06 -14.30 14.58
N GLU C 357 -5.59 -13.75 13.47
CA GLU C 357 -4.30 -14.16 12.92
C GLU C 357 -3.15 -13.71 13.78
N GLY C 358 -2.19 -14.61 13.94
CA GLY C 358 -0.94 -14.29 14.60
C GLY C 358 -0.42 -15.42 15.46
N GLY C 359 0.90 -15.55 15.45
CA GLY C 359 1.55 -16.62 16.18
C GLY C 359 2.77 -17.10 15.42
N TYR C 360 3.01 -18.39 15.50
CA TYR C 360 4.18 -19.01 14.81
C TYR C 360 4.08 -18.86 13.32
N SER C 361 5.22 -18.84 12.64
CA SER C 361 5.25 -18.64 11.20
C SER C 361 6.41 -19.40 10.57
N SER C 362 6.32 -19.56 9.27
CA SER C 362 7.42 -20.15 8.50
C SER C 362 7.37 -19.58 7.10
N MET C 363 8.53 -19.32 6.51
CA MET C 363 8.60 -18.74 5.17
C MET C 363 9.48 -19.55 4.23
N THR C 364 9.08 -19.54 2.96
CA THR C 364 9.91 -20.05 1.86
C THR C 364 9.84 -19.10 0.65
N LYS C 365 10.76 -19.24 -0.29
CA LYS C 365 10.71 -18.54 -1.54
C LYS C 365 10.04 -19.52 -2.52
N THR C 366 9.10 -19.06 -3.32
CA THR C 366 8.48 -19.92 -4.34
C THR C 366 9.18 -19.71 -5.67
N SER C 367 8.94 -20.62 -6.61
CA SER C 367 9.57 -20.56 -7.93
C SER C 367 9.23 -19.29 -8.71
N ASP C 368 8.05 -18.73 -8.45
CA ASP C 368 7.60 -17.51 -9.11
C ASP C 368 7.92 -16.23 -8.33
N TYR C 369 9.04 -16.23 -7.58
CA TYR C 369 9.52 -15.02 -6.96
C TYR C 369 8.48 -14.38 -6.05
N LYS C 370 7.88 -15.22 -5.23
CA LYS C 370 7.06 -14.77 -4.12
C LYS C 370 7.65 -15.32 -2.83
N ILE C 371 7.27 -14.70 -1.73
CA ILE C 371 7.43 -15.29 -0.42
C ILE C 371 6.14 -16.02 -0.09
N GLY C 372 6.27 -17.29 0.32
CA GLY C 372 5.18 -18.09 0.83
C GLY C 372 5.34 -18.19 2.34
N ALA C 373 4.31 -17.81 3.11
CA ALA C 373 4.37 -17.87 4.55
C ALA C 373 3.19 -18.62 5.13
N LEU C 374 3.46 -19.51 6.06
CA LEU C 374 2.43 -20.10 6.91
C LEU C 374 2.38 -19.29 8.18
N VAL C 375 1.16 -18.95 8.62
CA VAL C 375 0.97 -18.16 9.83
C VAL C 375 -0.16 -18.76 10.64
N GLU C 376 0.07 -18.96 11.93
CA GLU C 376 -0.97 -19.43 12.84
C GLU C 376 -2.08 -18.41 13.02
N SER C 377 -3.27 -18.95 13.28
CA SER C 377 -4.43 -18.13 13.67
C SER C 377 -5.22 -18.84 14.77
N ASP C 378 -5.88 -18.03 15.61
CA ASP C 378 -6.51 -18.52 16.83
C ASP C 378 -7.97 -18.04 16.86
N TRP C 379 -8.91 -18.98 16.89
CA TRP C 379 -10.35 -18.61 16.97
C TRP C 379 -10.70 -18.00 18.31
N TYR C 380 -9.93 -18.35 19.33
CA TYR C 380 -10.01 -17.71 20.64
C TYR C 380 -11.37 -17.90 21.36
N GLU C 381 -12.10 -18.96 21.05
CA GLU C 381 -13.46 -19.11 21.60
C GLU C 381 -13.52 -19.37 23.11
N ASP C 382 -12.51 -20.07 23.62
CA ASP C 382 -12.35 -20.43 25.01
C ASP C 382 -11.23 -19.53 25.58
N LYS C 383 -11.01 -18.39 24.92
CA LYS C 383 -9.90 -17.47 25.21
C LYS C 383 -8.59 -18.24 25.12
N GLY C 384 -7.73 -18.16 26.15
CA GLY C 384 -6.47 -18.91 26.19
C GLY C 384 -6.62 -20.36 26.59
N GLY C 385 -7.85 -20.79 26.83
CA GLY C 385 -8.12 -22.14 27.26
C GLY C 385 -7.87 -23.16 26.16
N GLU C 386 -7.87 -24.41 26.55
CA GLU C 386 -7.45 -25.51 25.65
C GLU C 386 -8.45 -25.79 24.55
N LYS C 387 -9.68 -25.31 24.71
CA LYS C 387 -10.71 -25.62 23.71
C LYS C 387 -10.70 -24.69 22.51
N SER C 388 -9.92 -23.60 22.53
CA SER C 388 -9.90 -22.66 21.40
C SER C 388 -9.24 -23.30 20.18
N HIS C 389 -9.96 -23.31 19.08
CA HIS C 389 -9.47 -23.92 17.85
C HIS C 389 -8.42 -23.08 17.16
N ARG C 390 -7.37 -23.76 16.65
CA ARG C 390 -6.29 -23.09 15.97
C ARG C 390 -6.17 -23.58 14.53
N CYS C 391 -5.95 -22.66 13.60
CA CYS C 391 -5.81 -23.01 12.19
C CYS C 391 -4.53 -22.33 11.64
N ILE C 392 -4.16 -22.67 10.41
CA ILE C 392 -2.97 -22.10 9.79
C ILE C 392 -3.29 -21.55 8.40
N ILE C 393 -2.83 -20.31 8.18
CA ILE C 393 -3.04 -19.53 6.99
C ILE C 393 -1.81 -19.64 6.08
N TRP C 394 -2.06 -19.71 4.77
CA TRP C 394 -1.01 -19.63 3.75
C TRP C 394 -1.14 -18.31 3.03
N ARG C 395 -0.07 -17.52 3.12
CA ARG C 395 0.05 -16.25 2.45
C ARG C 395 1.11 -16.32 1.37
N ARG C 396 0.87 -15.62 0.28
CA ARG C 396 1.89 -15.35 -0.70
C ARG C 396 1.93 -13.87 -0.96
N PHE C 397 3.14 -13.33 -1.08
CA PHE C 397 3.30 -11.94 -1.43
C PHE C 397 4.65 -11.74 -2.09
N ASN C 398 4.75 -10.67 -2.89
CA ASN C 398 6.03 -10.33 -3.51
C ASN C 398 6.77 -9.28 -2.69
N LEU C 399 8.01 -9.03 -3.04
CA LEU C 399 8.81 -8.04 -2.33
C LEU C 399 8.17 -6.65 -2.42
N SER C 400 7.58 -6.34 -3.57
CA SER C 400 6.95 -5.04 -3.77
C SER C 400 5.88 -4.78 -2.70
N TRP C 401 5.13 -5.82 -2.36
CA TRP C 401 4.10 -5.70 -1.33
C TRP C 401 4.70 -5.26 0.00
N ILE C 402 5.88 -5.80 0.33
CA ILE C 402 6.56 -5.40 1.54
C ILE C 402 7.15 -3.99 1.42
N ILE C 403 7.88 -3.76 0.33
CA ILE C 403 8.61 -2.51 0.11
C ILE C 403 7.68 -1.29 0.11
N ASN C 404 6.51 -1.43 -0.51
CA ASN C 404 5.59 -0.32 -0.71
C ASN C 404 4.52 -0.16 0.38
N GLY C 405 4.82 -0.56 1.61
CA GLY C 405 3.87 -0.37 2.71
C GLY C 405 3.68 1.08 3.13
N ASP D 25 -24.57 19.26 7.09
CA ASP D 25 -26.03 18.91 7.08
C ASP D 25 -26.24 17.45 6.66
N ASP D 26 -27.17 16.77 7.32
CA ASP D 26 -27.45 15.36 7.04
C ASP D 26 -28.37 15.24 5.83
N PRO D 27 -27.87 14.63 4.74
CA PRO D 27 -28.72 14.49 3.53
C PRO D 27 -30.06 13.76 3.74
N ALA D 28 -30.13 12.88 4.72
CA ALA D 28 -31.40 12.17 5.02
C ALA D 28 -32.51 13.11 5.51
N GLY D 29 -32.13 14.28 6.03
CA GLY D 29 -33.07 15.29 6.49
C GLY D 29 -33.92 15.96 5.41
N LYS D 30 -33.54 15.80 4.15
CA LYS D 30 -34.31 16.38 3.05
C LYS D 30 -35.50 15.52 2.63
N ALA D 31 -35.54 14.29 3.11
CA ALA D 31 -36.65 13.39 2.80
C ALA D 31 -37.92 13.83 3.50
N ALA D 32 -39.07 13.40 2.97
CA ALA D 32 -40.34 13.64 3.65
C ALA D 32 -40.35 12.85 4.97
N GLN D 33 -40.85 13.46 6.02
CA GLN D 33 -40.92 12.79 7.32
C GLN D 33 -41.90 11.64 7.28
N TYR D 34 -41.55 10.55 7.95
CA TYR D 34 -42.39 9.39 8.07
C TYR D 34 -42.45 8.91 9.52
N HIS D 35 -43.67 8.69 10.02
CA HIS D 35 -43.87 8.00 11.28
C HIS D 35 -45.19 7.27 11.27
N LYS D 36 -45.22 6.12 11.93
CA LYS D 36 -46.41 5.34 12.14
C LYS D 36 -46.28 4.55 13.43
N GLU D 37 -47.37 4.38 14.15
CA GLU D 37 -47.33 3.79 15.47
C GLU D 37 -48.64 3.11 15.87
N TYR D 38 -48.55 1.96 16.51
CA TYR D 38 -49.70 1.21 17.02
C TYR D 38 -49.27 0.18 18.05
N ALA D 39 -50.21 -0.28 18.87
CA ALA D 39 -49.91 -1.27 19.88
C ALA D 39 -49.64 -2.61 19.22
N LEU D 40 -48.53 -3.26 19.61
CA LEU D 40 -48.22 -4.59 19.10
C LEU D 40 -48.47 -5.70 20.11
N PHE D 41 -48.26 -5.43 21.40
CA PHE D 41 -48.56 -6.43 22.43
C PHE D 41 -49.59 -5.76 23.32
N ARG D 42 -50.81 -6.27 23.23
CA ARG D 42 -51.99 -5.67 23.83
C ARG D 42 -52.35 -6.40 25.13
N SER D 43 -52.29 -5.65 26.25
CA SER D 43 -52.53 -6.22 27.57
C SER D 43 -53.98 -6.67 27.76
N ALA D 44 -54.20 -7.47 28.80
CA ALA D 44 -55.48 -8.15 29.04
C ALA D 44 -56.67 -7.21 29.16
N ASN D 45 -56.40 -5.96 29.52
CA ASN D 45 -57.48 -4.97 29.70
C ASN D 45 -57.92 -4.29 28.41
N MET D 46 -57.20 -4.53 27.32
CA MET D 46 -57.43 -3.86 26.06
C MET D 46 -58.33 -4.71 25.19
N PRO D 47 -59.06 -4.06 24.25
CA PRO D 47 -59.80 -4.85 23.27
C PRO D 47 -58.83 -5.74 22.48
N SER D 48 -59.28 -6.93 22.09
CA SER D 48 -58.45 -7.86 21.31
C SER D 48 -57.10 -8.05 21.98
N PRO D 49 -57.13 -8.49 23.24
CA PRO D 49 -55.85 -8.67 23.95
C PRO D 49 -55.07 -9.81 23.30
N ASP D 50 -53.75 -9.75 23.40
CA ASP D 50 -52.90 -10.80 22.82
C ASP D 50 -52.88 -12.05 23.71
N LYS D 51 -53.21 -13.18 23.10
CA LYS D 51 -53.28 -14.47 23.74
C LYS D 51 -52.55 -15.48 22.85
N LEU D 52 -52.04 -16.52 23.49
CA LEU D 52 -51.49 -17.65 22.77
C LEU D 52 -52.62 -18.49 22.20
N ALA D 53 -52.31 -19.33 21.22
CA ALA D 53 -53.29 -20.26 20.63
C ALA D 53 -53.85 -21.26 21.65
N THR D 54 -53.12 -21.49 22.75
CA THR D 54 -53.59 -22.30 23.84
C THR D 54 -54.69 -21.63 24.66
N GLY D 55 -54.92 -20.35 24.46
CA GLY D 55 -55.91 -19.60 25.24
C GLY D 55 -55.27 -18.84 26.38
N VAL D 56 -53.98 -19.04 26.63
CA VAL D 56 -53.30 -18.32 27.70
C VAL D 56 -53.12 -16.85 27.33
N GLY D 57 -53.67 -15.96 28.17
CA GLY D 57 -53.46 -14.53 28.02
C GLY D 57 -52.52 -13.97 29.08
N PHE D 58 -52.30 -12.67 29.04
CA PHE D 58 -51.33 -12.02 29.88
C PHE D 58 -51.82 -10.68 30.39
N HIS D 59 -51.69 -10.51 31.71
CA HIS D 59 -51.99 -9.22 32.31
C HIS D 59 -51.22 -8.10 31.64
N SER D 60 -49.90 -8.31 31.50
CA SER D 60 -49.03 -7.28 31.02
C SER D 60 -47.99 -7.87 30.08
N PHE D 61 -47.51 -7.01 29.19
CA PHE D 61 -46.32 -7.28 28.41
C PHE D 61 -45.29 -6.21 28.72
N ARG D 62 -44.08 -6.66 29.03
CA ARG D 62 -42.99 -5.76 29.31
C ARG D 62 -41.73 -6.33 28.66
N ILE D 63 -40.70 -5.51 28.66
CA ILE D 63 -39.32 -5.95 28.34
C ILE D 63 -39.17 -6.34 26.86
N PRO D 64 -39.31 -5.36 25.97
CA PRO D 64 -39.28 -5.66 24.55
C PRO D 64 -37.87 -5.94 24.03
N ALA D 65 -37.81 -6.70 22.95
CA ALA D 65 -36.60 -6.85 22.16
C ALA D 65 -37.01 -7.05 20.71
N VAL D 66 -36.29 -6.43 19.79
CA VAL D 66 -36.65 -6.55 18.38
C VAL D 66 -35.39 -6.69 17.53
N VAL D 67 -35.47 -7.54 16.51
CA VAL D 67 -34.40 -7.65 15.50
C VAL D 67 -34.99 -7.89 14.12
N ARG D 68 -34.27 -7.40 13.13
CA ARG D 68 -34.52 -7.72 11.72
C ARG D 68 -33.59 -8.88 11.36
N THR D 69 -34.17 -9.96 10.83
CA THR D 69 -33.39 -11.09 10.36
C THR D 69 -32.83 -10.77 8.97
N ASN D 70 -31.92 -11.63 8.51
CA ASN D 70 -31.33 -11.40 7.21
C ASN D 70 -32.27 -11.65 6.03
N THR D 71 -33.48 -12.16 6.28
CA THR D 71 -34.51 -12.22 5.27
C THR D 71 -35.32 -10.91 5.16
N GLY D 72 -35.22 -10.07 6.18
CA GLY D 72 -36.04 -8.87 6.25
C GLY D 72 -37.19 -9.03 7.23
N ARG D 73 -37.44 -10.27 7.68
CA ARG D 73 -38.49 -10.54 8.65
C ARG D 73 -38.12 -9.88 9.97
N ILE D 74 -39.11 -9.36 10.67
CA ILE D 74 -38.87 -8.74 11.97
C ILE D 74 -39.41 -9.67 13.06
N LEU D 75 -38.60 -9.85 14.11
CA LEU D 75 -38.94 -10.67 15.25
C LEU D 75 -39.03 -9.73 16.47
N ALA D 76 -40.18 -9.76 17.12
CA ALA D 76 -40.45 -8.94 18.31
C ALA D 76 -40.71 -9.85 19.49
N PHE D 77 -39.94 -9.66 20.55
CA PHE D 77 -40.00 -10.47 21.75
C PHE D 77 -40.47 -9.64 22.92
N ALA D 78 -41.05 -10.31 23.89
CA ALA D 78 -41.43 -9.64 25.14
C ALA D 78 -41.62 -10.64 26.25
N GLU D 79 -41.68 -10.14 27.48
CA GLU D 79 -42.14 -10.93 28.60
C GLU D 79 -43.66 -10.80 28.69
N GLY D 80 -44.32 -11.94 28.69
CA GLY D 80 -45.74 -12.03 29.00
C GLY D 80 -45.86 -12.33 30.47
N ARG D 81 -46.29 -11.32 31.22
CA ARG D 81 -46.42 -11.41 32.65
C ARG D 81 -47.87 -11.80 32.93
N ARG D 82 -48.09 -13.02 33.37
N ARG D 82 -48.04 -13.03 33.37
CA ARG D 82 -49.43 -13.61 33.35
CA ARG D 82 -49.34 -13.69 33.40
C ARG D 82 -50.41 -12.93 34.27
C ARG D 82 -50.39 -13.02 34.28
N HIS D 83 -50.02 -12.69 35.52
CA HIS D 83 -51.02 -12.32 36.55
C HIS D 83 -50.99 -10.90 37.04
N ASN D 84 -49.89 -10.19 36.82
CA ASN D 84 -49.69 -8.83 37.26
C ASN D 84 -48.45 -8.30 36.59
N ASN D 85 -48.02 -7.09 36.89
CA ASN D 85 -46.91 -6.48 36.18
C ASN D 85 -45.53 -6.71 36.83
N ARG D 86 -45.46 -7.53 37.88
CA ARG D 86 -44.21 -7.71 38.63
C ARG D 86 -43.17 -8.49 37.85
N ASP D 87 -41.92 -8.32 38.25
CA ASP D 87 -40.77 -8.94 37.56
C ASP D 87 -40.60 -10.42 37.85
N TYR D 88 -41.31 -10.90 38.86
CA TYR D 88 -41.20 -12.26 39.37
C TYR D 88 -42.53 -12.96 39.16
N GLY D 89 -42.55 -14.24 39.47
CA GLY D 89 -43.70 -15.08 39.30
C GLY D 89 -43.78 -15.64 37.88
N ASP D 90 -44.98 -15.99 37.48
CA ASP D 90 -45.21 -16.79 36.26
C ASP D 90 -45.15 -15.87 35.04
N ILE D 91 -44.02 -15.92 34.32
CA ILE D 91 -43.74 -15.01 33.22
C ILE D 91 -43.19 -15.87 32.09
N ASN D 92 -43.74 -15.66 30.89
CA ASN D 92 -43.35 -16.41 29.69
C ASN D 92 -42.69 -15.51 28.68
N LEU D 93 -41.73 -16.06 27.93
CA LEU D 93 -41.07 -15.30 26.89
C LEU D 93 -41.87 -15.55 25.61
N VAL D 94 -42.45 -14.49 25.10
CA VAL D 94 -43.35 -14.57 23.95
C VAL D 94 -42.81 -13.73 22.79
N TYR D 95 -43.37 -13.94 21.60
CA TYR D 95 -42.92 -13.24 20.44
C TYR D 95 -43.96 -13.18 19.34
N LYS D 96 -43.75 -12.24 18.43
CA LYS D 96 -44.44 -12.17 17.16
C LYS D 96 -43.43 -11.99 16.04
N ARG D 97 -43.75 -12.46 14.85
CA ARG D 97 -42.96 -12.15 13.66
C ARG D 97 -43.83 -11.46 12.64
N THR D 98 -43.22 -10.69 11.75
CA THR D 98 -43.95 -10.23 10.59
C THR D 98 -44.30 -11.45 9.73
N LYS D 99 -45.47 -11.39 9.11
CA LYS D 99 -46.03 -12.52 8.34
C LYS D 99 -45.17 -12.88 7.17
N SER D 100 -44.57 -11.89 6.54
CA SER D 100 -43.63 -12.11 5.43
C SER D 100 -42.32 -11.39 5.72
N PRO D 101 -41.24 -11.80 5.03
CA PRO D 101 -39.96 -11.09 5.15
C PRO D 101 -39.98 -9.69 4.55
N THR D 102 -40.97 -9.38 3.71
CA THR D 102 -40.97 -8.14 2.95
C THR D 102 -41.92 -7.04 3.44
N ASN D 103 -42.78 -7.31 4.42
CA ASN D 103 -43.81 -6.31 4.76
C ASN D 103 -43.33 -5.22 5.74
N ASN D 104 -42.18 -5.44 6.37
CA ASN D 104 -41.53 -4.42 7.20
C ASN D 104 -42.33 -3.97 8.42
N GLY D 105 -43.31 -4.77 8.82
CA GLY D 105 -44.20 -4.43 9.95
C GLY D 105 -44.95 -3.14 9.76
N GLU D 106 -45.34 -2.84 8.53
CA GLU D 106 -45.98 -1.55 8.25
C GLU D 106 -47.30 -1.35 9.00
N ASN D 107 -48.17 -2.35 8.95
CA ASN D 107 -49.51 -2.26 9.53
C ASN D 107 -49.77 -3.38 10.53
N PRO D 108 -50.75 -3.20 11.44
CA PRO D 108 -51.05 -4.28 12.39
C PRO D 108 -51.29 -5.67 11.78
N THR D 109 -51.97 -5.71 10.66
CA THR D 109 -52.25 -7.00 9.99
C THR D 109 -51.01 -7.63 9.32
N ASP D 110 -49.88 -6.95 9.36
CA ASP D 110 -48.61 -7.50 8.87
C ASP D 110 -47.93 -8.44 9.85
N TRP D 111 -48.46 -8.55 11.07
CA TRP D 111 -47.87 -9.34 12.12
C TRP D 111 -48.67 -10.62 12.40
N GLU D 112 -47.94 -11.69 12.64
CA GLU D 112 -48.51 -12.92 13.11
C GLU D 112 -49.11 -12.78 14.48
N SER D 113 -49.94 -13.74 14.86
CA SER D 113 -50.44 -13.82 16.20
C SER D 113 -49.35 -14.23 17.20
N LEU D 114 -49.63 -13.97 18.47
CA LEU D 114 -48.66 -14.23 19.52
C LEU D 114 -48.25 -15.69 19.61
N ARG D 115 -46.94 -15.92 19.77
CA ARG D 115 -46.39 -17.23 20.02
C ARG D 115 -45.48 -17.19 21.24
N GLU D 116 -45.09 -18.37 21.69
CA GLU D 116 -44.27 -18.54 22.89
C GLU D 116 -42.92 -19.16 22.56
N VAL D 117 -41.84 -18.56 23.07
CA VAL D 117 -40.51 -19.20 23.02
C VAL D 117 -40.40 -20.24 24.13
N VAL D 118 -40.67 -19.81 25.37
CA VAL D 118 -40.63 -20.70 26.51
C VAL D 118 -41.52 -20.13 27.61
N GLY D 119 -42.28 -21.01 28.26
CA GLY D 119 -43.13 -20.61 29.38
C GLY D 119 -43.31 -21.68 30.45
N THR D 120 -42.42 -22.68 30.46
N THR D 120 -42.41 -22.67 30.47
CA THR D 120 -42.70 -23.84 31.29
CA THR D 120 -42.61 -23.84 31.30
C THR D 120 -42.75 -23.50 32.79
C THR D 120 -42.72 -23.52 32.81
N GLY D 121 -43.72 -24.10 33.45
CA GLY D 121 -43.88 -24.01 34.88
C GLY D 121 -44.37 -22.68 35.36
N PRO D 122 -44.29 -22.49 36.68
CA PRO D 122 -44.64 -21.21 37.33
C PRO D 122 -43.48 -20.23 37.36
N HIS D 123 -42.45 -20.55 36.61
CA HIS D 123 -41.18 -19.86 36.66
C HIS D 123 -41.19 -18.57 35.85
N THR D 124 -40.17 -17.74 36.11
CA THR D 124 -39.93 -16.51 35.36
C THR D 124 -38.98 -16.79 34.19
N TRP D 125 -39.42 -16.52 32.98
CA TRP D 125 -38.58 -16.59 31.76
C TRP D 125 -38.62 -15.24 31.12
N GLY D 126 -37.48 -14.60 30.94
CA GLY D 126 -37.48 -13.23 30.48
C GLY D 126 -36.19 -12.65 30.00
N ASN D 127 -36.09 -11.31 30.05
CA ASN D 127 -34.90 -10.58 29.59
C ASN D 127 -34.49 -11.00 28.18
N PRO D 128 -35.41 -10.98 27.22
CA PRO D 128 -34.97 -11.37 25.87
C PRO D 128 -33.86 -10.50 25.31
N THR D 129 -32.80 -11.16 24.83
CA THR D 129 -31.65 -10.48 24.31
C THR D 129 -31.17 -11.23 23.05
N PRO D 130 -31.74 -10.87 21.91
CA PRO D 130 -31.43 -11.57 20.65
C PRO D 130 -30.24 -10.98 19.90
N VAL D 131 -29.59 -11.81 19.10
CA VAL D 131 -28.66 -11.31 18.10
C VAL D 131 -28.76 -12.20 16.84
N VAL D 132 -28.76 -11.53 15.68
CA VAL D 132 -28.81 -12.20 14.39
C VAL D 132 -27.37 -12.52 13.93
N ASP D 133 -27.17 -13.78 13.54
CA ASP D 133 -25.87 -14.25 13.03
C ASP D 133 -26.07 -15.02 11.74
N GLY D 134 -26.07 -14.30 10.62
CA GLY D 134 -26.31 -14.98 9.30
C GLY D 134 -27.72 -15.55 9.31
N ASN D 135 -27.82 -16.87 9.17
CA ASN D 135 -29.10 -17.57 9.14
C ASN D 135 -29.51 -18.18 10.47
N THR D 136 -28.79 -17.82 11.54
CA THR D 136 -29.15 -18.26 12.90
C THR D 136 -29.50 -17.03 13.72
N ILE D 137 -30.60 -17.11 14.46
CA ILE D 137 -30.90 -16.10 15.46
C ILE D 137 -30.66 -16.73 16.83
N TYR D 138 -29.81 -16.08 17.62
CA TYR D 138 -29.55 -16.49 18.97
C TYR D 138 -30.39 -15.64 19.90
N LEU D 139 -31.00 -16.28 20.89
CA LEU D 139 -31.81 -15.54 21.87
C LEU D 139 -31.34 -15.95 23.25
N PHE D 140 -30.66 -15.03 23.92
CA PHE D 140 -30.33 -15.22 25.32
C PHE D 140 -31.50 -14.72 26.16
N LEU D 141 -31.62 -15.36 27.32
CA LEU D 141 -32.71 -14.99 28.24
C LEU D 141 -32.33 -15.36 29.67
N SER D 142 -32.98 -14.70 30.62
CA SER D 142 -32.81 -14.99 32.04
C SER D 142 -33.98 -15.83 32.55
N MET D 143 -33.74 -16.54 33.65
CA MET D 143 -34.74 -17.39 34.26
C MET D 143 -34.54 -17.42 35.77
N ASN D 144 -35.64 -17.45 36.50
CA ASN D 144 -35.60 -17.87 37.91
C ASN D 144 -36.77 -18.76 38.26
N ASP D 145 -36.55 -19.60 39.26
CA ASP D 145 -37.58 -20.42 39.85
C ASP D 145 -38.73 -19.52 40.33
N GLY D 146 -39.95 -19.98 40.12
CA GLY D 146 -41.15 -19.22 40.46
C GLY D 146 -41.35 -18.92 41.93
N ALA D 147 -40.61 -19.58 42.81
CA ALA D 147 -40.73 -19.32 44.26
C ALA D 147 -39.81 -18.20 44.74
N TYR D 148 -39.05 -17.59 43.83
CA TYR D 148 -38.00 -16.64 44.19
C TYR D 148 -38.17 -15.28 43.51
N SER D 149 -37.73 -14.22 44.19
CA SER D 149 -37.69 -12.91 43.59
C SER D 149 -36.42 -12.16 43.99
N GLN D 150 -36.15 -11.08 43.28
CA GLN D 150 -34.93 -10.30 43.49
C GLN D 150 -34.80 -9.89 44.94
N ASN D 151 -35.87 -9.35 45.52
CA ASN D 151 -35.80 -8.88 46.92
C ASN D 151 -36.24 -9.90 47.95
N GLY D 152 -37.06 -10.86 47.53
CA GLY D 152 -37.67 -11.78 48.46
C GLY D 152 -38.82 -11.11 49.19
N GLY D 153 -39.63 -11.92 49.86
CA GLY D 153 -40.77 -11.44 50.66
C GLY D 153 -41.95 -10.88 49.88
N ASN D 154 -42.00 -11.13 48.57
CA ASN D 154 -43.06 -10.60 47.73
C ASN D 154 -44.21 -11.61 47.68
N THR D 155 -45.44 -11.12 47.61
CA THR D 155 -46.60 -12.00 47.62
C THR D 155 -46.91 -12.50 46.22
N LEU D 156 -47.07 -13.82 46.12
CA LEU D 156 -47.47 -14.46 44.87
C LEU D 156 -48.98 -14.63 44.84
N PRO D 157 -49.52 -14.94 43.67
CA PRO D 157 -50.99 -15.04 43.57
C PRO D 157 -51.65 -16.04 44.52
N ASP D 158 -50.94 -17.10 44.89
CA ASP D 158 -51.46 -18.09 45.81
C ASP D 158 -51.32 -17.68 47.30
N GLY D 159 -50.77 -16.49 47.54
CA GLY D 159 -50.69 -15.95 48.91
C GLY D 159 -49.36 -16.24 49.59
N THR D 160 -48.53 -17.10 49.00
CA THR D 160 -47.22 -17.41 49.55
CA THR D 160 -47.23 -17.39 49.61
C THR D 160 -46.25 -16.25 49.32
N LYS D 161 -45.16 -16.20 50.07
CA LYS D 161 -44.14 -15.18 49.89
C LYS D 161 -42.93 -15.77 49.18
N THR D 162 -42.35 -14.99 48.28
CA THR D 162 -41.12 -15.42 47.61
C THR D 162 -39.94 -15.50 48.56
N LYS D 163 -39.02 -16.38 48.23
CA LYS D 163 -37.68 -16.37 48.80
C LYS D 163 -36.78 -15.43 48.00
N LYS D 164 -35.75 -14.91 48.66
CA LYS D 164 -34.82 -14.02 47.99
C LYS D 164 -33.88 -14.83 47.08
N ILE D 165 -33.71 -14.36 45.85
CA ILE D 165 -32.77 -14.94 44.92
C ILE D 165 -31.40 -15.04 45.62
N ASP D 166 -30.80 -16.22 45.53
CA ASP D 166 -29.56 -16.53 46.23
C ASP D 166 -28.58 -17.26 45.33
N SER D 167 -27.52 -17.83 45.89
CA SER D 167 -26.45 -18.43 45.07
C SER D 167 -26.62 -19.91 44.82
N THR D 168 -27.67 -20.51 45.38
CA THR D 168 -27.93 -21.94 45.18
C THR D 168 -28.36 -22.19 43.75
N TRP D 169 -28.24 -23.42 43.29
CA TRP D 169 -28.65 -23.76 41.94
C TRP D 169 -30.14 -23.47 41.70
N VAL D 170 -30.99 -23.91 42.61
CA VAL D 170 -32.42 -23.67 42.52
C VAL D 170 -32.77 -22.19 42.62
N GLY D 171 -32.07 -21.46 43.49
CA GLY D 171 -32.48 -20.09 43.87
C GLY D 171 -31.79 -18.95 43.13
N ARG D 172 -30.83 -19.26 42.25
CA ARG D 172 -30.12 -18.21 41.50
C ARG D 172 -30.81 -17.89 40.18
N ARG D 173 -30.42 -16.75 39.60
CA ARG D 173 -30.84 -16.42 38.24
C ARG D 173 -30.01 -17.21 37.23
N HIS D 174 -30.69 -17.86 36.31
CA HIS D 174 -30.05 -18.66 35.28
C HIS D 174 -30.00 -17.89 33.96
N LEU D 175 -29.11 -18.33 33.09
CA LEU D 175 -28.93 -17.77 31.77
C LEU D 175 -29.13 -18.89 30.78
N TYR D 176 -30.09 -18.71 29.86
CA TYR D 176 -30.42 -19.71 28.89
C TYR D 176 -30.22 -19.17 27.50
N LEU D 177 -30.00 -20.09 26.55
CA LEU D 177 -29.82 -19.76 25.16
C LEU D 177 -30.71 -20.65 24.31
N THR D 178 -31.50 -20.01 23.45
CA THR D 178 -32.28 -20.75 22.45
C THR D 178 -31.90 -20.20 21.10
N THR D 179 -32.11 -21.02 20.06
CA THR D 179 -31.69 -20.64 18.73
C THR D 179 -32.78 -20.97 17.74
N SER D 180 -32.81 -20.21 16.66
CA SER D 180 -33.67 -20.52 15.52
C SER D 180 -32.84 -20.49 14.24
N THR D 181 -33.07 -21.49 13.40
CA THR D 181 -32.46 -21.52 12.06
C THR D 181 -33.50 -21.48 10.94
N ASP D 182 -34.73 -21.16 11.30
CA ASP D 182 -35.84 -21.07 10.34
C ASP D 182 -36.55 -19.71 10.49
N ASP D 183 -35.75 -18.66 10.64
CA ASP D 183 -36.21 -17.29 10.58
C ASP D 183 -37.20 -17.00 11.73
N GLY D 184 -36.98 -17.65 12.87
CA GLY D 184 -37.79 -17.41 14.07
C GLY D 184 -39.06 -18.23 14.14
N ASP D 185 -39.28 -19.13 13.19
CA ASP D 185 -40.52 -19.90 13.19
C ASP D 185 -40.57 -20.85 14.37
N THR D 186 -39.45 -21.53 14.64
CA THR D 186 -39.33 -22.43 15.78
C THR D 186 -38.01 -22.18 16.49
N TRP D 187 -37.97 -22.61 17.74
CA TRP D 187 -36.87 -22.34 18.66
C TRP D 187 -36.47 -23.64 19.34
N THR D 188 -35.16 -23.84 19.50
CA THR D 188 -34.68 -24.99 20.23
C THR D 188 -35.08 -24.88 21.70
N LYS D 189 -35.21 -26.04 22.35
CA LYS D 189 -35.45 -26.09 23.78
C LYS D 189 -34.32 -25.29 24.44
N PRO D 190 -34.67 -24.30 25.26
CA PRO D 190 -33.59 -23.48 25.83
C PRO D 190 -32.56 -24.29 26.60
N VAL D 191 -31.29 -23.98 26.37
CA VAL D 191 -30.19 -24.67 27.01
C VAL D 191 -29.65 -23.78 28.12
N ASP D 192 -29.55 -24.36 29.32
CA ASP D 192 -29.03 -23.65 30.48
C ASP D 192 -27.51 -23.48 30.36
N MET D 193 -27.07 -22.24 30.26
CA MET D 193 -25.66 -21.95 30.09
C MET D 193 -25.06 -21.25 31.30
N THR D 194 -25.78 -21.27 32.42
CA THR D 194 -25.35 -20.57 33.60
C THR D 194 -23.95 -20.97 34.05
N LYS D 195 -23.65 -22.26 33.98
CA LYS D 195 -22.38 -22.78 34.50
C LYS D 195 -21.16 -22.27 33.75
N THR D 196 -21.33 -21.89 32.50
CA THR D 196 -20.22 -21.33 31.71
C THR D 196 -20.31 -19.86 31.41
N LEU D 197 -21.51 -19.26 31.44
CA LEU D 197 -21.65 -17.86 31.00
C LEU D 197 -22.11 -16.90 32.08
N THR D 198 -22.21 -17.41 33.31
CA THR D 198 -22.43 -16.56 34.48
C THR D 198 -21.36 -16.87 35.51
N PRO D 199 -20.83 -15.83 36.17
CA PRO D 199 -19.82 -16.11 37.20
C PRO D 199 -20.31 -17.05 38.29
N ASP D 200 -19.45 -17.98 38.70
CA ASP D 200 -19.78 -18.89 39.77
C ASP D 200 -20.09 -18.10 41.04
N GLY D 201 -21.10 -18.55 41.78
CA GLY D 201 -21.45 -17.95 43.04
C GLY D 201 -22.41 -16.79 42.95
N GLN D 202 -22.69 -16.32 41.74
CA GLN D 202 -23.56 -15.17 41.55
C GLN D 202 -25.00 -15.56 41.86
N ALA D 203 -25.77 -14.61 42.37
CA ALA D 203 -27.16 -14.81 42.75
C ALA D 203 -28.06 -14.13 41.71
N TRP D 204 -28.35 -12.85 41.85
CA TRP D 204 -29.12 -12.13 40.84
C TRP D 204 -28.31 -12.02 39.57
N ASP D 205 -28.99 -11.98 38.42
CA ASP D 205 -28.34 -11.76 37.14
C ASP D 205 -29.35 -11.21 36.15
N ALA D 206 -28.81 -10.66 35.07
CA ALA D 206 -29.63 -10.22 33.95
C ALA D 206 -28.80 -10.32 32.69
N VAL D 207 -29.47 -10.60 31.58
CA VAL D 207 -28.88 -10.45 30.27
C VAL D 207 -29.70 -9.34 29.57
N GLY D 208 -29.02 -8.48 28.82
CA GLY D 208 -29.69 -7.33 28.17
C GLY D 208 -30.54 -6.58 29.20
N PRO D 209 -31.81 -6.34 28.94
CA PRO D 209 -32.57 -6.83 27.79
C PRO D 209 -32.48 -5.90 26.60
N GLY D 210 -32.74 -6.44 25.42
CA GLY D 210 -32.80 -5.63 24.22
C GLY D 210 -32.22 -6.34 23.01
N ASN D 211 -30.90 -6.30 22.90
CA ASN D 211 -30.20 -6.90 21.77
C ASN D 211 -28.73 -7.01 21.97
N GLY D 212 -28.15 -8.00 21.30
CA GLY D 212 -26.69 -8.09 21.06
C GLY D 212 -26.35 -7.60 19.67
N ILE D 213 -25.05 -7.66 19.34
CA ILE D 213 -24.58 -7.20 18.04
C ILE D 213 -23.60 -8.18 17.42
N LYS D 214 -23.45 -8.05 16.12
CA LYS D 214 -22.38 -8.72 15.37
C LYS D 214 -21.37 -7.67 14.95
N LEU D 215 -20.11 -7.90 15.29
CA LEU D 215 -19.05 -6.98 14.93
C LEU D 215 -18.64 -7.07 13.47
N SER D 216 -17.98 -6.02 13.01
CA SER D 216 -17.35 -5.94 11.70
C SER D 216 -16.45 -7.18 11.46
N THR D 217 -15.76 -7.60 12.52
CA THR D 217 -14.85 -8.76 12.48
C THR D 217 -15.57 -10.11 12.67
N GLY D 218 -16.88 -10.08 12.93
CA GLY D 218 -17.73 -11.26 12.93
C GLY D 218 -18.07 -11.84 14.30
N GLU D 219 -17.43 -11.39 15.38
CA GLU D 219 -17.78 -11.87 16.73
C GLU D 219 -19.16 -11.34 17.12
N LEU D 220 -19.83 -12.09 17.99
CA LEU D 220 -21.11 -11.65 18.54
C LEU D 220 -20.89 -11.16 19.97
N VAL D 221 -21.55 -10.07 20.32
CA VAL D 221 -21.39 -9.49 21.66
C VAL D 221 -22.79 -9.22 22.27
N ILE D 222 -23.00 -9.84 23.41
CA ILE D 222 -24.25 -9.76 24.13
C ILE D 222 -23.95 -9.07 25.46
N PRO D 223 -24.73 -7.99 25.79
CA PRO D 223 -24.52 -7.31 27.04
C PRO D 223 -25.25 -8.04 28.17
N ALA D 224 -24.59 -8.12 29.33
CA ALA D 224 -25.19 -8.74 30.49
C ALA D 224 -24.72 -8.01 31.75
N GLN D 225 -25.27 -8.39 32.90
CA GLN D 225 -24.86 -7.77 34.13
C GLN D 225 -23.38 -8.01 34.39
N GLY D 226 -22.65 -6.89 34.53
CA GLY D 226 -21.24 -6.94 34.91
C GLY D 226 -20.30 -7.60 33.91
N ARG D 227 -20.74 -7.83 32.68
CA ARG D 227 -19.95 -8.60 31.72
C ARG D 227 -20.55 -8.51 30.32
N ASN D 228 -19.72 -8.75 29.31
CA ASN D 228 -20.20 -9.07 28.00
C ASN D 228 -20.07 -10.58 27.81
N ILE D 229 -20.93 -11.13 27.00
CA ILE D 229 -20.90 -12.51 26.58
C ILE D 229 -20.52 -12.48 25.09
N ILE D 230 -19.46 -13.20 24.74
CA ILE D 230 -18.84 -13.09 23.43
C ILE D 230 -18.96 -14.42 22.71
N GLY D 231 -19.50 -14.36 21.49
CA GLY D 231 -19.65 -15.56 20.65
C GLY D 231 -18.65 -15.52 19.50
N ARG D 232 -17.85 -16.58 19.40
CA ARG D 232 -16.82 -16.68 18.37
C ARG D 232 -16.99 -17.96 17.58
N GLY D 233 -16.48 -17.95 16.36
CA GLY D 233 -16.58 -19.09 15.47
C GLY D 233 -17.29 -18.74 14.18
N PRO D 234 -17.40 -19.70 13.26
CA PRO D 234 -18.14 -19.49 12.03
C PRO D 234 -19.59 -19.16 12.33
N SER D 235 -20.22 -18.45 11.41
N SER D 235 -20.21 -18.41 11.43
CA SER D 235 -21.64 -18.14 11.54
CA SER D 235 -21.63 -18.03 11.59
C SER D 235 -22.48 -19.38 11.82
C SER D 235 -22.52 -19.28 11.78
N GLY D 236 -23.32 -19.28 12.85
CA GLY D 236 -24.20 -20.39 13.19
C GLY D 236 -23.55 -21.54 13.95
N ASN D 237 -22.26 -21.45 14.24
CA ASN D 237 -21.56 -22.50 15.00
C ASN D 237 -20.62 -21.81 16.00
N ARG D 238 -21.25 -21.16 16.95
CA ARG D 238 -20.54 -20.30 17.90
C ARG D 238 -20.26 -21.00 19.20
N THR D 239 -19.19 -20.60 19.85
CA THR D 239 -18.97 -20.98 21.24
C THR D 239 -18.77 -19.68 21.97
N TRP D 240 -19.21 -19.68 23.23
CA TRP D 240 -19.41 -18.47 23.98
C TRP D 240 -18.51 -18.39 25.18
N SER D 241 -18.09 -17.17 25.51
CA SER D 241 -17.25 -16.91 26.67
C SER D 241 -17.67 -15.60 27.34
N MET D 242 -17.16 -15.36 28.55
CA MET D 242 -17.43 -14.12 29.29
C MET D 242 -16.28 -13.14 29.18
N GLN D 243 -16.62 -11.86 29.03
CA GLN D 243 -15.72 -10.74 29.25
C GLN D 243 -16.17 -9.99 30.49
N ILE D 244 -15.50 -10.25 31.61
CA ILE D 244 -15.87 -9.63 32.87
C ILE D 244 -15.49 -8.16 32.84
N LEU D 245 -16.39 -7.30 33.30
CA LEU D 245 -16.21 -5.87 33.25
C LEU D 245 -16.19 -5.34 34.67
N LYS D 246 -15.43 -4.27 34.87
CA LYS D 246 -15.46 -3.56 36.14
C LYS D 246 -16.33 -2.31 36.00
N GLY D 247 -17.31 -2.19 36.89
CA GLY D 247 -18.14 -1.00 36.96
C GLY D 247 -19.33 -1.00 36.01
N ALA D 248 -19.59 -2.11 35.32
CA ALA D 248 -20.73 -2.17 34.42
C ALA D 248 -22.03 -2.30 35.19
N GLY D 249 -23.11 -1.92 34.52
CA GLY D 249 -24.44 -2.01 35.10
C GLY D 249 -25.01 -3.40 34.99
N SER D 250 -26.26 -3.52 35.44
CA SER D 250 -27.01 -4.73 35.36
C SER D 250 -27.69 -4.86 33.97
N GLU D 251 -28.31 -3.78 33.51
CA GLU D 251 -28.99 -3.73 32.22
C GLU D 251 -28.22 -2.84 31.25
N GLY D 252 -27.49 -3.48 30.35
CA GLY D 252 -26.58 -2.76 29.49
C GLY D 252 -26.98 -2.81 28.04
N THR D 253 -26.43 -1.88 27.28
CA THR D 253 -26.53 -1.90 25.84
C THR D 253 -25.12 -1.97 25.28
N ILE D 254 -24.99 -2.55 24.10
CA ILE D 254 -23.71 -2.68 23.44
C ILE D 254 -23.85 -2.16 22.01
N CYS D 255 -22.78 -1.57 21.52
CA CYS D 255 -22.75 -0.94 20.24
C CYS D 255 -21.31 -0.97 19.72
N GLN D 256 -21.12 -1.17 18.42
CA GLN D 256 -19.82 -0.95 17.78
C GLN D 256 -19.92 0.39 17.09
N THR D 257 -19.17 1.36 17.59
CA THR D 257 -19.22 2.71 17.05
C THR D 257 -18.44 2.82 15.75
N PRO D 258 -18.64 3.91 14.98
CA PRO D 258 -18.02 3.99 13.65
C PRO D 258 -16.49 3.85 13.64
N ASP D 259 -15.84 4.22 14.72
CA ASP D 259 -14.39 4.04 14.86
C ASP D 259 -13.98 2.56 15.06
N GLY D 260 -14.94 1.64 15.15
CA GLY D 260 -14.69 0.22 15.30
C GLY D 260 -14.60 -0.24 16.75
N LYS D 261 -14.62 0.69 17.70
CA LYS D 261 -14.54 0.35 19.10
C LYS D 261 -15.91 -0.11 19.64
N LEU D 262 -15.86 -0.84 20.75
CA LEU D 262 -17.06 -1.23 21.49
C LEU D 262 -17.46 -0.15 22.45
N MET D 263 -18.76 -0.05 22.71
CA MET D 263 -19.27 0.85 23.71
C MET D 263 -20.39 0.19 24.50
N ARG D 264 -20.31 0.29 25.83
CA ARG D 264 -21.37 -0.11 26.72
C ARG D 264 -22.03 1.15 27.18
N ASN D 265 -23.34 1.24 26.99
CA ASN D 265 -24.11 2.38 27.49
C ASN D 265 -25.19 1.77 28.38
N ASP D 266 -25.05 2.00 29.68
CA ASP D 266 -25.75 1.19 30.67
C ASP D 266 -26.71 2.02 31.51
N ARG D 267 -27.74 1.32 31.96
CA ARG D 267 -28.66 1.86 32.96
C ARG D 267 -27.85 2.12 34.22
N PRO D 268 -27.96 3.33 34.78
CA PRO D 268 -27.27 3.63 36.02
C PRO D 268 -27.94 3.01 37.23
N GLY D 269 -27.19 2.80 38.30
CA GLY D 269 -27.77 2.40 39.57
C GLY D 269 -28.67 3.51 40.10
N PRO D 270 -28.07 4.65 40.46
CA PRO D 270 -28.90 5.77 40.90
C PRO D 270 -29.51 6.52 39.71
N MET D 271 -30.70 7.06 39.89
CA MET D 271 -31.30 7.93 38.91
C MET D 271 -30.34 9.06 38.54
N GLY D 272 -30.30 9.41 37.26
CA GLY D 272 -29.53 10.56 36.83
C GLY D 272 -29.18 10.57 35.37
N HIS D 273 -28.17 9.79 35.02
CA HIS D 273 -27.61 9.79 33.67
C HIS D 273 -27.07 8.42 33.31
N ARG D 274 -26.96 8.18 32.00
CA ARG D 274 -26.41 6.93 31.52
C ARG D 274 -24.95 6.79 31.95
N SER D 275 -24.56 5.54 32.10
CA SER D 275 -23.20 5.18 32.48
C SER D 275 -22.53 4.51 31.29
N VAL D 276 -21.44 5.09 30.81
CA VAL D 276 -20.85 4.70 29.53
C VAL D 276 -19.39 4.32 29.65
N ALA D 277 -19.00 3.29 28.90
CA ALA D 277 -17.59 2.88 28.78
C ALA D 277 -17.31 2.47 27.33
N ARG D 278 -16.05 2.63 26.93
CA ARG D 278 -15.61 2.30 25.58
C ARG D 278 -14.35 1.46 25.65
N GLY D 279 -14.13 0.64 24.62
CA GLY D 279 -12.96 -0.19 24.52
C GLY D 279 -13.03 -1.16 23.37
N THR D 280 -12.49 -2.37 23.57
CA THR D 280 -12.43 -3.41 22.55
C THR D 280 -12.75 -4.77 23.17
N LEU D 281 -12.67 -5.83 22.37
CA LEU D 281 -12.76 -7.18 22.93
C LEU D 281 -11.62 -7.53 23.89
N ALA D 282 -10.53 -6.78 23.87
CA ALA D 282 -9.45 -6.96 24.84
C ALA D 282 -9.74 -6.30 26.19
N GLY D 283 -10.76 -5.43 26.25
CA GLY D 283 -11.18 -4.82 27.50
C GLY D 283 -11.79 -3.45 27.34
N LEU D 284 -12.64 -3.08 28.30
CA LEU D 284 -13.25 -1.76 28.32
C LEU D 284 -12.56 -0.86 29.34
N GLY D 285 -12.55 0.44 29.06
CA GLY D 285 -12.08 1.43 30.01
C GLY D 285 -13.12 1.64 31.10
N PRO D 286 -12.85 2.56 32.03
CA PRO D 286 -13.80 2.79 33.11
C PRO D 286 -15.16 3.31 32.64
N PHE D 287 -16.20 2.94 33.37
CA PHE D 287 -17.52 3.53 33.17
C PHE D 287 -17.56 4.91 33.84
N ALA D 288 -18.24 5.85 33.20
CA ALA D 288 -18.42 7.19 33.75
C ALA D 288 -19.77 7.74 33.30
N THR D 289 -20.35 8.62 34.12
CA THR D 289 -21.67 9.14 33.75
C THR D 289 -21.51 10.01 32.51
N ASP D 290 -22.50 9.93 31.62
CA ASP D 290 -22.57 10.80 30.45
C ASP D 290 -23.64 11.87 30.71
N ASN D 291 -23.20 13.09 30.99
CA ASN D 291 -24.13 14.16 31.37
C ASN D 291 -25.05 14.65 30.23
N GLY D 292 -24.73 14.28 29.00
CA GLY D 292 -25.61 14.57 27.88
C GLY D 292 -26.81 13.65 27.76
N LEU D 293 -26.84 12.57 28.55
CA LEU D 293 -27.89 11.56 28.46
C LEU D 293 -28.59 11.30 29.80
N PRO D 294 -29.47 12.22 30.20
CA PRO D 294 -30.20 11.94 31.42
C PRO D 294 -31.01 10.63 31.33
N ASP D 295 -31.15 9.98 32.48
CA ASP D 295 -31.85 8.71 32.55
C ASP D 295 -32.40 8.51 33.96
N PRO D 296 -33.62 7.95 34.08
CA PRO D 296 -34.23 7.79 35.38
C PRO D 296 -34.00 6.42 36.04
N ALA D 297 -32.83 5.79 35.78
CA ALA D 297 -32.55 4.39 36.15
C ALA D 297 -33.58 3.48 35.49
N CYS D 298 -33.47 3.43 34.16
CA CYS D 298 -34.32 2.62 33.31
C CYS D 298 -33.49 2.10 32.14
N GLN D 299 -33.96 1.02 31.54
CA GLN D 299 -33.30 0.48 30.37
C GLN D 299 -33.40 1.48 29.20
N GLY D 300 -32.42 1.42 28.32
CA GLY D 300 -32.40 2.18 27.09
C GLY D 300 -32.01 1.25 25.94
N SER D 301 -31.97 1.81 24.74
CA SER D 301 -31.58 1.02 23.57
C SER D 301 -30.71 1.85 22.64
N ILE D 302 -29.89 1.16 21.88
CA ILE D 302 -28.93 1.82 21.01
C ILE D 302 -28.83 1.00 19.74
N LEU D 303 -28.52 1.69 18.65
CA LEU D 303 -28.49 1.04 17.34
C LEU D 303 -27.46 1.70 16.45
N SER D 304 -26.52 0.91 15.93
N SER D 304 -26.50 0.92 15.95
CA SER D 304 -25.65 1.41 14.87
CA SER D 304 -25.65 1.41 14.87
C SER D 304 -26.47 1.38 13.58
C SER D 304 -26.45 1.39 13.58
N TYR D 305 -26.81 2.56 13.07
CA TYR D 305 -27.71 2.66 11.91
C TYR D 305 -26.96 2.40 10.62
N ASN D 306 -25.81 3.05 10.48
CA ASN D 306 -25.03 2.91 9.25
C ASN D 306 -23.59 3.30 9.52
N SER D 307 -22.68 2.71 8.75
CA SER D 307 -21.24 2.99 8.88
C SER D 307 -20.68 3.83 7.73
N ASP D 308 -21.41 3.89 6.60
CA ASP D 308 -21.07 4.81 5.50
C ASP D 308 -21.37 6.27 5.86
N GLU D 309 -20.98 7.20 5.00
CA GLU D 309 -21.08 8.63 5.31
C GLU D 309 -22.51 9.19 5.20
N PRO D 310 -23.01 9.93 6.20
CA PRO D 310 -22.39 10.09 7.51
C PRO D 310 -22.78 8.95 8.43
N ALA D 311 -21.82 8.47 9.23
CA ALA D 311 -22.08 7.34 10.13
C ALA D 311 -22.96 7.81 11.28
N ARG D 312 -23.95 7.01 11.63
CA ARG D 312 -24.91 7.40 12.66
C ARG D 312 -25.16 6.32 13.68
N THR D 313 -25.25 6.73 14.94
CA THR D 313 -25.66 5.89 16.04
C THR D 313 -26.97 6.47 16.56
N ILE D 314 -27.94 5.61 16.81
CA ILE D 314 -29.24 6.04 17.29
C ILE D 314 -29.38 5.57 18.74
N PHE D 315 -29.91 6.44 19.59
CA PHE D 315 -30.11 6.12 21.01
C PHE D 315 -31.54 6.47 21.38
N MET D 316 -32.14 5.60 22.20
CA MET D 316 -33.49 5.83 22.71
C MET D 316 -33.55 5.53 24.20
N ASN D 317 -34.09 6.48 24.97
CA ASN D 317 -34.34 6.23 26.39
C ASN D 317 -35.35 7.28 26.86
N SER D 318 -35.64 7.29 28.16
CA SER D 318 -36.47 8.38 28.72
C SER D 318 -35.50 9.47 29.16
N ALA D 319 -35.54 10.59 28.46
CA ALA D 319 -34.58 11.67 28.63
C ALA D 319 -34.99 12.54 29.81
N SER D 320 -34.84 11.98 31.00
CA SER D 320 -35.31 12.59 32.25
C SER D 320 -34.56 11.94 33.39
N THR D 321 -34.26 12.72 34.43
CA THR D 321 -33.55 12.18 35.59
C THR D 321 -34.49 11.50 36.57
N ASP D 322 -35.82 11.63 36.39
CA ASP D 322 -36.75 11.05 37.35
C ASP D 322 -38.02 10.35 36.84
N ARG D 323 -38.36 10.45 35.56
CA ARG D 323 -39.53 9.72 35.03
C ARG D 323 -39.25 8.98 33.74
N ARG D 324 -40.10 7.98 33.46
CA ARG D 324 -39.97 7.13 32.29
C ARG D 324 -40.80 7.59 31.09
N THR D 325 -41.53 8.69 31.25
CA THR D 325 -42.47 9.15 30.25
C THR D 325 -41.92 10.30 29.38
N ALA D 326 -40.60 10.39 29.24
CA ALA D 326 -39.98 11.42 28.43
C ALA D 326 -39.18 10.79 27.31
N MET D 327 -39.78 9.84 26.60
CA MET D 327 -39.06 9.06 25.58
C MET D 327 -38.52 9.98 24.49
N ARG D 328 -37.25 9.75 24.12
CA ARG D 328 -36.54 10.61 23.20
C ARG D 328 -35.67 9.71 22.35
N VAL D 329 -35.69 9.93 21.03
CA VAL D 329 -34.77 9.24 20.13
C VAL D 329 -33.78 10.26 19.58
N ARG D 330 -32.51 9.87 19.51
CA ARG D 330 -31.43 10.81 19.18
C ARG D 330 -30.41 10.17 18.23
N ILE D 331 -29.68 11.04 17.53
CA ILE D 331 -28.59 10.65 16.65
C ILE D 331 -27.25 11.21 17.12
N SER D 332 -26.22 10.37 17.04
CA SER D 332 -24.83 10.85 17.15
C SER D 332 -24.14 10.61 15.82
N TYR D 333 -23.39 11.61 15.38
CA TYR D 333 -22.54 11.53 14.19
C TYR D 333 -21.08 11.34 14.56
N ASP D 334 -20.78 11.25 15.85
CA ASP D 334 -19.40 11.10 16.33
C ASP D 334 -18.88 9.68 16.11
N LYS D 335 -17.60 9.58 15.74
CA LYS D 335 -16.94 8.30 15.54
C LYS D 335 -16.95 7.39 16.78
N ASP D 336 -17.00 8.00 17.96
CA ASP D 336 -17.08 7.29 19.23
C ASP D 336 -18.44 7.49 19.92
N ALA D 337 -19.41 8.04 19.21
CA ALA D 337 -20.72 8.38 19.77
C ALA D 337 -20.65 9.21 21.05
N ALA D 338 -19.69 10.13 21.14
CA ALA D 338 -19.49 10.93 22.35
C ALA D 338 -20.69 11.83 22.64
N LYS D 339 -21.25 12.47 21.61
CA LYS D 339 -22.35 13.42 21.80
C LYS D 339 -23.53 13.13 20.89
N PHE D 340 -24.71 13.10 21.47
CA PHE D 340 -25.97 12.95 20.73
C PHE D 340 -26.69 14.28 20.63
N ASN D 341 -27.48 14.44 19.58
CA ASN D 341 -28.30 15.64 19.44
C ASN D 341 -29.53 15.58 20.37
N PHE D 342 -30.32 16.65 20.36
CA PHE D 342 -31.55 16.69 21.13
C PHE D 342 -32.45 15.57 20.65
N GLY D 343 -32.53 15.43 19.32
CA GLY D 343 -33.32 14.40 18.69
C GLY D 343 -34.79 14.79 18.62
N ARG D 344 -35.66 13.82 18.91
CA ARG D 344 -37.08 14.10 18.93
C ARG D 344 -37.80 13.35 20.04
N GLU D 345 -38.76 14.05 20.66
CA GLU D 345 -39.61 13.46 21.69
C GLU D 345 -40.66 12.59 21.02
N LEU D 346 -40.85 11.36 21.49
CA LEU D 346 -41.85 10.46 20.89
C LEU D 346 -43.28 10.98 21.09
N LYS D 347 -43.50 11.81 22.11
CA LYS D 347 -44.81 12.45 22.30
C LYS D 347 -45.20 13.38 21.14
N ASP D 348 -44.27 13.74 20.27
CA ASP D 348 -44.59 14.46 19.05
C ASP D 348 -45.48 13.62 18.13
N ALA D 349 -45.43 12.30 18.26
CA ALA D 349 -46.32 11.39 17.52
C ALA D 349 -47.07 10.53 18.53
N PRO D 350 -47.98 11.13 19.29
CA PRO D 350 -48.60 10.40 20.38
C PRO D 350 -49.61 9.38 19.90
N LEU D 351 -49.83 8.38 20.73
CA LEU D 351 -50.74 7.33 20.38
C LEU D 351 -51.79 7.27 21.46
N GLY D 352 -53.04 7.31 21.05
CA GLY D 352 -54.16 7.18 21.96
C GLY D 352 -54.51 5.72 22.25
N ASN D 353 -55.22 5.53 23.36
CA ASN D 353 -55.80 4.25 23.72
C ASN D 353 -54.76 3.17 24.03
N VAL D 354 -53.57 3.59 24.50
CA VAL D 354 -52.55 2.63 24.94
C VAL D 354 -51.93 2.96 26.31
N GLY D 355 -52.55 3.87 27.09
CA GLY D 355 -51.96 4.27 28.35
C GLY D 355 -50.85 5.31 28.16
N ASN D 356 -50.01 5.45 29.18
CA ASN D 356 -48.96 6.46 29.19
C ASN D 356 -47.67 5.84 28.68
N GLU D 357 -47.24 6.28 27.51
CA GLU D 357 -46.08 5.69 26.87
C GLU D 357 -44.79 6.05 27.60
N GLY D 358 -43.94 5.05 27.73
CA GLY D 358 -42.60 5.25 28.25
C GLY D 358 -42.11 4.10 29.08
N GLY D 359 -40.81 3.81 28.93
CA GLY D 359 -40.18 2.73 29.68
C GLY D 359 -39.10 2.10 28.82
N TYR D 360 -38.98 0.77 28.92
CA TYR D 360 -37.96 0.02 28.17
C TYR D 360 -38.24 0.11 26.68
N SER D 361 -37.19 -0.01 25.87
CA SER D 361 -37.34 0.09 24.44
C SER D 361 -36.35 -0.80 23.73
N SER D 362 -36.60 -1.01 22.45
CA SER D 362 -35.64 -1.75 21.60
C SER D 362 -35.81 -1.26 20.18
N MET D 363 -34.70 -1.16 19.46
CA MET D 363 -34.71 -0.67 18.09
C MET D 363 -34.03 -1.60 17.12
N THR D 364 -34.57 -1.60 15.91
CA THR D 364 -33.92 -2.25 14.76
C THR D 364 -34.02 -1.35 13.51
N LYS D 365 -33.22 -1.65 12.48
CA LYS D 365 -33.36 -1.01 11.20
C LYS D 365 -34.23 -1.94 10.35
N THR D 366 -35.21 -1.42 9.65
CA THR D 366 -36.04 -2.24 8.76
C THR D 366 -35.48 -2.19 7.33
N SER D 367 -35.93 -3.11 6.49
CA SER D 367 -35.43 -3.19 5.11
C SER D 367 -35.73 -1.94 4.29
N ASP D 368 -36.81 -1.24 4.64
CA ASP D 368 -37.20 -0.01 3.96
C ASP D 368 -36.63 1.27 4.61
N TYR D 369 -35.46 1.18 5.23
CA TYR D 369 -34.75 2.36 5.73
C TYR D 369 -35.59 3.15 6.71
N LYS D 370 -36.19 2.43 7.64
CA LYS D 370 -36.84 3.02 8.80
C LYS D 370 -36.18 2.47 10.04
N ILE D 371 -36.35 3.18 11.14
CA ILE D 371 -36.09 2.64 12.46
C ILE D 371 -37.43 2.09 12.97
N GLY D 372 -37.39 0.85 13.44
CA GLY D 372 -38.50 0.20 14.12
C GLY D 372 -38.18 0.14 15.59
N ALA D 373 -39.07 0.64 16.43
CA ALA D 373 -38.85 0.65 17.88
C ALA D 373 -40.05 0.07 18.63
N LEU D 374 -39.79 -0.82 19.58
CA LEU D 374 -40.78 -1.23 20.57
C LEU D 374 -40.60 -0.37 21.78
N VAL D 375 -41.70 0.12 22.34
CA VAL D 375 -41.64 0.99 23.50
C VAL D 375 -42.74 0.56 24.47
N GLU D 376 -42.37 0.41 25.74
CA GLU D 376 -43.36 0.10 26.79
C GLU D 376 -44.33 1.25 27.00
N SER D 377 -45.53 0.86 27.43
CA SER D 377 -46.56 1.81 27.86
C SER D 377 -47.31 1.26 29.06
N ASP D 378 -47.79 2.17 29.91
CA ASP D 378 -48.33 1.82 31.24
C ASP D 378 -49.72 2.47 31.37
N TRP D 379 -50.74 1.65 31.59
CA TRP D 379 -52.11 2.18 31.82
C TRP D 379 -52.23 2.92 33.14
N TYR D 380 -51.37 2.58 34.07
CA TYR D 380 -51.20 3.28 35.36
C TYR D 380 -52.44 3.29 36.25
N GLU D 381 -53.31 2.28 36.12
CA GLU D 381 -54.58 2.29 36.85
C GLU D 381 -54.45 2.16 38.38
N ASP D 382 -53.45 1.40 38.79
CA ASP D 382 -53.15 1.07 40.18
C ASP D 382 -51.89 1.87 40.54
N LYS D 383 -51.64 2.95 39.78
CA LYS D 383 -50.42 3.74 39.87
C LYS D 383 -49.21 2.81 39.69
N GLY D 384 -48.24 2.86 40.60
CA GLY D 384 -47.08 1.98 40.57
C GLY D 384 -47.33 0.57 41.10
N GLY D 385 -48.57 0.31 41.52
CA GLY D 385 -48.92 -0.99 42.06
C GLY D 385 -48.92 -2.09 41.00
N GLU D 386 -49.02 -3.32 41.47
CA GLU D 386 -48.84 -4.48 40.61
C GLU D 386 -49.99 -4.72 39.63
N LYS D 387 -51.13 -4.10 39.89
CA LYS D 387 -52.28 -4.33 39.03
C LYS D 387 -52.31 -3.48 37.77
N SER D 388 -51.46 -2.47 37.64
CA SER D 388 -51.46 -1.60 36.45
C SER D 388 -51.05 -2.40 35.21
N HIS D 389 -51.91 -2.40 34.19
CA HIS D 389 -51.62 -3.16 32.98
C HIS D 389 -50.60 -2.47 32.11
N ARG D 390 -49.70 -3.28 31.52
CA ARG D 390 -48.65 -2.76 30.68
C ARG D 390 -48.74 -3.35 29.26
N CYS D 391 -48.57 -2.51 28.25
CA CYS D 391 -48.59 -2.93 26.85
C CYS D 391 -47.34 -2.43 26.14
N ILE D 392 -47.13 -2.88 24.90
CA ILE D 392 -45.96 -2.48 24.12
C ILE D 392 -46.36 -1.98 22.74
N ILE D 393 -45.83 -0.79 22.42
CA ILE D 393 -46.11 -0.07 21.18
CA ILE D 393 -46.12 -0.06 21.18
C ILE D 393 -45.00 -0.34 20.15
N TRP D 394 -45.40 -0.44 18.90
CA TRP D 394 -44.47 -0.56 17.76
C TRP D 394 -44.53 0.74 16.97
N ARG D 395 -43.39 1.41 16.89
CA ARG D 395 -43.20 2.62 16.14
C ARG D 395 -42.27 2.40 14.98
N ARG D 396 -42.56 3.04 13.85
CA ARG D 396 -41.60 3.17 12.78
C ARG D 396 -41.45 4.62 12.41
N PHE D 397 -40.23 5.02 12.10
CA PHE D 397 -39.97 6.37 11.67
C PHE D 397 -38.68 6.40 10.87
N ASN D 398 -38.54 7.42 10.01
CA ASN D 398 -37.31 7.58 9.24
C ASN D 398 -36.38 8.59 9.91
N LEU D 399 -35.15 8.68 9.39
CA LEU D 399 -34.19 9.63 9.95
C LEU D 399 -34.71 11.07 9.88
N SER D 400 -35.39 11.40 8.80
CA SER D 400 -35.93 12.75 8.61
C SER D 400 -36.84 13.15 9.77
N TRP D 401 -37.64 12.20 10.23
CA TRP D 401 -38.54 12.46 11.36
C TRP D 401 -37.76 12.89 12.60
N ILE D 402 -36.62 12.25 12.84
CA ILE D 402 -35.76 12.62 13.96
C ILE D 402 -35.06 13.95 13.71
N ILE D 403 -34.44 14.08 12.53
CA ILE D 403 -33.62 15.24 12.19
C ILE D 403 -34.42 16.54 12.21
N ASN D 404 -35.66 16.47 11.73
CA ASN D 404 -36.50 17.66 11.57
C ASN D 404 -37.44 17.87 12.76
N GLY D 405 -37.10 17.29 13.90
CA GLY D 405 -37.84 17.53 15.13
C GLY D 405 -37.71 18.98 15.51
N PRO D 406 -38.76 19.56 16.13
CA PRO D 406 -38.82 21.00 16.37
C PRO D 406 -37.67 21.55 17.22
N ASN D 407 -37.17 20.77 18.19
CA ASN D 407 -36.09 21.25 19.06
C ASN D 407 -34.72 20.77 18.63
N ASN D 408 -34.67 20.19 17.45
CA ASN D 408 -33.44 19.64 16.91
C ASN D 408 -32.83 20.58 15.90
C1 GOL E . 38.60 4.05 -39.16
O1 GOL E . 37.41 4.48 -38.51
C2 GOL E . 39.77 5.00 -38.95
O2 GOL E . 40.14 5.07 -37.57
C3 GOL E . 40.94 4.45 -39.73
O3 GOL E . 41.99 5.43 -39.80
CA CA F . 31.23 19.13 -37.64
C1 GOL G . -3.76 21.14 -26.96
O1 GOL G . -5.01 21.62 -26.39
C2 GOL G . -2.58 22.08 -26.78
O2 GOL G . -2.25 22.21 -25.38
C3 GOL G . -1.36 21.51 -27.50
O3 GOL G . -0.34 22.53 -27.58
CA CA H . -10.99 36.25 -25.60
C1 GOL I . -1.55 -23.20 23.15
O1 GOL I . -1.59 -24.02 21.96
C2 GOL I . -0.63 -23.81 24.18
O2 GOL I . 0.74 -23.79 23.74
C3 GOL I . -0.79 -23.05 25.51
O3 GOL I . -0.23 -23.96 26.44
C1 GOL J . 0.87 -24.16 -13.02
O1 GOL J . 0.73 -22.82 -12.48
C2 GOL J . -0.19 -25.08 -12.42
O2 GOL J . -1.50 -24.58 -12.67
C3 GOL J . -0.13 -26.51 -12.92
O3 GOL J . 0.05 -27.43 -11.86
CA CA K . 0.14 -39.49 18.27
C1 GOL L . -43.00 -2.98 37.43
O1 GOL L . -43.32 -3.79 36.30
C2 GOL L . -42.07 -3.72 38.37
O2 GOL L . -40.79 -3.84 37.73
C3 GOL L . -41.90 -2.90 39.63
O3 GOL L . -41.08 -3.66 40.55
CA CA M . -43.86 -19.49 33.36
#